data_5IEJ
#
_entry.id   5IEJ
#
_cell.length_a   1.000
_cell.length_b   1.000
_cell.length_c   1.000
_cell.angle_alpha   90.00
_cell.angle_beta   90.00
_cell.angle_gamma   90.00
#
_symmetry.space_group_name_H-M   'P 1'
#
_entity_poly.entity_id   1
_entity_poly.type   'polypeptide(L)'
_entity_poly.pdbx_seq_one_letter_code
;MSALTQILIVEDEPLIAMMLEDFLEVLDKTPVGTVDTVAGALARVEDGGIDAAILDVNLRGGEKSTPVAEALAARDIPFV
FATGGSDDSVDSRFRDRPVLQKPFTMDGVAKALAALLVPRGSVEHHHHHH
;
_entity_poly.pdbx_strand_id   A
#
# COMPACT_ATOMS: atom_id res chain seq x y z
N MET A 1 -9.74 -10.93 4.70
CA MET A 1 -9.59 -10.96 3.24
C MET A 1 -10.50 -12.02 2.62
N SER A 2 -11.34 -11.63 1.68
CA SER A 2 -12.24 -12.54 0.96
C SER A 2 -12.18 -12.27 -0.54
N ALA A 3 -11.53 -11.17 -0.93
CA ALA A 3 -11.29 -10.77 -2.30
C ALA A 3 -10.02 -9.91 -2.32
N LEU A 4 -9.71 -9.26 -3.44
CA LEU A 4 -8.63 -8.31 -3.54
C LEU A 4 -9.03 -7.15 -4.45
N THR A 5 -10.33 -6.84 -4.47
CA THR A 5 -10.87 -5.73 -5.24
C THR A 5 -10.82 -4.43 -4.45
N GLN A 6 -10.54 -4.49 -3.15
CA GLN A 6 -10.60 -3.32 -2.30
C GLN A 6 -9.27 -3.06 -1.60
N ILE A 7 -8.64 -1.94 -1.97
CA ILE A 7 -7.29 -1.61 -1.54
C ILE A 7 -7.28 -0.25 -0.83
N LEU A 8 -6.64 -0.20 0.34
CA LEU A 8 -6.46 1.04 1.10
C LEU A 8 -5.16 1.70 0.65
N ILE A 9 -5.08 3.03 0.71
CA ILE A 9 -3.89 3.76 0.30
C ILE A 9 -3.28 4.47 1.51
N VAL A 10 -1.94 4.39 1.63
CA VAL A 10 -1.21 5.12 2.66
C VAL A 10 -0.03 5.81 1.99
N GLU A 11 0.04 7.14 2.11
CA GLU A 11 1.02 7.93 1.41
C GLU A 11 1.38 9.19 2.21
N ASP A 12 2.57 9.76 1.93
CA ASP A 12 3.07 10.92 2.67
C ASP A 12 2.92 12.23 1.88
N GLU A 13 2.57 12.15 0.60
CA GLU A 13 2.38 13.34 -0.23
C GLU A 13 1.07 13.24 -1.02
N PRO A 14 0.26 14.30 -1.04
CA PRO A 14 -1.02 14.32 -1.76
C PRO A 14 -0.86 14.08 -3.26
N LEU A 15 0.33 14.31 -3.81
CA LEU A 15 0.55 14.16 -5.24
C LEU A 15 0.49 12.69 -5.64
N ILE A 16 1.12 11.81 -4.86
CA ILE A 16 1.14 10.39 -5.16
C ILE A 16 -0.17 9.76 -4.69
N ALA A 17 -0.81 10.36 -3.68
CA ALA A 17 -2.09 9.85 -3.20
C ALA A 17 -3.17 10.03 -4.25
N MET A 18 -3.06 11.08 -5.09
CA MET A 18 -4.01 11.32 -6.15
C MET A 18 -3.68 10.47 -7.38
N MET A 19 -2.42 10.04 -7.52
CA MET A 19 -2.06 9.12 -8.59
C MET A 19 -2.58 7.72 -8.29
N LEU A 20 -2.59 7.32 -7.01
CA LEU A 20 -3.12 6.01 -6.63
C LEU A 20 -4.64 5.99 -6.83
N GLU A 21 -5.31 7.12 -6.61
CA GLU A 21 -6.74 7.20 -6.85
C GLU A 21 -7.04 7.22 -8.35
N ASP A 22 -6.08 7.68 -9.16
CA ASP A 22 -6.29 7.77 -10.60
C ASP A 22 -6.10 6.41 -11.27
N PHE A 23 -5.07 5.65 -10.87
CA PHE A 23 -4.81 4.36 -11.49
C PHE A 23 -5.83 3.30 -11.05
N LEU A 24 -6.44 3.46 -9.88
CA LEU A 24 -7.44 2.49 -9.44
C LEU A 24 -8.78 2.74 -10.13
N GLU A 25 -9.04 3.97 -10.61
CA GLU A 25 -10.27 4.24 -11.33
C GLU A 25 -10.14 3.91 -12.83
N VAL A 26 -8.92 3.84 -13.36
CA VAL A 26 -8.71 3.51 -14.77
C VAL A 26 -8.69 2.00 -14.98
N LEU A 27 -8.31 1.23 -13.95
CA LEU A 27 -8.26 -0.23 -14.03
C LEU A 27 -9.55 -0.86 -13.48
N ASP A 28 -10.63 -0.07 -13.37
CA ASP A 28 -11.92 -0.54 -12.89
C ASP A 28 -11.81 -1.22 -11.51
N LYS A 29 -10.89 -0.74 -10.67
CA LYS A 29 -10.67 -1.25 -9.34
C LYS A 29 -11.64 -0.58 -8.37
N THR A 30 -11.84 -1.16 -7.17
CA THR A 30 -12.73 -0.58 -6.18
C THR A 30 -11.94 -0.07 -4.98
N PRO A 31 -11.42 1.17 -5.02
CA PRO A 31 -10.69 1.76 -3.91
C PRO A 31 -11.64 1.99 -2.73
N VAL A 32 -11.09 2.07 -1.51
CA VAL A 32 -11.91 2.16 -0.31
C VAL A 32 -11.49 3.28 0.64
N GLY A 33 -10.35 3.94 0.41
CA GLY A 33 -9.94 5.05 1.25
C GLY A 33 -8.47 5.41 1.09
N THR A 34 -8.07 6.51 1.75
CA THR A 34 -6.69 6.98 1.78
C THR A 34 -6.41 7.58 3.16
N VAL A 35 -5.21 7.34 3.70
CA VAL A 35 -4.81 7.86 5.00
C VAL A 35 -3.35 8.32 4.99
N ASP A 36 -2.98 9.13 5.98
CA ASP A 36 -1.65 9.72 6.08
C ASP A 36 -0.73 8.89 6.97
N THR A 37 -1.28 7.92 7.70
CA THR A 37 -0.49 7.09 8.61
C THR A 37 -1.10 5.69 8.72
N VAL A 38 -0.29 4.72 9.12
CA VAL A 38 -0.72 3.32 9.21
C VAL A 38 -1.68 3.15 10.39
N ALA A 39 -1.63 4.05 11.37
CA ALA A 39 -2.56 4.01 12.49
C ALA A 39 -3.97 4.34 12.00
N GLY A 40 -4.07 5.10 10.91
CA GLY A 40 -5.35 5.42 10.30
C GLY A 40 -5.83 4.27 9.43
N ALA A 41 -4.90 3.45 8.93
CA ALA A 41 -5.25 2.27 8.15
C ALA A 41 -5.81 1.19 9.06
N LEU A 42 -5.34 1.15 10.32
CA LEU A 42 -5.84 0.20 11.30
C LEU A 42 -7.24 0.61 11.72
N ALA A 43 -7.49 1.92 11.85
CA ALA A 43 -8.80 2.43 12.23
C ALA A 43 -9.83 2.18 11.11
N ARG A 44 -9.38 2.05 9.87
CA ARG A 44 -10.26 1.74 8.74
C ARG A 44 -10.49 0.23 8.63
N VAL A 45 -9.58 -0.58 9.17
CA VAL A 45 -9.74 -2.04 9.19
C VAL A 45 -10.66 -2.43 10.35
N GLU A 46 -10.78 -1.56 11.36
CA GLU A 46 -11.69 -1.79 12.48
C GLU A 46 -13.15 -1.62 12.03
N ASP A 47 -13.34 -1.02 10.86
CA ASP A 47 -14.64 -0.81 10.25
C ASP A 47 -14.92 -1.86 9.17
N GLY A 48 -13.89 -2.61 8.77
CA GLY A 48 -14.00 -3.63 7.73
C GLY A 48 -14.17 -3.01 6.35
N GLY A 49 -14.52 -3.84 5.36
CA GLY A 49 -14.72 -3.38 4.00
C GLY A 49 -13.41 -3.19 3.24
N ILE A 50 -12.34 -3.87 3.68
CA ILE A 50 -11.03 -3.78 3.05
C ILE A 50 -10.43 -5.18 2.90
N ASP A 51 -9.64 -5.39 1.85
CA ASP A 51 -9.03 -6.69 1.57
C ASP A 51 -7.51 -6.61 1.56
N ALA A 52 -6.94 -5.46 1.17
CA ALA A 52 -5.50 -5.25 1.18
C ALA A 52 -5.20 -3.75 1.20
N ALA A 53 -3.91 -3.39 1.23
CA ALA A 53 -3.52 -1.98 1.25
C ALA A 53 -2.15 -1.76 0.60
N ILE A 54 -1.87 -0.50 0.25
CA ILE A 54 -0.58 -0.07 -0.25
C ILE A 54 0.02 0.87 0.80
N LEU A 55 1.34 0.76 1.03
CA LEU A 55 1.99 1.52 2.08
C LEU A 55 3.36 2.00 1.62
N ASP A 56 3.62 3.30 1.80
CA ASP A 56 4.92 3.87 1.49
C ASP A 56 5.90 3.61 2.64
N VAL A 57 7.19 3.58 2.34
CA VAL A 57 8.24 3.39 3.35
C VAL A 57 8.78 4.75 3.79
N ASN A 58 8.43 5.81 3.06
CA ASN A 58 8.90 7.16 3.31
C ASN A 58 8.12 7.84 4.44
N LEU A 59 7.61 7.05 5.39
CA LEU A 59 6.84 7.55 6.53
C LEU A 59 7.68 8.53 7.35
N ARG A 60 7.01 9.42 8.07
CA ARG A 60 7.68 10.42 8.90
C ARG A 60 8.09 9.79 10.23
N GLY A 61 9.24 10.21 10.76
CA GLY A 61 9.78 9.65 12.00
C GLY A 61 10.20 8.20 11.81
N GLY A 62 10.61 7.55 12.91
CA GLY A 62 11.02 6.14 12.88
C GLY A 62 12.30 5.95 12.07
N GLU A 63 12.58 4.70 11.70
CA GLU A 63 13.77 4.34 10.94
C GLU A 63 13.38 3.56 9.68
N LYS A 64 12.74 4.26 8.73
CA LYS A 64 12.30 3.68 7.46
C LYS A 64 11.54 2.37 7.63
N SER A 65 10.85 2.20 8.77
CA SER A 65 10.09 1.00 9.06
C SER A 65 8.92 1.32 9.99
N THR A 66 7.94 0.44 10.06
CA THR A 66 6.78 0.61 10.93
C THR A 66 6.28 -0.76 11.43
N PRO A 67 6.00 -0.87 12.74
CA PRO A 67 5.49 -2.09 13.34
C PRO A 67 3.99 -2.23 13.14
N VAL A 68 3.31 -1.17 12.70
CA VAL A 68 1.85 -1.19 12.57
C VAL A 68 1.43 -1.93 11.31
N ALA A 69 2.31 -2.05 10.32
CA ALA A 69 2.00 -2.80 9.12
C ALA A 69 1.76 -4.27 9.47
N GLU A 70 2.48 -4.77 10.48
CA GLU A 70 2.36 -6.16 10.89
C GLU A 70 1.06 -6.40 11.64
N ALA A 71 0.41 -5.34 12.14
CA ALA A 71 -0.89 -5.46 12.77
C ALA A 71 -1.95 -5.64 11.68
N LEU A 72 -1.71 -5.07 10.49
CA LEU A 72 -2.61 -5.27 9.36
C LEU A 72 -2.48 -6.71 8.87
N ALA A 73 -1.27 -7.28 8.95
CA ALA A 73 -1.04 -8.66 8.55
C ALA A 73 -1.63 -9.63 9.60
N ALA A 74 -1.83 -9.14 10.83
CA ALA A 74 -2.42 -9.94 11.89
C ALA A 74 -3.94 -9.91 11.83
N ARG A 75 -4.51 -8.95 11.09
CA ARG A 75 -5.95 -8.84 10.89
C ARG A 75 -6.37 -9.32 9.51
N ASP A 76 -5.56 -10.18 8.90
CA ASP A 76 -5.85 -10.79 7.59
C ASP A 76 -6.15 -9.75 6.52
N ILE A 77 -5.38 -8.66 6.50
CA ILE A 77 -5.48 -7.62 5.48
C ILE A 77 -4.05 -7.25 5.07
N PRO A 78 -3.50 -7.96 4.08
CA PRO A 78 -2.12 -7.81 3.60
C PRO A 78 -1.79 -6.41 3.10
N PHE A 79 -0.49 -6.13 2.96
CA PHE A 79 0.01 -4.83 2.52
C PHE A 79 1.20 -5.00 1.57
N VAL A 80 1.60 -3.89 0.93
CA VAL A 80 2.72 -3.84 0.01
C VAL A 80 3.55 -2.59 0.30
N PHE A 81 4.88 -2.70 0.21
CA PHE A 81 5.76 -1.56 0.45
C PHE A 81 6.00 -0.80 -0.86
N ALA A 82 6.24 0.51 -0.76
CA ALA A 82 6.57 1.35 -1.90
C ALA A 82 7.55 2.44 -1.50
N THR A 83 8.54 2.73 -2.34
CA THR A 83 9.53 3.76 -2.04
C THR A 83 10.24 4.22 -3.31
N GLY A 84 10.82 5.42 -3.27
CA GLY A 84 11.65 5.94 -4.34
C GLY A 84 13.11 5.89 -3.93
N GLY A 85 13.90 5.05 -4.59
CA GLY A 85 15.31 4.87 -4.28
C GLY A 85 15.79 3.46 -4.62
N SER A 86 16.94 3.08 -4.08
CA SER A 86 17.50 1.75 -4.29
C SER A 86 16.77 0.71 -3.44
N ASP A 87 16.90 -0.57 -3.82
CA ASP A 87 16.25 -1.66 -3.12
C ASP A 87 17.04 -2.12 -1.90
N ASP A 88 18.22 -1.53 -1.67
CA ASP A 88 19.07 -1.87 -0.54
C ASP A 88 18.79 -0.97 0.67
N SER A 89 17.86 -0.04 0.53
CA SER A 89 17.51 0.93 1.58
C SER A 89 16.49 0.34 2.56
N VAL A 90 16.19 -0.95 2.45
CA VAL A 90 15.22 -1.63 3.30
C VAL A 90 15.76 -2.99 3.75
N ASP A 91 15.27 -3.48 4.89
CA ASP A 91 15.66 -4.77 5.45
C ASP A 91 15.08 -5.94 4.64
N SER A 92 15.55 -7.15 4.92
CA SER A 92 15.16 -8.34 4.19
C SER A 92 13.66 -8.63 4.30
N ARG A 93 12.97 -8.02 5.26
CA ARG A 93 11.53 -8.22 5.42
C ARG A 93 10.77 -7.47 4.34
N PHE A 94 11.39 -6.42 3.78
CA PHE A 94 10.81 -5.67 2.68
C PHE A 94 11.17 -6.34 1.37
N ARG A 95 12.25 -7.13 1.37
CA ARG A 95 12.70 -7.85 0.18
C ARG A 95 11.95 -9.18 0.03
N ASP A 96 11.26 -9.61 1.09
CA ASP A 96 10.46 -10.83 1.07
C ASP A 96 9.00 -10.48 0.70
N ARG A 97 8.53 -9.31 1.13
CA ARG A 97 7.21 -8.81 0.73
C ARG A 97 7.33 -8.13 -0.63
N PRO A 98 6.21 -7.95 -1.35
CA PRO A 98 6.19 -7.24 -2.61
C PRO A 98 6.65 -5.80 -2.45
N VAL A 99 7.21 -5.21 -3.52
CA VAL A 99 7.71 -3.84 -3.49
C VAL A 99 7.31 -3.08 -4.75
N LEU A 100 7.24 -1.76 -4.65
CA LEU A 100 6.86 -0.87 -5.73
C LEU A 100 7.74 0.37 -5.74
N GLN A 101 7.89 1.00 -6.90
CA GLN A 101 8.60 2.25 -7.04
C GLN A 101 7.63 3.42 -6.81
N LYS A 102 8.15 4.64 -6.60
CA LYS A 102 7.31 5.78 -6.29
C LYS A 102 6.47 6.26 -7.48
N PRO A 103 7.03 6.47 -8.67
CA PRO A 103 6.27 6.89 -9.84
C PRO A 103 5.48 5.72 -10.42
N PHE A 104 4.24 5.97 -10.86
CA PHE A 104 3.39 4.94 -11.43
C PHE A 104 3.19 5.19 -12.93
N THR A 105 2.94 4.11 -13.67
CA THR A 105 2.67 4.15 -15.10
C THR A 105 1.85 2.92 -15.48
N MET A 106 1.23 2.93 -16.67
CA MET A 106 0.31 1.87 -17.07
C MET A 106 0.97 0.49 -17.06
N ASP A 107 2.29 0.42 -17.26
CA ASP A 107 3.01 -0.85 -17.26
C ASP A 107 3.38 -1.27 -15.84
N GLY A 108 3.71 -0.31 -14.97
CA GLY A 108 4.14 -0.60 -13.62
C GLY A 108 2.95 -0.90 -12.70
N VAL A 109 1.78 -0.38 -13.04
CA VAL A 109 0.57 -0.60 -12.26
C VAL A 109 -0.05 -1.95 -12.60
N ALA A 110 0.13 -2.42 -13.84
CA ALA A 110 -0.37 -3.73 -14.23
C ALA A 110 0.42 -4.82 -13.52
N LYS A 111 1.71 -4.56 -13.24
CA LYS A 111 2.56 -5.49 -12.53
C LYS A 111 2.40 -5.34 -11.02
N ALA A 112 1.90 -4.19 -10.56
CA ALA A 112 1.69 -3.95 -9.13
C ALA A 112 0.48 -4.74 -8.64
N LEU A 113 -0.59 -4.76 -9.44
CA LEU A 113 -1.79 -5.49 -9.06
C LEU A 113 -1.58 -6.98 -9.30
N ALA A 114 -0.73 -7.34 -10.27
CA ALA A 114 -0.42 -8.74 -10.52
C ALA A 114 0.49 -9.30 -9.42
N ALA A 115 1.18 -8.43 -8.68
CA ALA A 115 2.01 -8.84 -7.56
C ALA A 115 1.21 -8.92 -6.27
N LEU A 116 0.06 -8.24 -6.21
CA LEU A 116 -0.79 -8.24 -5.02
C LEU A 116 -1.82 -9.37 -5.11
N LEU A 117 -2.54 -9.44 -6.23
CA LEU A 117 -3.58 -10.43 -6.48
C LEU A 117 -3.03 -11.84 -6.69
N VAL A 118 -1.71 -12.03 -6.57
CA VAL A 118 -1.08 -13.34 -6.73
C VAL A 118 -0.07 -13.57 -5.60
N MET A 1 -12.78 -10.77 3.43
CA MET A 1 -13.69 -11.01 2.29
C MET A 1 -13.12 -12.07 1.37
N SER A 2 -13.95 -12.58 0.45
CA SER A 2 -13.54 -13.61 -0.51
C SER A 2 -12.77 -13.01 -1.68
N ALA A 3 -12.70 -11.69 -1.75
CA ALA A 3 -11.97 -10.97 -2.79
C ALA A 3 -11.50 -9.62 -2.26
N LEU A 4 -10.49 -9.05 -2.92
CA LEU A 4 -9.90 -7.77 -2.54
C LEU A 4 -10.23 -6.71 -3.58
N THR A 5 -11.50 -6.33 -3.67
CA THR A 5 -11.93 -5.25 -4.54
C THR A 5 -11.75 -3.91 -3.85
N GLN A 6 -11.33 -3.93 -2.58
CA GLN A 6 -11.12 -2.74 -1.78
C GLN A 6 -9.68 -2.64 -1.30
N ILE A 7 -8.94 -1.67 -1.85
CA ILE A 7 -7.54 -1.46 -1.50
C ILE A 7 -7.35 -0.09 -0.86
N LEU A 8 -6.68 -0.04 0.29
CA LEU A 8 -6.38 1.21 0.98
C LEU A 8 -5.03 1.74 0.49
N ILE A 9 -4.90 3.06 0.40
CA ILE A 9 -3.69 3.72 -0.08
C ILE A 9 -3.05 4.49 1.07
N VAL A 10 -1.75 4.31 1.27
CA VAL A 10 -1.01 4.99 2.32
C VAL A 10 0.28 5.57 1.75
N GLU A 11 0.40 6.91 1.80
CA GLU A 11 1.53 7.63 1.25
C GLU A 11 1.93 8.79 2.16
N ASP A 12 3.14 9.32 1.98
CA ASP A 12 3.63 10.45 2.76
C ASP A 12 3.15 11.78 2.18
N GLU A 13 2.56 11.75 0.98
CA GLU A 13 2.05 12.96 0.32
C GLU A 13 0.74 12.65 -0.37
N PRO A 14 -0.19 13.62 -0.40
CA PRO A 14 -1.50 13.45 -1.02
C PRO A 14 -1.40 13.43 -2.54
N LEU A 15 -0.26 13.86 -3.09
CA LEU A 15 -0.08 13.89 -4.54
C LEU A 15 0.14 12.48 -5.08
N ILE A 16 0.74 11.61 -4.28
CA ILE A 16 0.96 10.22 -4.69
C ILE A 16 -0.29 9.41 -4.39
N ALA A 17 -1.04 9.80 -3.35
CA ALA A 17 -2.29 9.13 -3.02
C ALA A 17 -3.34 9.42 -4.08
N MET A 18 -3.27 10.60 -4.72
CA MET A 18 -4.19 10.96 -5.79
C MET A 18 -3.76 10.29 -7.09
N MET A 19 -2.45 10.02 -7.25
CA MET A 19 -1.95 9.32 -8.42
C MET A 19 -2.39 7.85 -8.36
N LEU A 20 -2.55 7.31 -7.15
CA LEU A 20 -3.03 5.94 -6.96
C LEU A 20 -4.53 5.87 -7.22
N GLU A 21 -5.27 6.96 -6.97
CA GLU A 21 -6.70 7.00 -7.27
C GLU A 21 -6.92 7.07 -8.78
N ASP A 22 -5.93 7.55 -9.53
CA ASP A 22 -6.06 7.65 -10.98
C ASP A 22 -5.86 6.29 -11.65
N PHE A 23 -4.90 5.48 -11.18
CA PHE A 23 -4.66 4.18 -11.79
C PHE A 23 -5.71 3.15 -11.37
N LEU A 24 -6.35 3.33 -10.22
CA LEU A 24 -7.42 2.42 -9.82
C LEU A 24 -8.69 2.72 -10.60
N GLU A 25 -8.82 3.93 -11.16
CA GLU A 25 -9.97 4.27 -11.99
C GLU A 25 -9.78 3.74 -13.41
N VAL A 26 -8.53 3.59 -13.85
CA VAL A 26 -8.21 3.04 -15.17
C VAL A 26 -8.31 1.52 -15.17
N LEU A 27 -8.18 0.90 -13.98
CA LEU A 27 -8.26 -0.55 -13.85
C LEU A 27 -9.63 -0.99 -13.33
N ASP A 28 -10.62 -0.10 -13.35
CA ASP A 28 -11.98 -0.38 -12.91
C ASP A 28 -12.03 -0.96 -11.49
N LYS A 29 -11.06 -0.60 -10.66
CA LYS A 29 -10.96 -1.05 -9.27
C LYS A 29 -11.81 -0.14 -8.39
N THR A 30 -12.17 -0.60 -7.19
CA THR A 30 -12.98 0.19 -6.27
C THR A 30 -12.10 0.73 -5.13
N PRO A 31 -11.96 2.06 -5.00
CA PRO A 31 -11.22 2.67 -3.92
C PRO A 31 -12.05 2.68 -2.63
N VAL A 32 -11.40 2.89 -1.49
CA VAL A 32 -12.10 2.95 -0.21
C VAL A 32 -11.62 4.12 0.65
N GLY A 33 -10.44 4.68 0.36
CA GLY A 33 -9.94 5.82 1.10
C GLY A 33 -8.46 6.06 0.86
N THR A 34 -7.96 7.18 1.39
CA THR A 34 -6.55 7.55 1.34
C THR A 34 -6.17 8.14 2.68
N VAL A 35 -4.95 7.85 3.15
CA VAL A 35 -4.45 8.36 4.42
C VAL A 35 -2.99 8.76 4.30
N ASP A 36 -2.57 9.72 5.14
CA ASP A 36 -1.21 10.26 5.11
C ASP A 36 -0.33 9.67 6.21
N THR A 37 -0.88 8.74 7.00
CA THR A 37 -0.15 8.07 8.06
C THR A 37 -0.56 6.59 8.12
N VAL A 38 0.30 5.74 8.69
CA VAL A 38 0.02 4.32 8.83
C VAL A 38 -0.97 4.09 9.96
N ALA A 39 -1.07 5.02 10.91
CA ALA A 39 -1.99 4.90 12.03
C ALA A 39 -3.42 5.14 11.56
N GLY A 40 -3.59 5.90 10.47
CA GLY A 40 -4.91 6.14 9.89
C GLY A 40 -5.38 4.93 9.10
N ALA A 41 -4.44 4.14 8.57
CA ALA A 41 -4.78 2.94 7.83
C ALA A 41 -5.29 1.86 8.77
N LEU A 42 -4.75 1.80 9.99
CA LEU A 42 -5.18 0.85 10.99
C LEU A 42 -6.59 1.23 11.46
N ALA A 43 -6.86 2.54 11.57
CA ALA A 43 -8.15 3.02 12.01
C ALA A 43 -9.25 2.70 11.00
N ARG A 44 -8.90 2.52 9.72
CA ARG A 44 -9.85 2.12 8.69
C ARG A 44 -10.04 0.61 8.66
N VAL A 45 -9.09 -0.16 9.19
CA VAL A 45 -9.20 -1.61 9.23
C VAL A 45 -10.07 -2.05 10.40
N GLU A 46 -10.20 -1.21 11.44
CA GLU A 46 -11.08 -1.49 12.57
C GLU A 46 -12.54 -1.24 12.18
N ASP A 47 -12.77 -0.55 11.07
CA ASP A 47 -14.11 -0.24 10.58
C ASP A 47 -14.54 -1.24 9.49
N GLY A 48 -13.60 -2.05 8.99
CA GLY A 48 -13.88 -3.03 7.96
C GLY A 48 -14.13 -2.39 6.60
N GLY A 49 -14.63 -3.19 5.65
CA GLY A 49 -14.90 -2.73 4.30
C GLY A 49 -13.64 -2.69 3.43
N ILE A 50 -12.55 -3.29 3.91
CA ILE A 50 -11.27 -3.33 3.22
C ILE A 50 -10.72 -4.74 3.28
N ASP A 51 -9.98 -5.18 2.25
CA ASP A 51 -9.42 -6.53 2.23
C ASP A 51 -7.90 -6.52 2.10
N ALA A 52 -7.32 -5.41 1.61
CA ALA A 52 -5.89 -5.27 1.45
C ALA A 52 -5.50 -3.80 1.40
N ALA A 53 -4.20 -3.50 1.49
CA ALA A 53 -3.72 -2.14 1.46
C ALA A 53 -2.30 -2.05 0.89
N ILE A 54 -1.87 -0.83 0.53
CA ILE A 54 -0.51 -0.58 0.08
C ILE A 54 0.12 0.42 1.04
N LEU A 55 1.31 0.10 1.54
CA LEU A 55 1.97 0.87 2.60
C LEU A 55 3.24 1.53 2.09
N ASP A 56 3.39 2.83 2.34
CA ASP A 56 4.62 3.55 2.08
C ASP A 56 5.55 3.44 3.29
N VAL A 57 6.82 3.11 3.05
CA VAL A 57 7.82 3.00 4.12
C VAL A 57 8.66 4.28 4.20
N ASN A 58 8.54 5.15 3.19
CA ASN A 58 9.28 6.41 3.11
C ASN A 58 8.55 7.52 3.89
N LEU A 59 7.77 7.14 4.90
CA LEU A 59 6.98 8.06 5.71
C LEU A 59 7.89 9.08 6.40
N ARG A 60 7.35 10.30 6.60
CA ARG A 60 8.07 11.39 7.25
C ARG A 60 8.46 11.07 8.69
N GLY A 61 9.53 11.70 9.15
CA GLY A 61 10.04 11.50 10.50
C GLY A 61 11.25 10.57 10.52
N GLY A 62 11.68 10.17 11.73
CA GLY A 62 12.83 9.29 11.91
C GLY A 62 12.50 7.84 11.61
N GLU A 63 11.26 7.53 11.20
CA GLU A 63 10.85 6.17 10.90
C GLU A 63 11.42 5.70 9.57
N LYS A 64 11.77 4.42 9.49
CA LYS A 64 12.33 3.80 8.29
C LYS A 64 11.76 2.39 8.08
N SER A 65 10.66 2.08 8.79
CA SER A 65 10.03 0.77 8.74
C SER A 65 8.52 0.91 8.94
N THR A 66 7.77 -0.15 8.66
CA THR A 66 6.33 -0.19 8.77
C THR A 66 5.90 -1.45 9.53
N PRO A 67 6.17 -1.52 10.84
CA PRO A 67 5.87 -2.68 11.66
C PRO A 67 4.37 -2.88 11.86
N VAL A 68 3.55 -1.88 11.49
CA VAL A 68 2.10 -1.98 11.60
C VAL A 68 1.55 -2.90 10.52
N ALA A 69 2.32 -3.13 9.45
CA ALA A 69 1.90 -4.03 8.38
C ALA A 69 1.81 -5.46 8.92
N GLU A 70 2.58 -5.77 9.97
CA GLU A 70 2.57 -7.09 10.56
C GLU A 70 1.31 -7.30 11.41
N ALA A 71 0.64 -6.22 11.79
CA ALA A 71 -0.64 -6.33 12.47
C ALA A 71 -1.73 -6.64 11.44
N LEU A 72 -1.55 -6.13 10.21
CA LEU A 72 -2.47 -6.47 9.13
C LEU A 72 -2.30 -7.94 8.77
N ALA A 73 -1.07 -8.47 8.88
CA ALA A 73 -0.81 -9.88 8.64
C ALA A 73 -1.37 -10.73 9.77
N ALA A 74 -1.56 -10.13 10.95
CA ALA A 74 -2.19 -10.80 12.09
C ALA A 74 -3.71 -10.74 11.98
N ARG A 75 -4.23 -9.99 11.00
CA ARG A 75 -5.65 -9.92 10.70
C ARG A 75 -5.95 -10.52 9.32
N ASP A 76 -5.00 -11.25 8.75
CA ASP A 76 -5.10 -11.88 7.44
C ASP A 76 -5.43 -10.88 6.32
N ILE A 77 -4.87 -9.66 6.42
CA ILE A 77 -5.00 -8.62 5.41
C ILE A 77 -3.65 -8.46 4.69
N PRO A 78 -3.55 -8.88 3.43
CA PRO A 78 -2.33 -8.75 2.63
C PRO A 78 -1.91 -7.29 2.45
N PHE A 79 -0.62 -7.07 2.22
CA PHE A 79 -0.09 -5.74 1.99
C PHE A 79 1.10 -5.78 1.02
N VAL A 80 1.46 -4.60 0.50
CA VAL A 80 2.60 -4.41 -0.39
C VAL A 80 3.33 -3.14 0.02
N PHE A 81 4.66 -3.12 -0.11
CA PHE A 81 5.45 -1.95 0.27
C PHE A 81 5.70 -1.05 -0.93
N ALA A 82 5.90 0.24 -0.66
CA ALA A 82 6.24 1.23 -1.68
C ALA A 82 7.24 2.22 -1.11
N THR A 83 8.13 2.74 -1.97
CA THR A 83 9.16 3.68 -1.54
C THR A 83 9.70 4.49 -2.73
N GLY A 84 10.50 5.50 -2.44
CA GLY A 84 11.19 6.30 -3.46
C GLY A 84 12.62 6.52 -3.02
N GLY A 85 13.53 5.67 -3.50
CA GLY A 85 14.94 5.73 -3.14
C GLY A 85 15.55 4.33 -3.20
N SER A 86 16.69 4.14 -2.53
CA SER A 86 17.34 2.84 -2.46
C SER A 86 16.59 1.92 -1.50
N ASP A 87 16.76 0.61 -1.68
CA ASP A 87 16.12 -0.41 -0.86
C ASP A 87 17.08 -0.95 0.20
N ASP A 88 18.35 -0.51 0.16
CA ASP A 88 19.38 -0.99 1.07
C ASP A 88 19.29 -0.33 2.45
N SER A 89 18.33 0.59 2.62
CA SER A 89 18.12 1.30 3.87
C SER A 89 16.89 0.78 4.62
N VAL A 90 16.34 -0.36 4.17
CA VAL A 90 15.14 -0.95 4.75
C VAL A 90 15.42 -2.41 5.13
N ASP A 91 14.68 -2.93 6.11
CA ASP A 91 14.86 -4.29 6.61
C ASP A 91 14.65 -5.32 5.50
N SER A 92 15.30 -6.48 5.64
CA SER A 92 15.33 -7.51 4.61
C SER A 92 13.95 -8.09 4.31
N ARG A 93 12.98 -7.90 5.20
CA ARG A 93 11.63 -8.40 4.97
C ARG A 93 10.87 -7.49 4.01
N PHE A 94 11.37 -6.27 3.80
CA PHE A 94 10.83 -5.35 2.81
C PHE A 94 11.53 -5.58 1.48
N ARG A 95 12.73 -6.17 1.54
CA ARG A 95 13.51 -6.51 0.35
C ARG A 95 13.15 -7.90 -0.18
N ASP A 96 12.40 -8.67 0.61
CA ASP A 96 11.95 -10.01 0.22
C ASP A 96 10.48 -10.01 -0.20
N ARG A 97 9.70 -9.06 0.34
CA ARG A 97 8.30 -8.88 -0.05
C ARG A 97 8.23 -7.95 -1.26
N PRO A 98 7.10 -7.95 -2.00
CA PRO A 98 6.92 -7.11 -3.17
C PRO A 98 7.12 -5.63 -2.85
N VAL A 99 7.67 -4.89 -3.82
CA VAL A 99 7.92 -3.45 -3.69
C VAL A 99 7.62 -2.75 -5.01
N LEU A 100 7.29 -1.46 -4.93
CA LEU A 100 7.01 -0.64 -6.11
C LEU A 100 7.49 0.79 -5.87
N GLN A 101 7.96 1.45 -6.92
CA GLN A 101 8.41 2.83 -6.86
C GLN A 101 7.23 3.78 -7.01
N LYS A 102 7.36 5.03 -6.54
CA LYS A 102 6.25 5.97 -6.56
C LYS A 102 5.82 6.38 -7.98
N PRO A 103 6.73 6.53 -8.95
CA PRO A 103 6.35 6.74 -10.33
C PRO A 103 5.59 5.52 -10.86
N PHE A 104 4.39 5.75 -11.40
CA PHE A 104 3.53 4.68 -11.89
C PHE A 104 3.38 4.75 -13.41
N THR A 105 3.15 3.59 -14.03
CA THR A 105 2.95 3.47 -15.47
C THR A 105 1.87 2.40 -15.73
N MET A 106 1.26 2.43 -16.91
CA MET A 106 0.17 1.51 -17.21
C MET A 106 0.67 0.07 -17.29
N ASP A 107 1.96 -0.13 -17.61
CA ASP A 107 2.53 -1.46 -17.65
C ASP A 107 3.00 -1.92 -16.28
N GLY A 108 3.55 -1.00 -15.46
CA GLY A 108 4.09 -1.35 -14.16
C GLY A 108 3.00 -1.56 -13.11
N VAL A 109 1.85 -0.91 -13.28
CA VAL A 109 0.75 -1.03 -12.33
C VAL A 109 -0.11 -2.26 -12.66
N ALA A 110 -0.19 -2.65 -13.94
CA ALA A 110 -0.92 -3.84 -14.31
C ALA A 110 -0.22 -5.08 -13.73
N LYS A 111 1.10 -4.99 -13.56
CA LYS A 111 1.90 -6.06 -12.96
C LYS A 111 1.90 -5.95 -11.43
N ALA A 112 1.59 -4.76 -10.90
CA ALA A 112 1.52 -4.57 -9.46
C ALA A 112 0.18 -5.08 -8.92
N LEU A 113 -0.90 -4.93 -9.68
CA LEU A 113 -2.20 -5.47 -9.30
C LEU A 113 -2.19 -6.99 -9.49
N ALA A 114 -1.38 -7.49 -10.45
CA ALA A 114 -1.24 -8.92 -10.63
C ALA A 114 -0.46 -9.53 -9.47
N ALA A 115 0.39 -8.73 -8.82
CA ALA A 115 1.15 -9.15 -7.64
C ALA A 115 0.35 -8.93 -6.35
N LEU A 116 -0.73 -8.16 -6.40
CA LEU A 116 -1.56 -7.88 -5.23
C LEU A 116 -2.68 -8.91 -5.11
N LEU A 117 -3.21 -9.39 -6.24
CA LEU A 117 -4.32 -10.33 -6.26
C LEU A 117 -3.85 -11.78 -6.33
N VAL A 118 -2.53 -12.01 -6.36
CA VAL A 118 -1.97 -13.35 -6.41
C VAL A 118 -0.80 -13.46 -5.43
N MET A 1 -7.05 -18.59 -4.63
CA MET A 1 -8.14 -18.58 -3.63
C MET A 1 -8.42 -17.16 -3.17
N SER A 2 -9.70 -16.85 -2.93
CA SER A 2 -10.17 -15.53 -2.52
C SER A 2 -9.75 -14.42 -3.49
N ALA A 3 -10.16 -13.19 -3.19
CA ALA A 3 -9.86 -12.03 -4.00
C ALA A 3 -9.67 -10.80 -3.11
N LEU A 4 -9.08 -9.74 -3.69
CA LEU A 4 -8.80 -8.50 -2.97
C LEU A 4 -9.02 -7.31 -3.88
N THR A 5 -10.26 -7.12 -4.32
CA THR A 5 -10.66 -5.98 -5.15
C THR A 5 -10.68 -4.69 -4.33
N GLN A 6 -10.47 -4.78 -3.02
CA GLN A 6 -10.57 -3.63 -2.14
C GLN A 6 -9.25 -3.37 -1.43
N ILE A 7 -8.62 -2.25 -1.80
CA ILE A 7 -7.28 -1.91 -1.36
C ILE A 7 -7.26 -0.58 -0.60
N LEU A 8 -6.56 -0.55 0.53
CA LEU A 8 -6.35 0.67 1.30
C LEU A 8 -5.05 1.33 0.82
N ILE A 9 -5.09 2.64 0.56
CA ILE A 9 -3.91 3.39 0.11
C ILE A 9 -3.24 4.04 1.32
N VAL A 10 -1.93 3.82 1.48
CA VAL A 10 -1.16 4.41 2.56
C VAL A 10 0.11 5.03 2.01
N GLU A 11 0.22 6.36 2.11
CA GLU A 11 1.32 7.11 1.52
C GLU A 11 1.85 8.18 2.46
N ASP A 12 3.04 8.68 2.15
CA ASP A 12 3.69 9.76 2.91
C ASP A 12 3.76 11.04 2.07
N GLU A 13 3.16 11.00 0.87
CA GLU A 13 3.15 12.12 -0.06
C GLU A 13 1.78 12.18 -0.74
N PRO A 14 0.97 13.20 -0.44
CA PRO A 14 -0.37 13.36 -1.01
C PRO A 14 -0.39 13.38 -2.54
N LEU A 15 0.74 13.70 -3.18
CA LEU A 15 0.80 13.72 -4.63
C LEU A 15 0.82 12.29 -5.19
N ILE A 16 1.44 11.37 -4.46
CA ILE A 16 1.48 9.97 -4.89
C ILE A 16 0.13 9.32 -4.57
N ALA A 17 -0.53 9.77 -3.50
CA ALA A 17 -1.84 9.26 -3.14
C ALA A 17 -2.88 9.65 -4.19
N MET A 18 -2.63 10.75 -4.90
CA MET A 18 -3.52 11.20 -5.96
C MET A 18 -3.30 10.35 -7.22
N MET A 19 -2.07 9.88 -7.43
CA MET A 19 -1.79 9.01 -8.55
C MET A 19 -2.33 7.60 -8.29
N LEU A 20 -2.38 7.18 -7.01
CA LEU A 20 -2.94 5.89 -6.67
C LEU A 20 -4.45 5.91 -6.90
N GLU A 21 -5.09 7.06 -6.75
CA GLU A 21 -6.51 7.16 -7.04
C GLU A 21 -6.74 7.22 -8.56
N ASP A 22 -5.73 7.64 -9.32
CA ASP A 22 -5.86 7.75 -10.76
C ASP A 22 -5.66 6.39 -11.44
N PHE A 23 -4.66 5.61 -11.01
CA PHE A 23 -4.42 4.31 -11.63
C PHE A 23 -5.46 3.27 -11.22
N LEU A 24 -6.04 3.39 -10.02
CA LEU A 24 -7.06 2.45 -9.59
C LEU A 24 -8.41 2.77 -10.22
N GLU A 25 -8.58 3.99 -10.74
CA GLU A 25 -9.80 4.35 -11.46
C GLU A 25 -9.71 3.92 -12.92
N VAL A 26 -8.50 3.82 -13.47
CA VAL A 26 -8.28 3.40 -14.84
C VAL A 26 -8.30 1.88 -14.95
N LEU A 27 -8.04 1.17 -13.85
CA LEU A 27 -8.01 -0.29 -13.84
C LEU A 27 -9.30 -0.87 -13.26
N ASP A 28 -10.37 -0.06 -13.16
CA ASP A 28 -11.67 -0.49 -12.69
C ASP A 28 -11.59 -1.20 -11.33
N LYS A 29 -10.71 -0.72 -10.45
CA LYS A 29 -10.50 -1.29 -9.13
C LYS A 29 -11.50 -0.68 -8.15
N THR A 30 -11.68 -1.29 -6.97
CA THR A 30 -12.63 -0.81 -5.98
C THR A 30 -11.90 -0.41 -4.69
N PRO A 31 -11.16 0.71 -4.69
CA PRO A 31 -10.45 1.19 -3.52
C PRO A 31 -11.43 1.55 -2.41
N VAL A 32 -10.95 1.61 -1.17
CA VAL A 32 -11.81 1.80 -0.01
C VAL A 32 -11.44 3.00 0.85
N GLY A 33 -10.28 3.62 0.60
CA GLY A 33 -9.88 4.79 1.36
C GLY A 33 -8.40 5.11 1.20
N THR A 34 -7.99 6.26 1.76
CA THR A 34 -6.63 6.72 1.73
C THR A 34 -6.27 7.33 3.08
N VAL A 35 -5.05 7.07 3.56
CA VAL A 35 -4.56 7.59 4.83
C VAL A 35 -3.08 7.98 4.70
N ASP A 36 -2.62 8.84 5.61
CA ASP A 36 -1.24 9.32 5.59
C ASP A 36 -0.64 9.35 7.00
N THR A 37 -1.40 8.89 8.00
CA THR A 37 -0.97 8.85 9.39
C THR A 37 -1.42 7.53 10.01
N VAL A 38 -0.66 7.02 10.97
CA VAL A 38 -0.93 5.72 11.59
C VAL A 38 -2.28 5.73 12.30
N ALA A 39 -2.68 6.86 12.88
CA ALA A 39 -3.94 6.95 13.60
C ALA A 39 -5.12 6.78 12.66
N GLY A 40 -4.97 7.19 11.39
CA GLY A 40 -6.03 7.04 10.40
C GLY A 40 -6.07 5.62 9.87
N ALA A 41 -4.92 4.94 9.84
CA ALA A 41 -4.85 3.58 9.34
C ALA A 41 -5.47 2.61 10.34
N LEU A 42 -5.38 2.92 11.64
CA LEU A 42 -6.00 2.10 12.67
C LEU A 42 -7.51 2.39 12.71
N ALA A 43 -7.93 3.59 12.30
CA ALA A 43 -9.35 3.92 12.24
C ALA A 43 -10.03 3.19 11.08
N ARG A 44 -9.27 2.82 10.05
CA ARG A 44 -9.80 2.11 8.89
C ARG A 44 -9.83 0.61 9.09
N VAL A 45 -8.91 0.05 9.90
CA VAL A 45 -8.86 -1.39 10.08
C VAL A 45 -9.86 -1.87 11.13
N GLU A 46 -10.28 -0.97 12.03
CA GLU A 46 -11.30 -1.29 13.02
C GLU A 46 -12.71 -1.19 12.43
N ASP A 47 -12.84 -0.56 11.25
CA ASP A 47 -14.12 -0.40 10.59
C ASP A 47 -14.39 -1.55 9.62
N GLY A 48 -13.36 -2.34 9.31
CA GLY A 48 -13.48 -3.47 8.38
C GLY A 48 -13.77 -3.01 6.96
N GLY A 49 -14.21 -3.94 6.11
CA GLY A 49 -14.56 -3.63 4.73
C GLY A 49 -13.33 -3.49 3.84
N ILE A 50 -12.22 -4.14 4.21
CA ILE A 50 -10.97 -4.08 3.45
C ILE A 50 -10.48 -5.50 3.18
N ASP A 51 -9.88 -5.73 2.00
CA ASP A 51 -9.36 -7.04 1.64
C ASP A 51 -7.83 -7.04 1.62
N ALA A 52 -7.21 -5.89 1.35
CA ALA A 52 -5.76 -5.74 1.37
C ALA A 52 -5.37 -4.26 1.42
N ALA A 53 -4.07 -3.97 1.48
CA ALA A 53 -3.59 -2.59 1.48
C ALA A 53 -2.21 -2.45 0.84
N ILE A 54 -1.85 -1.23 0.46
CA ILE A 54 -0.53 -0.91 -0.06
C ILE A 54 0.13 0.05 0.92
N LEU A 55 1.34 -0.27 1.38
CA LEU A 55 2.01 0.46 2.44
C LEU A 55 3.29 1.12 1.95
N ASP A 56 3.48 2.39 2.29
CA ASP A 56 4.76 3.05 2.08
C ASP A 56 5.68 2.71 3.24
N VAL A 57 6.99 2.55 2.96
CA VAL A 57 7.94 2.11 3.97
C VAL A 57 8.40 3.24 4.90
N ASN A 58 8.09 4.49 4.56
CA ASN A 58 8.54 5.64 5.33
C ASN A 58 7.34 6.48 5.80
N LEU A 59 6.26 5.80 6.22
CA LEU A 59 5.03 6.43 6.66
C LEU A 59 5.28 7.37 7.84
N ARG A 60 4.41 8.39 7.98
CA ARG A 60 4.48 9.38 9.04
C ARG A 60 4.42 8.72 10.42
N GLY A 61 5.03 9.36 11.41
CA GLY A 61 5.06 8.86 12.78
C GLY A 61 6.20 7.88 13.02
N GLY A 62 7.09 7.70 12.03
CA GLY A 62 8.23 6.81 12.14
C GLY A 62 9.20 7.02 10.98
N GLU A 63 10.33 6.31 11.00
CA GLU A 63 11.33 6.38 9.94
C GLU A 63 11.64 4.98 9.42
N LYS A 64 11.78 4.86 8.10
CA LYS A 64 12.10 3.64 7.36
C LYS A 64 11.31 2.40 7.74
N SER A 65 10.26 2.55 8.54
CA SER A 65 9.39 1.45 8.96
C SER A 65 7.98 1.97 9.21
N THR A 66 7.00 1.04 9.25
CA THR A 66 5.61 1.37 9.54
C THR A 66 4.97 0.26 10.37
N PRO A 67 4.22 0.62 11.43
CA PRO A 67 3.53 -0.34 12.28
C PRO A 67 2.22 -0.80 11.64
N VAL A 68 1.77 -0.13 10.58
CA VAL A 68 0.48 -0.44 9.96
C VAL A 68 0.54 -1.74 9.19
N ALA A 69 1.71 -2.07 8.62
CA ALA A 69 1.84 -3.29 7.84
C ALA A 69 1.70 -4.52 8.73
N GLU A 70 2.26 -4.47 9.94
CA GLU A 70 2.23 -5.59 10.86
C GLU A 70 0.94 -5.62 11.66
N ALA A 71 0.21 -4.50 11.71
CA ALA A 71 -1.11 -4.49 12.32
C ALA A 71 -2.08 -5.25 11.39
N LEU A 72 -1.85 -5.17 10.07
CA LEU A 72 -2.64 -5.91 9.11
C LEU A 72 -2.24 -7.38 9.15
N ALA A 73 -0.99 -7.67 9.54
CA ALA A 73 -0.53 -9.05 9.68
C ALA A 73 -1.18 -9.69 10.90
N ALA A 74 -1.62 -8.89 11.88
CA ALA A 74 -2.34 -9.39 13.03
C ALA A 74 -3.82 -9.60 12.70
N ARG A 75 -4.29 -8.96 11.62
CA ARG A 75 -5.65 -9.16 11.10
C ARG A 75 -5.67 -10.15 9.93
N ASP A 76 -4.51 -10.75 9.62
CA ASP A 76 -4.36 -11.68 8.51
C ASP A 76 -4.73 -11.05 7.17
N ILE A 77 -4.59 -9.72 7.05
CA ILE A 77 -4.85 -8.99 5.82
C ILE A 77 -3.54 -8.82 5.04
N PRO A 78 -3.48 -9.24 3.77
CA PRO A 78 -2.31 -9.10 2.93
C PRO A 78 -1.90 -7.64 2.71
N PHE A 79 -0.60 -7.41 2.52
CA PHE A 79 -0.07 -6.08 2.23
C PHE A 79 1.20 -6.19 1.39
N VAL A 80 1.57 -5.09 0.73
CA VAL A 80 2.79 -4.99 -0.06
C VAL A 80 3.46 -3.65 0.21
N PHE A 81 4.78 -3.58 -0.01
CA PHE A 81 5.56 -2.37 0.25
C PHE A 81 5.73 -1.52 -1.02
N ALA A 82 6.05 -0.24 -0.80
CA ALA A 82 6.39 0.68 -1.87
C ALA A 82 7.58 1.53 -1.41
N THR A 83 8.56 1.74 -2.29
CA THR A 83 9.83 2.36 -1.92
C THR A 83 10.24 3.42 -2.93
N GLY A 84 11.16 4.30 -2.50
CA GLY A 84 11.74 5.32 -3.36
C GLY A 84 12.84 4.74 -4.23
N GLY A 85 13.63 5.60 -4.88
CA GLY A 85 14.71 5.19 -5.75
C GLY A 85 15.94 4.74 -4.98
N SER A 86 15.76 3.84 -4.00
CA SER A 86 16.83 3.28 -3.21
C SER A 86 16.43 1.91 -2.67
N ASP A 87 17.39 0.99 -2.59
CA ASP A 87 17.19 -0.35 -2.06
C ASP A 87 17.79 -0.50 -0.65
N ASP A 88 18.45 0.56 -0.16
CA ASP A 88 19.12 0.53 1.13
C ASP A 88 18.27 1.19 2.23
N SER A 89 17.11 1.72 1.86
CA SER A 89 16.21 2.39 2.78
C SER A 89 15.28 1.40 3.48
N VAL A 90 15.47 0.10 3.25
CA VAL A 90 14.62 -0.95 3.81
C VAL A 90 15.43 -2.18 4.23
N ASP A 91 14.89 -2.94 5.19
CA ASP A 91 15.51 -4.15 5.70
C ASP A 91 15.24 -5.34 4.78
N SER A 92 15.91 -6.47 5.03
CA SER A 92 15.79 -7.65 4.18
C SER A 92 14.37 -8.23 4.17
N ARG A 93 13.52 -7.85 5.13
CA ARG A 93 12.13 -8.29 5.16
C ARG A 93 11.35 -7.63 4.04
N PHE A 94 11.74 -6.42 3.65
CA PHE A 94 11.11 -5.71 2.55
C PHE A 94 11.67 -6.22 1.22
N ARG A 95 12.88 -6.78 1.26
CA ARG A 95 13.53 -7.35 0.08
C ARG A 95 13.06 -8.78 -0.15
N ASP A 96 12.34 -9.36 0.82
CA ASP A 96 11.78 -10.70 0.70
C ASP A 96 10.30 -10.65 0.32
N ARG A 97 9.63 -9.52 0.62
CA ARG A 97 8.24 -9.29 0.25
C ARG A 97 8.17 -8.47 -1.04
N PRO A 98 7.00 -8.43 -1.70
CA PRO A 98 6.81 -7.64 -2.91
C PRO A 98 7.06 -6.16 -2.67
N VAL A 99 7.56 -5.47 -3.69
CA VAL A 99 7.87 -4.04 -3.63
C VAL A 99 7.48 -3.36 -4.93
N LEU A 100 7.19 -2.05 -4.85
CA LEU A 100 6.87 -1.22 -6.01
C LEU A 100 7.64 0.09 -5.94
N GLN A 101 7.92 0.68 -7.10
CA GLN A 101 8.57 1.98 -7.18
C GLN A 101 7.56 3.07 -6.81
N LYS A 102 8.05 4.22 -6.36
CA LYS A 102 7.16 5.31 -5.97
C LYS A 102 6.47 5.96 -7.18
N PRO A 103 7.19 6.29 -8.27
CA PRO A 103 6.56 6.74 -9.49
C PRO A 103 5.90 5.56 -10.20
N PHE A 104 4.73 5.79 -10.81
CA PHE A 104 3.95 4.78 -11.48
C PHE A 104 3.85 5.08 -12.98
N THR A 105 3.58 4.04 -13.78
CA THR A 105 3.41 4.13 -15.23
C THR A 105 2.30 3.20 -15.67
N MET A 106 1.78 3.41 -16.88
CA MET A 106 0.67 2.62 -17.40
C MET A 106 1.08 1.15 -17.58
N ASP A 107 2.35 0.91 -17.92
CA ASP A 107 2.83 -0.46 -18.11
C ASP A 107 3.25 -1.10 -16.79
N GLY A 108 3.80 -0.30 -15.86
CA GLY A 108 4.32 -0.83 -14.61
C GLY A 108 3.20 -1.15 -13.61
N VAL A 109 2.08 -0.43 -13.67
CA VAL A 109 0.98 -0.67 -12.76
C VAL A 109 0.05 -1.75 -13.29
N ALA A 110 -0.03 -1.92 -14.61
CA ALA A 110 -0.88 -2.96 -15.18
C ALA A 110 -0.32 -4.34 -14.85
N LYS A 111 1.01 -4.46 -14.74
CA LYS A 111 1.65 -5.71 -14.39
C LYS A 111 1.65 -5.90 -12.88
N ALA A 112 1.67 -4.81 -12.11
CA ALA A 112 1.68 -4.89 -10.65
C ALA A 112 0.28 -5.17 -10.11
N LEU A 113 -0.76 -4.69 -10.80
CA LEU A 113 -2.13 -4.91 -10.37
C LEU A 113 -2.54 -6.35 -10.68
N ALA A 114 -2.11 -6.86 -11.84
CA ALA A 114 -2.42 -8.23 -12.22
C ALA A 114 -1.67 -9.22 -11.33
N ALA A 115 -0.52 -8.82 -10.79
CA ALA A 115 0.26 -9.66 -9.88
C ALA A 115 -0.20 -9.50 -8.43
N LEU A 116 -0.99 -8.45 -8.15
CA LEU A 116 -1.50 -8.20 -6.80
C LEU A 116 -2.86 -8.87 -6.61
N LEU A 117 -3.69 -8.91 -7.66
CA LEU A 117 -5.04 -9.43 -7.57
C LEU A 117 -5.08 -10.94 -7.84
N VAL A 118 -3.99 -11.51 -8.35
CA VAL A 118 -3.91 -12.94 -8.67
C VAL A 118 -2.57 -13.51 -8.20
N MET A 1 -19.71 -12.19 2.40
CA MET A 1 -18.34 -12.42 1.93
C MET A 1 -17.72 -11.14 1.38
N SER A 2 -16.41 -11.14 1.13
CA SER A 2 -15.69 -10.01 0.60
C SER A 2 -14.56 -10.48 -0.30
N ALA A 3 -13.98 -9.56 -1.09
CA ALA A 3 -12.92 -9.87 -2.03
C ALA A 3 -11.94 -8.71 -2.15
N LEU A 4 -10.86 -8.93 -2.91
CA LEU A 4 -9.79 -7.97 -3.11
C LEU A 4 -10.18 -6.84 -4.07
N THR A 5 -11.46 -6.43 -4.06
CA THR A 5 -11.94 -5.34 -4.88
C THR A 5 -11.80 -4.02 -4.14
N GLN A 6 -11.54 -4.07 -2.83
CA GLN A 6 -11.40 -2.87 -2.01
C GLN A 6 -10.00 -2.74 -1.47
N ILE A 7 -9.30 -1.67 -1.88
CA ILE A 7 -7.92 -1.41 -1.52
C ILE A 7 -7.80 -0.06 -0.81
N LEU A 8 -7.16 -0.05 0.35
CA LEU A 8 -6.92 1.17 1.11
C LEU A 8 -5.61 1.80 0.63
N ILE A 9 -5.57 3.13 0.53
CA ILE A 9 -4.43 3.88 0.05
C ILE A 9 -3.74 4.56 1.23
N VAL A 10 -2.43 4.36 1.38
CA VAL A 10 -1.66 4.94 2.48
C VAL A 10 -0.41 5.60 1.93
N GLU A 11 -0.20 6.88 2.27
CA GLU A 11 0.90 7.67 1.76
C GLU A 11 1.25 8.81 2.73
N ASP A 12 2.42 9.43 2.52
CA ASP A 12 2.83 10.60 3.30
C ASP A 12 3.17 11.76 2.35
N GLU A 13 2.68 11.69 1.10
CA GLU A 13 2.90 12.70 0.09
C GLU A 13 1.59 12.92 -0.68
N PRO A 14 1.11 14.18 -0.78
CA PRO A 14 -0.20 14.49 -1.31
C PRO A 14 -0.30 14.27 -2.82
N LEU A 15 0.83 14.20 -3.52
CA LEU A 15 0.81 13.98 -4.96
C LEU A 15 0.66 12.49 -5.26
N ILE A 16 1.07 11.63 -4.32
CA ILE A 16 0.98 10.19 -4.49
C ILE A 16 -0.45 9.74 -4.17
N ALA A 17 -1.17 10.49 -3.33
CA ALA A 17 -2.52 10.14 -2.94
C ALA A 17 -3.46 10.22 -4.15
N MET A 18 -3.34 11.29 -4.95
CA MET A 18 -4.20 11.46 -6.10
C MET A 18 -3.75 10.57 -7.25
N MET A 19 -2.47 10.19 -7.28
CA MET A 19 -1.97 9.30 -8.30
C MET A 19 -2.41 7.86 -8.04
N LEU A 20 -2.56 7.47 -6.78
CA LEU A 20 -3.02 6.13 -6.44
C LEU A 20 -4.50 5.97 -6.78
N GLU A 21 -5.30 7.03 -6.65
CA GLU A 21 -6.71 6.96 -7.01
C GLU A 21 -6.86 7.00 -8.53
N ASP A 22 -5.87 7.53 -9.24
CA ASP A 22 -5.92 7.64 -10.69
C ASP A 22 -5.59 6.30 -11.36
N PHE A 23 -4.63 5.54 -10.84
CA PHE A 23 -4.29 4.26 -11.43
C PHE A 23 -5.30 3.18 -11.05
N LEU A 24 -6.02 3.35 -9.93
CA LEU A 24 -7.08 2.42 -9.58
C LEU A 24 -8.31 2.70 -10.43
N GLU A 25 -8.41 3.88 -11.04
CA GLU A 25 -9.50 4.20 -11.95
C GLU A 25 -9.20 3.61 -13.34
N VAL A 26 -7.92 3.46 -13.69
CA VAL A 26 -7.52 2.86 -14.96
C VAL A 26 -7.64 1.33 -14.88
N LEU A 27 -7.60 0.78 -13.67
CA LEU A 27 -7.76 -0.65 -13.44
C LEU A 27 -9.21 -1.03 -13.16
N ASP A 28 -10.14 -0.06 -13.31
CA ASP A 28 -11.56 -0.27 -13.01
C ASP A 28 -11.75 -0.83 -11.60
N LYS A 29 -10.84 -0.48 -10.68
CA LYS A 29 -10.83 -0.94 -9.31
C LYS A 29 -11.73 -0.07 -8.44
N THR A 30 -12.13 -0.57 -7.28
CA THR A 30 -12.96 0.18 -6.35
C THR A 30 -12.14 0.61 -5.13
N PRO A 31 -11.65 1.86 -5.09
CA PRO A 31 -10.96 2.39 -3.94
C PRO A 31 -11.94 2.62 -2.80
N VAL A 32 -11.45 2.68 -1.56
CA VAL A 32 -12.32 2.81 -0.39
C VAL A 32 -11.93 3.97 0.52
N GLY A 33 -10.76 4.58 0.30
CA GLY A 33 -10.35 5.73 1.10
C GLY A 33 -8.87 6.03 0.97
N THR A 34 -8.46 7.15 1.55
CA THR A 34 -7.06 7.58 1.61
C THR A 34 -6.74 8.04 3.03
N VAL A 35 -5.53 7.76 3.50
CA VAL A 35 -5.09 8.18 4.83
C VAL A 35 -3.63 8.61 4.77
N ASP A 36 -3.29 9.69 5.48
CA ASP A 36 -1.95 10.26 5.45
C ASP A 36 -1.07 9.70 6.56
N THR A 37 -1.59 8.78 7.36
CA THR A 37 -0.84 8.14 8.44
C THR A 37 -1.20 6.65 8.51
N VAL A 38 -0.30 5.84 9.08
CA VAL A 38 -0.54 4.42 9.21
C VAL A 38 -1.52 4.14 10.35
N ALA A 39 -1.65 5.06 11.30
CA ALA A 39 -2.58 4.90 12.41
C ALA A 39 -4.02 5.05 11.91
N GLY A 40 -4.21 5.80 10.81
CA GLY A 40 -5.52 5.97 10.20
C GLY A 40 -5.86 4.76 9.32
N ALA A 41 -4.84 3.99 8.91
CA ALA A 41 -5.07 2.82 8.06
C ALA A 41 -5.59 1.65 8.88
N LEU A 42 -5.11 1.49 10.12
CA LEU A 42 -5.59 0.43 10.98
C LEU A 42 -6.93 0.81 11.61
N ALA A 43 -7.17 2.10 11.83
CA ALA A 43 -8.42 2.55 12.41
C ALA A 43 -9.56 2.48 11.39
N ARG A 44 -9.22 2.55 10.09
CA ARG A 44 -10.21 2.49 9.03
C ARG A 44 -10.50 1.05 8.61
N VAL A 45 -9.55 0.13 8.80
CA VAL A 45 -9.74 -1.25 8.37
C VAL A 45 -10.52 -2.07 9.39
N GLU A 46 -10.53 -1.64 10.66
CA GLU A 46 -11.32 -2.31 11.69
C GLU A 46 -12.82 -2.07 11.47
N ASP A 47 -13.17 -1.09 10.63
CA ASP A 47 -14.56 -0.80 10.29
C ASP A 47 -15.10 -1.78 9.25
N GLY A 48 -14.20 -2.55 8.61
CA GLY A 48 -14.56 -3.50 7.59
C GLY A 48 -14.76 -2.83 6.24
N GLY A 49 -15.21 -3.60 5.23
CA GLY A 49 -15.43 -3.09 3.90
C GLY A 49 -14.14 -2.97 3.09
N ILE A 50 -13.04 -3.53 3.61
CA ILE A 50 -11.73 -3.49 2.98
C ILE A 50 -11.11 -4.89 3.01
N ASP A 51 -10.29 -5.23 2.01
CA ASP A 51 -9.69 -6.56 1.95
C ASP A 51 -8.18 -6.53 1.75
N ALA A 52 -7.62 -5.36 1.40
CA ALA A 52 -6.19 -5.18 1.24
C ALA A 52 -5.83 -3.71 1.29
N ALA A 53 -4.53 -3.40 1.37
CA ALA A 53 -4.08 -2.02 1.37
C ALA A 53 -2.71 -1.87 0.71
N ILE A 54 -2.39 -0.65 0.28
CA ILE A 54 -1.10 -0.32 -0.30
C ILE A 54 -0.38 0.61 0.67
N LEU A 55 0.86 0.25 1.04
CA LEU A 55 1.62 0.97 2.06
C LEU A 55 2.82 1.67 1.45
N ASP A 56 2.94 2.98 1.70
CA ASP A 56 4.12 3.74 1.35
C ASP A 56 5.20 3.44 2.42
N VAL A 57 6.42 3.15 1.99
CA VAL A 57 7.51 2.83 2.90
C VAL A 57 8.07 4.09 3.53
N ASN A 58 7.72 5.26 2.99
CA ASN A 58 8.10 6.53 3.57
C ASN A 58 7.26 6.76 4.83
N LEU A 59 7.84 7.40 5.85
CA LEU A 59 7.16 7.60 7.12
C LEU A 59 7.47 8.99 7.69
N ARG A 60 6.53 9.54 8.46
CA ARG A 60 6.63 10.89 9.01
C ARG A 60 7.50 10.89 10.27
N GLY A 61 8.15 12.03 10.55
CA GLY A 61 9.03 12.16 11.70
C GLY A 61 10.34 11.41 11.49
N GLY A 62 11.09 11.21 12.59
CA GLY A 62 12.37 10.50 12.54
C GLY A 62 12.20 8.99 12.45
N GLU A 63 10.96 8.49 12.49
CA GLU A 63 10.68 7.07 12.44
C GLU A 63 10.96 6.51 11.04
N LYS A 64 11.21 5.19 10.96
CA LYS A 64 11.58 4.53 9.73
C LYS A 64 10.92 3.16 9.62
N SER A 65 11.07 2.50 8.47
CA SER A 65 10.47 1.21 8.17
C SER A 65 8.95 1.23 8.28
N THR A 66 8.31 0.08 8.06
CA THR A 66 6.86 -0.05 8.09
C THR A 66 6.44 -1.34 8.81
N PRO A 67 6.83 -1.51 10.07
CA PRO A 67 6.53 -2.71 10.84
C PRO A 67 5.05 -2.78 11.20
N VAL A 68 4.30 -1.70 10.97
CA VAL A 68 2.88 -1.65 11.23
C VAL A 68 2.10 -2.47 10.21
N ALA A 69 2.72 -2.82 9.09
CA ALA A 69 2.08 -3.64 8.07
C ALA A 69 1.92 -5.07 8.59
N GLU A 70 2.76 -5.47 9.56
CA GLU A 70 2.70 -6.80 10.12
C GLU A 70 1.54 -6.92 11.09
N ALA A 71 1.02 -5.78 11.58
CA ALA A 71 -0.18 -5.77 12.41
C ALA A 71 -1.40 -5.89 11.50
N LEU A 72 -1.31 -5.37 10.28
CA LEU A 72 -2.37 -5.52 9.29
C LEU A 72 -2.40 -6.98 8.81
N ALA A 73 -1.24 -7.65 8.82
CA ALA A 73 -1.17 -9.06 8.48
C ALA A 73 -1.64 -9.92 9.64
N ALA A 74 -1.63 -9.37 10.86
CA ALA A 74 -2.17 -10.07 12.03
C ALA A 74 -3.69 -10.03 11.99
N ARG A 75 -4.26 -9.09 11.21
CA ARG A 75 -5.68 -9.04 10.93
C ARG A 75 -6.02 -9.86 9.69
N ASP A 76 -5.06 -10.68 9.22
CA ASP A 76 -5.20 -11.52 8.04
C ASP A 76 -5.48 -10.73 6.76
N ILE A 77 -4.97 -9.50 6.67
CA ILE A 77 -5.13 -8.65 5.50
C ILE A 77 -3.76 -8.45 4.82
N PRO A 78 -3.65 -8.74 3.52
CA PRO A 78 -2.42 -8.61 2.75
C PRO A 78 -2.11 -7.15 2.40
N PHE A 79 -0.85 -6.89 2.07
CA PHE A 79 -0.37 -5.56 1.72
C PHE A 79 0.78 -5.64 0.71
N VAL A 80 1.18 -4.48 0.19
CA VAL A 80 2.30 -4.36 -0.73
C VAL A 80 3.06 -3.07 -0.42
N PHE A 81 4.38 -3.06 -0.66
CA PHE A 81 5.22 -1.91 -0.36
C PHE A 81 5.40 -1.02 -1.59
N ALA A 82 5.68 0.26 -1.36
CA ALA A 82 6.04 1.20 -2.40
C ALA A 82 7.18 2.07 -1.88
N THR A 83 8.29 2.13 -2.62
CA THR A 83 9.51 2.79 -2.16
C THR A 83 10.36 3.25 -3.34
N GLY A 84 11.38 4.06 -3.07
CA GLY A 84 12.32 4.53 -4.08
C GLY A 84 13.56 5.11 -3.42
N GLY A 85 14.73 4.62 -3.82
CA GLY A 85 16.00 5.06 -3.28
C GLY A 85 17.03 3.92 -3.34
N SER A 86 18.13 4.08 -2.61
CA SER A 86 19.15 3.03 -2.51
C SER A 86 18.66 1.89 -1.62
N ASP A 87 19.26 0.71 -1.78
CA ASP A 87 18.87 -0.46 -1.01
C ASP A 87 19.53 -0.47 0.38
N ASP A 88 20.46 0.46 0.62
CA ASP A 88 21.20 0.53 1.87
C ASP A 88 20.37 1.16 2.99
N SER A 89 19.11 1.51 2.70
CA SER A 89 18.22 2.13 3.67
C SER A 89 16.91 1.35 3.81
N VAL A 90 16.86 0.14 3.26
CA VAL A 90 15.68 -0.72 3.32
C VAL A 90 16.08 -2.14 3.73
N ASP A 91 15.20 -2.85 4.43
CA ASP A 91 15.50 -4.18 4.97
C ASP A 91 15.20 -5.30 3.97
N SER A 92 15.79 -6.47 4.20
CA SER A 92 15.67 -7.62 3.31
C SER A 92 14.24 -8.15 3.21
N ARG A 93 13.35 -7.78 4.15
CA ARG A 93 11.96 -8.21 4.09
C ARG A 93 11.18 -7.39 3.07
N PHE A 94 11.71 -6.24 2.66
CA PHE A 94 11.14 -5.47 1.57
C PHE A 94 11.70 -6.01 0.25
N ARG A 95 12.89 -6.62 0.32
CA ARG A 95 13.52 -7.21 -0.85
C ARG A 95 12.90 -8.58 -1.16
N ASP A 96 12.18 -9.17 -0.21
CA ASP A 96 11.53 -10.46 -0.39
C ASP A 96 10.03 -10.31 -0.66
N ARG A 97 9.43 -9.19 -0.24
CA ARG A 97 8.03 -8.89 -0.50
C ARG A 97 7.92 -8.09 -1.81
N PRO A 98 6.73 -8.06 -2.44
CA PRO A 98 6.52 -7.29 -3.65
C PRO A 98 6.69 -5.80 -3.39
N VAL A 99 7.24 -5.09 -4.38
CA VAL A 99 7.54 -3.66 -4.28
C VAL A 99 7.23 -2.95 -5.60
N LEU A 100 6.96 -1.65 -5.50
CA LEU A 100 6.76 -0.79 -6.66
C LEU A 100 7.43 0.56 -6.41
N GLN A 101 7.84 1.26 -7.46
CA GLN A 101 8.47 2.56 -7.33
C GLN A 101 7.44 3.59 -6.85
N LYS A 102 7.90 4.70 -6.27
CA LYS A 102 6.99 5.75 -5.81
C LYS A 102 6.21 6.35 -6.97
N PRO A 103 6.85 6.72 -8.10
CA PRO A 103 6.12 7.08 -9.30
C PRO A 103 5.51 5.82 -9.91
N PHE A 104 4.23 5.90 -10.32
CA PHE A 104 3.51 4.75 -10.84
C PHE A 104 3.42 4.82 -12.37
N THR A 105 3.24 3.65 -12.98
CA THR A 105 3.07 3.50 -14.43
C THR A 105 2.01 2.43 -14.69
N MET A 106 1.43 2.41 -15.89
CA MET A 106 0.37 1.47 -16.22
C MET A 106 0.87 0.03 -16.12
N ASP A 107 2.16 -0.19 -16.38
CA ASP A 107 2.74 -1.52 -16.31
C ASP A 107 3.12 -1.89 -14.88
N GLY A 108 3.45 -0.88 -14.06
CA GLY A 108 3.88 -1.12 -12.69
C GLY A 108 2.70 -1.45 -11.78
N VAL A 109 1.52 -0.88 -12.04
CA VAL A 109 0.36 -1.13 -11.20
C VAL A 109 -0.33 -2.43 -11.60
N ALA A 110 -0.16 -2.88 -12.85
CA ALA A 110 -0.75 -4.14 -13.28
C ALA A 110 0.00 -5.31 -12.63
N LYS A 111 1.30 -5.13 -12.38
CA LYS A 111 2.12 -6.16 -11.77
C LYS A 111 2.03 -6.11 -10.24
N ALA A 112 1.71 -4.95 -9.68
CA ALA A 112 1.61 -4.80 -8.24
C ALA A 112 0.27 -5.34 -7.73
N LEU A 113 -0.80 -5.15 -8.50
CA LEU A 113 -2.11 -5.68 -8.13
C LEU A 113 -2.16 -7.18 -8.44
N ALA A 114 -1.39 -7.64 -9.43
CA ALA A 114 -1.30 -9.06 -9.73
C ALA A 114 -0.47 -9.78 -8.66
N ALA A 115 0.38 -9.04 -7.95
CA ALA A 115 1.17 -9.60 -6.86
C ALA A 115 0.39 -9.57 -5.54
N LEU A 116 -0.67 -8.76 -5.46
CA LEU A 116 -1.51 -8.68 -4.27
C LEU A 116 -2.66 -9.68 -4.39
N LEU A 117 -3.33 -9.70 -5.55
CA LEU A 117 -4.40 -10.64 -5.88
C LEU A 117 -3.83 -12.00 -6.31
N VAL A 118 -2.55 -12.27 -5.97
CA VAL A 118 -1.89 -13.52 -6.33
C VAL A 118 -2.58 -14.72 -5.70
N MET A 1 -18.26 -8.96 5.15
CA MET A 1 -17.41 -9.73 4.24
C MET A 1 -16.58 -8.80 3.37
N SER A 2 -15.38 -9.23 2.98
CA SER A 2 -14.47 -8.43 2.17
C SER A 2 -13.72 -9.32 1.18
N ALA A 3 -13.15 -8.70 0.14
CA ALA A 3 -12.35 -9.38 -0.86
C ALA A 3 -11.27 -8.43 -1.37
N LEU A 4 -10.33 -8.96 -2.15
CA LEU A 4 -9.23 -8.17 -2.67
C LEU A 4 -9.68 -7.19 -3.75
N THR A 5 -10.97 -6.80 -3.72
CA THR A 5 -11.52 -5.78 -4.58
C THR A 5 -11.45 -4.43 -3.90
N GLN A 6 -11.18 -4.41 -2.59
CA GLN A 6 -11.08 -3.20 -1.83
C GLN A 6 -9.67 -2.98 -1.30
N ILE A 7 -9.00 -1.96 -1.82
CA ILE A 7 -7.62 -1.64 -1.48
C ILE A 7 -7.54 -0.26 -0.84
N LEU A 8 -6.86 -0.17 0.30
CA LEU A 8 -6.66 1.09 1.01
C LEU A 8 -5.37 1.75 0.53
N ILE A 9 -5.37 3.06 0.37
CA ILE A 9 -4.20 3.82 -0.06
C ILE A 9 -3.59 4.57 1.12
N VAL A 10 -2.27 4.44 1.29
CA VAL A 10 -1.54 5.13 2.34
C VAL A 10 -0.37 5.87 1.70
N GLU A 11 -0.37 7.20 1.83
CA GLU A 11 0.59 8.06 1.16
C GLU A 11 0.90 9.27 2.05
N ASP A 12 2.07 9.89 1.85
CA ASP A 12 2.53 11.00 2.68
C ASP A 12 2.86 12.24 1.82
N GLU A 13 2.39 12.24 0.58
CA GLU A 13 2.53 13.35 -0.35
C GLU A 13 1.19 13.56 -1.04
N PRO A 14 0.46 14.63 -0.70
CA PRO A 14 -0.88 14.90 -1.23
C PRO A 14 -0.95 14.93 -2.75
N LEU A 15 0.16 15.21 -3.45
CA LEU A 15 0.15 15.24 -4.90
C LEU A 15 0.17 13.81 -5.46
N ILE A 16 0.92 12.91 -4.82
CA ILE A 16 1.01 11.52 -5.26
C ILE A 16 -0.22 10.76 -4.81
N ALA A 17 -0.89 11.23 -3.74
CA ALA A 17 -2.10 10.59 -3.27
C ALA A 17 -3.24 10.77 -4.27
N MET A 18 -3.25 11.90 -4.99
CA MET A 18 -4.27 12.15 -6.01
C MET A 18 -3.95 11.34 -7.26
N MET A 19 -2.66 11.11 -7.54
CA MET A 19 -2.27 10.25 -8.65
C MET A 19 -2.55 8.78 -8.31
N LEU A 20 -2.62 8.46 -7.02
CA LEU A 20 -2.87 7.10 -6.58
C LEU A 20 -4.34 6.73 -6.78
N GLU A 21 -5.24 7.70 -6.62
CA GLU A 21 -6.66 7.47 -6.87
C GLU A 21 -6.93 7.48 -8.38
N ASP A 22 -6.04 8.12 -9.16
CA ASP A 22 -6.18 8.14 -10.61
C ASP A 22 -5.75 6.81 -11.20
N PHE A 23 -4.70 6.18 -10.65
CA PHE A 23 -4.26 4.88 -11.11
C PHE A 23 -5.19 3.77 -10.63
N LEU A 24 -5.94 4.01 -9.54
CA LEU A 24 -6.87 3.01 -9.03
C LEU A 24 -8.14 2.98 -9.88
N GLU A 25 -8.43 4.09 -10.57
CA GLU A 25 -9.61 4.19 -11.43
C GLU A 25 -9.32 3.58 -12.80
N VAL A 26 -8.07 3.67 -13.27
CA VAL A 26 -7.66 3.06 -14.54
C VAL A 26 -7.48 1.56 -14.33
N LEU A 27 -7.30 1.13 -13.08
CA LEU A 27 -7.17 -0.26 -12.71
C LEU A 27 -8.55 -0.92 -12.57
N ASP A 28 -9.63 -0.14 -12.80
CA ASP A 28 -11.01 -0.61 -12.68
C ASP A 28 -11.27 -1.22 -11.30
N LYS A 29 -10.53 -0.75 -10.29
CA LYS A 29 -10.58 -1.26 -8.93
C LYS A 29 -11.61 -0.50 -8.10
N THR A 30 -12.12 -1.11 -7.02
CA THR A 30 -13.06 -0.44 -6.14
C THR A 30 -12.30 0.23 -4.98
N PRO A 31 -12.44 1.55 -4.82
CA PRO A 31 -11.79 2.32 -3.76
C PRO A 31 -12.54 2.16 -2.43
N VAL A 32 -11.87 2.48 -1.32
CA VAL A 32 -12.49 2.41 0.01
C VAL A 32 -12.04 3.55 0.92
N GLY A 33 -10.93 4.22 0.60
CA GLY A 33 -10.48 5.36 1.38
C GLY A 33 -9.03 5.74 1.10
N THR A 34 -8.60 6.86 1.67
CA THR A 34 -7.24 7.35 1.60
C THR A 34 -6.86 7.90 2.97
N VAL A 35 -5.60 7.71 3.38
CA VAL A 35 -5.13 8.17 4.69
C VAL A 35 -3.71 8.71 4.59
N ASP A 36 -3.35 9.59 5.53
CA ASP A 36 -2.06 10.26 5.56
C ASP A 36 -1.06 9.54 6.47
N THR A 37 -1.53 8.53 7.21
CA THR A 37 -0.68 7.78 8.14
C THR A 37 -1.22 6.36 8.32
N VAL A 38 -0.37 5.46 8.82
CA VAL A 38 -0.74 4.06 9.01
C VAL A 38 -1.76 3.91 10.13
N ALA A 39 -1.83 4.87 11.05
CA ALA A 39 -2.81 4.83 12.13
C ALA A 39 -4.21 5.06 11.58
N GLY A 40 -4.32 5.77 10.46
CA GLY A 40 -5.60 5.99 9.81
C GLY A 40 -6.02 4.75 9.03
N ALA A 41 -5.05 3.96 8.56
CA ALA A 41 -5.35 2.73 7.85
C ALA A 41 -5.93 1.72 8.81
N LEU A 42 -5.46 1.73 10.07
CA LEU A 42 -5.97 0.83 11.10
C LEU A 42 -7.38 1.26 11.51
N ALA A 43 -7.68 2.56 11.45
CA ALA A 43 -8.99 3.07 11.81
C ALA A 43 -10.04 2.66 10.77
N ARG A 44 -9.61 2.40 9.52
CA ARG A 44 -10.51 1.94 8.47
C ARG A 44 -10.67 0.43 8.51
N VAL A 45 -9.71 -0.29 9.11
CA VAL A 45 -9.82 -1.73 9.27
C VAL A 45 -10.81 -2.08 10.38
N GLU A 46 -11.00 -1.18 11.34
CA GLU A 46 -11.99 -1.36 12.41
C GLU A 46 -13.41 -1.18 11.86
N ASP A 47 -13.55 -0.60 10.67
CA ASP A 47 -14.83 -0.38 10.02
C ASP A 47 -15.14 -1.50 9.02
N GLY A 48 -14.12 -2.32 8.70
CA GLY A 48 -14.27 -3.43 7.77
C GLY A 48 -14.45 -2.95 6.33
N GLY A 49 -14.82 -3.87 5.43
CA GLY A 49 -15.05 -3.55 4.03
C GLY A 49 -13.74 -3.42 3.25
N ILE A 50 -12.61 -3.79 3.85
CA ILE A 50 -11.29 -3.71 3.22
C ILE A 50 -10.60 -5.06 3.36
N ASP A 51 -9.76 -5.44 2.39
CA ASP A 51 -9.09 -6.73 2.44
C ASP A 51 -7.58 -6.60 2.25
N ALA A 52 -7.11 -5.47 1.72
CA ALA A 52 -5.69 -5.22 1.51
C ALA A 52 -5.42 -3.73 1.43
N ALA A 53 -4.14 -3.35 1.44
CA ALA A 53 -3.74 -1.94 1.37
C ALA A 53 -2.36 -1.79 0.75
N ILE A 54 -2.05 -0.57 0.30
CA ILE A 54 -0.72 -0.22 -0.22
C ILE A 54 -0.06 0.75 0.75
N LEU A 55 1.18 0.48 1.12
CA LEU A 55 1.88 1.25 2.13
C LEU A 55 3.07 1.99 1.53
N ASP A 56 3.12 3.31 1.74
CA ASP A 56 4.28 4.11 1.36
C ASP A 56 5.36 4.00 2.45
N VAL A 57 6.59 3.70 2.04
CA VAL A 57 7.72 3.59 2.96
C VAL A 57 8.55 4.88 2.96
N ASN A 58 8.31 5.76 1.98
CA ASN A 58 9.06 7.01 1.83
C ASN A 58 8.49 8.11 2.72
N LEU A 59 8.15 7.75 3.96
CA LEU A 59 7.55 8.68 4.91
C LEU A 59 8.54 9.75 5.32
N ARG A 60 8.03 10.95 5.63
CA ARG A 60 8.83 12.08 6.09
C ARG A 60 9.11 11.96 7.59
N GLY A 61 10.22 12.53 8.04
CA GLY A 61 10.63 12.51 9.44
C GLY A 61 11.86 11.65 9.69
N GLY A 62 12.33 10.92 8.66
CA GLY A 62 13.56 10.13 8.76
C GLY A 62 13.35 8.74 9.34
N GLU A 63 12.10 8.35 9.62
CA GLU A 63 11.79 7.01 10.12
C GLU A 63 10.72 6.33 9.25
N LYS A 64 10.46 5.05 9.54
CA LYS A 64 9.48 4.26 8.80
C LYS A 64 8.42 3.68 9.73
N SER A 65 7.33 3.18 9.15
CA SER A 65 6.21 2.62 9.90
C SER A 65 5.81 1.25 9.37
N THR A 66 6.75 0.56 8.68
CA THR A 66 6.49 -0.74 8.10
C THR A 66 6.20 -1.84 9.14
N PRO A 67 6.66 -1.76 10.40
CA PRO A 67 6.31 -2.75 11.42
C PRO A 67 4.80 -2.83 11.66
N VAL A 68 4.03 -1.84 11.21
CA VAL A 68 2.59 -1.84 11.38
C VAL A 68 1.94 -2.68 10.28
N ALA A 69 2.64 -2.90 9.17
CA ALA A 69 2.11 -3.71 8.08
C ALA A 69 2.03 -5.17 8.51
N GLU A 70 2.89 -5.57 9.45
CA GLU A 70 2.89 -6.93 9.96
C GLU A 70 1.69 -7.18 10.88
N ALA A 71 1.09 -6.11 11.41
CA ALA A 71 -0.12 -6.24 12.21
C ALA A 71 -1.31 -6.44 11.27
N LEU A 72 -1.26 -5.85 10.08
CA LEU A 72 -2.29 -6.07 9.08
C LEU A 72 -2.19 -7.50 8.56
N ALA A 73 -0.95 -8.01 8.40
CA ALA A 73 -0.75 -9.38 7.96
C ALA A 73 -1.16 -10.38 9.04
N ALA A 74 -1.22 -9.94 10.31
CA ALA A 74 -1.67 -10.76 11.40
C ALA A 74 -3.20 -10.76 11.47
N ARG A 75 -3.84 -9.81 10.77
CA ARG A 75 -5.29 -9.72 10.66
C ARG A 75 -5.76 -10.18 9.28
N ASP A 76 -4.93 -10.95 8.56
CA ASP A 76 -5.23 -11.48 7.24
C ASP A 76 -5.51 -10.38 6.20
N ILE A 77 -4.81 -9.25 6.31
CA ILE A 77 -4.88 -8.15 5.35
C ILE A 77 -3.50 -7.96 4.73
N PRO A 78 -3.27 -8.52 3.53
CA PRO A 78 -2.00 -8.40 2.81
C PRO A 78 -1.66 -6.96 2.44
N PHE A 79 -0.39 -6.71 2.15
CA PHE A 79 0.09 -5.38 1.79
C PHE A 79 1.25 -5.46 0.79
N VAL A 80 1.64 -4.30 0.24
CA VAL A 80 2.78 -4.18 -0.66
C VAL A 80 3.50 -2.86 -0.34
N PHE A 81 4.83 -2.86 -0.45
CA PHE A 81 5.63 -1.67 -0.16
C PHE A 81 5.75 -0.77 -1.39
N ALA A 82 6.00 0.51 -1.17
CA ALA A 82 6.29 1.48 -2.22
C ALA A 82 7.38 2.44 -1.76
N THR A 83 8.45 2.56 -2.54
CA THR A 83 9.57 3.43 -2.21
C THR A 83 10.42 3.71 -3.45
N GLY A 84 11.29 4.73 -3.38
CA GLY A 84 12.22 5.06 -4.45
C GLY A 84 13.64 5.00 -3.91
N GLY A 85 14.31 3.85 -4.10
CA GLY A 85 15.68 3.65 -3.67
C GLY A 85 15.93 2.17 -3.34
N SER A 86 17.20 1.78 -3.23
CA SER A 86 17.58 0.42 -2.90
C SER A 86 18.88 0.39 -2.08
N ASP A 87 19.15 1.46 -1.32
CA ASP A 87 20.38 1.56 -0.54
C ASP A 87 20.14 1.35 0.95
N ASP A 88 19.16 2.07 1.53
CA ASP A 88 18.84 1.96 2.95
C ASP A 88 17.33 1.88 3.18
N SER A 89 16.53 2.02 2.12
CA SER A 89 15.08 2.03 2.22
C SER A 89 14.49 0.62 2.11
N VAL A 90 15.34 -0.41 2.05
CA VAL A 90 14.91 -1.79 1.91
C VAL A 90 15.72 -2.72 2.81
N ASP A 91 15.10 -3.85 3.17
CA ASP A 91 15.65 -4.85 4.07
C ASP A 91 15.16 -6.23 3.64
N SER A 92 15.56 -7.29 4.35
CA SER A 92 15.19 -8.66 3.98
C SER A 92 13.68 -8.85 3.93
N ARG A 93 12.91 -7.96 4.56
CA ARG A 93 11.45 -8.04 4.54
C ARG A 93 10.91 -7.59 3.18
N PHE A 94 11.67 -6.77 2.46
CA PHE A 94 11.35 -6.32 1.12
C PHE A 94 11.83 -7.36 0.11
N ARG A 95 12.72 -8.25 0.56
CA ARG A 95 13.19 -9.38 -0.24
C ARG A 95 12.27 -10.59 -0.05
N ASP A 96 11.37 -10.51 0.93
CA ASP A 96 10.40 -11.56 1.21
C ASP A 96 8.97 -11.11 0.89
N ARG A 97 8.77 -9.81 0.58
CA ARG A 97 7.46 -9.28 0.23
C ARG A 97 7.62 -8.32 -0.95
N PRO A 98 6.70 -8.33 -1.94
CA PRO A 98 6.77 -7.49 -3.13
C PRO A 98 6.94 -6.01 -2.85
N VAL A 99 7.53 -5.30 -3.83
CA VAL A 99 7.85 -3.89 -3.75
C VAL A 99 7.48 -3.18 -5.04
N LEU A 100 7.22 -1.88 -4.96
CA LEU A 100 6.89 -1.03 -6.10
C LEU A 100 7.71 0.25 -6.05
N GLN A 101 8.05 0.82 -7.20
CA GLN A 101 8.80 2.06 -7.27
C GLN A 101 7.90 3.24 -6.89
N LYS A 102 8.50 4.38 -6.51
CA LYS A 102 7.70 5.53 -6.08
C LYS A 102 6.94 6.16 -7.25
N PRO A 103 7.55 6.32 -8.44
CA PRO A 103 6.84 6.73 -9.63
C PRO A 103 5.93 5.59 -10.10
N PHE A 104 4.72 5.92 -10.57
CA PHE A 104 3.79 4.91 -11.06
C PHE A 104 3.76 4.89 -12.58
N THR A 105 3.51 3.71 -13.15
CA THR A 105 3.45 3.49 -14.58
C THR A 105 2.28 2.56 -14.90
N MET A 106 1.90 2.47 -16.18
CA MET A 106 0.75 1.68 -16.57
C MET A 106 0.99 0.20 -16.31
N ASP A 107 2.23 -0.26 -16.50
CA ASP A 107 2.59 -1.65 -16.28
C ASP A 107 2.92 -1.93 -14.82
N GLY A 108 3.41 -0.91 -14.10
CA GLY A 108 3.82 -1.08 -12.71
C GLY A 108 2.62 -1.21 -11.78
N VAL A 109 1.48 -0.62 -12.14
CA VAL A 109 0.28 -0.70 -11.34
C VAL A 109 -0.49 -1.98 -11.66
N ALA A 110 -0.38 -2.48 -12.90
CA ALA A 110 -1.00 -3.74 -13.26
C ALA A 110 -0.21 -4.91 -12.66
N LYS A 111 1.09 -4.70 -12.44
CA LYS A 111 1.95 -5.71 -11.82
C LYS A 111 1.77 -5.68 -10.30
N ALA A 112 1.34 -4.56 -9.74
CA ALA A 112 1.11 -4.45 -8.31
C ALA A 112 -0.16 -5.21 -7.92
N LEU A 113 -1.15 -5.24 -8.82
CA LEU A 113 -2.36 -6.01 -8.59
C LEU A 113 -2.04 -7.49 -8.67
N ALA A 114 -1.19 -7.88 -9.63
CA ALA A 114 -0.82 -9.27 -9.82
C ALA A 114 0.13 -9.76 -8.72
N ALA A 115 0.79 -8.84 -8.01
CA ALA A 115 1.69 -9.20 -6.92
C ALA A 115 0.95 -9.32 -5.59
N LEU A 116 -0.22 -8.67 -5.46
CA LEU A 116 -1.00 -8.70 -4.22
C LEU A 116 -2.02 -9.84 -4.24
N LEU A 117 -2.81 -9.93 -5.32
CA LEU A 117 -3.86 -10.93 -5.47
C LEU A 117 -3.31 -12.34 -5.73
N VAL A 118 -1.98 -12.51 -5.83
CA VAL A 118 -1.36 -13.80 -6.06
C VAL A 118 -0.15 -13.97 -5.14
N MET A 1 -16.43 -16.50 1.49
CA MET A 1 -15.99 -15.85 0.24
C MET A 1 -14.89 -14.84 0.53
N SER A 2 -14.12 -14.48 -0.50
CA SER A 2 -13.04 -13.50 -0.38
C SER A 2 -12.88 -12.73 -1.69
N ALA A 3 -12.23 -11.56 -1.61
CA ALA A 3 -11.99 -10.71 -2.77
C ALA A 3 -10.76 -9.83 -2.53
N LEU A 4 -10.32 -9.13 -3.57
CA LEU A 4 -9.21 -8.18 -3.52
C LEU A 4 -9.54 -6.94 -4.36
N THR A 5 -10.83 -6.62 -4.49
CA THR A 5 -11.29 -5.48 -5.25
C THR A 5 -11.16 -4.18 -4.45
N GLN A 6 -10.83 -4.28 -3.16
CA GLN A 6 -10.76 -3.09 -2.32
C GLN A 6 -9.39 -2.90 -1.69
N ILE A 7 -8.74 -1.80 -2.10
CA ILE A 7 -7.37 -1.49 -1.71
C ILE A 7 -7.32 -0.16 -0.95
N LEU A 8 -6.64 -0.14 0.19
CA LEU A 8 -6.41 1.07 0.96
C LEU A 8 -5.10 1.71 0.51
N ILE A 9 -5.02 3.04 0.50
CA ILE A 9 -3.82 3.76 0.09
C ILE A 9 -3.24 4.49 1.29
N VAL A 10 -1.93 4.34 1.51
CA VAL A 10 -1.22 5.04 2.57
C VAL A 10 -0.11 5.88 1.94
N GLU A 11 -0.20 7.20 2.11
CA GLU A 11 0.64 8.15 1.40
C GLU A 11 1.56 8.94 2.32
N ASP A 12 2.58 9.56 1.72
CA ASP A 12 3.49 10.47 2.39
C ASP A 12 3.60 11.79 1.64
N GLU A 13 2.94 11.88 0.48
CA GLU A 13 2.90 13.08 -0.33
C GLU A 13 1.62 13.07 -1.17
N PRO A 14 0.90 14.21 -1.29
CA PRO A 14 -0.37 14.29 -1.99
C PRO A 14 -0.34 13.84 -3.45
N LEU A 15 0.86 13.78 -4.06
CA LEU A 15 0.98 13.42 -5.46
C LEU A 15 0.92 11.90 -5.66
N ILE A 16 1.22 11.12 -4.62
CA ILE A 16 1.21 9.67 -4.75
C ILE A 16 -0.21 9.15 -4.64
N ALA A 17 -1.03 9.75 -3.76
CA ALA A 17 -2.40 9.32 -3.62
C ALA A 17 -3.23 9.77 -4.82
N MET A 18 -2.78 10.80 -5.53
CA MET A 18 -3.48 11.28 -6.72
C MET A 18 -3.20 10.34 -7.89
N MET A 19 -2.00 9.75 -7.93
CA MET A 19 -1.65 8.83 -9.00
C MET A 19 -2.22 7.44 -8.74
N LEU A 20 -2.40 7.08 -7.46
CA LEU A 20 -3.00 5.81 -7.10
C LEU A 20 -4.50 5.85 -7.35
N GLU A 21 -5.15 7.00 -7.11
CA GLU A 21 -6.57 7.15 -7.37
C GLU A 21 -6.84 7.25 -8.86
N ASP A 22 -5.83 7.63 -9.65
CA ASP A 22 -6.00 7.72 -11.10
C ASP A 22 -6.06 6.34 -11.74
N PHE A 23 -5.19 5.40 -11.31
CA PHE A 23 -5.18 4.08 -11.93
C PHE A 23 -6.24 3.14 -11.35
N LEU A 24 -6.72 3.37 -10.12
CA LEU A 24 -7.75 2.51 -9.56
C LEU A 24 -9.13 2.86 -10.09
N GLU A 25 -9.31 4.09 -10.58
CA GLU A 25 -10.58 4.51 -11.19
C GLU A 25 -10.64 4.12 -12.66
N VAL A 26 -9.49 4.06 -13.35
CA VAL A 26 -9.43 3.71 -14.76
C VAL A 26 -9.39 2.19 -14.96
N LEU A 27 -9.03 1.44 -13.90
CA LEU A 27 -8.90 -0.01 -13.98
C LEU A 27 -10.15 -0.71 -13.41
N ASP A 28 -11.27 0.03 -13.31
CA ASP A 28 -12.52 -0.49 -12.78
C ASP A 28 -12.37 -1.15 -11.40
N LYS A 29 -11.41 -0.64 -10.61
CA LYS A 29 -11.14 -1.12 -9.27
C LYS A 29 -12.07 -0.44 -8.27
N THR A 30 -12.17 -0.96 -7.05
CA THR A 30 -13.04 -0.37 -6.02
C THR A 30 -12.21 0.10 -4.81
N PRO A 31 -11.50 1.22 -4.92
CA PRO A 31 -10.69 1.77 -3.84
C PRO A 31 -11.61 2.18 -2.69
N VAL A 32 -11.06 2.26 -1.47
CA VAL A 32 -11.88 2.48 -0.28
C VAL A 32 -11.48 3.71 0.52
N GLY A 33 -10.29 4.28 0.27
CA GLY A 33 -9.90 5.50 0.97
C GLY A 33 -8.41 5.79 0.87
N THR A 34 -8.01 6.92 1.46
CA THR A 34 -6.62 7.37 1.53
C THR A 34 -6.33 7.85 2.95
N VAL A 35 -5.15 7.56 3.48
CA VAL A 35 -4.76 7.99 4.82
C VAL A 35 -3.32 8.46 4.83
N ASP A 36 -3.02 9.45 5.69
CA ASP A 36 -1.71 10.10 5.75
C ASP A 36 -0.79 9.43 6.76
N THR A 37 -1.25 8.35 7.42
CA THR A 37 -0.45 7.61 8.39
C THR A 37 -0.94 6.17 8.48
N VAL A 38 -0.07 5.27 8.95
CA VAL A 38 -0.40 3.87 9.08
C VAL A 38 -1.40 3.63 10.21
N ALA A 39 -1.48 4.56 11.17
CA ALA A 39 -2.44 4.45 12.26
C ALA A 39 -3.86 4.66 11.72
N GLY A 40 -3.99 5.40 10.62
CA GLY A 40 -5.28 5.62 9.99
C GLY A 40 -5.69 4.43 9.14
N ALA A 41 -4.72 3.62 8.68
CA ALA A 41 -5.02 2.45 7.89
C ALA A 41 -5.62 1.36 8.78
N LEU A 42 -5.15 1.28 10.03
CA LEU A 42 -5.67 0.31 10.99
C LEU A 42 -7.05 0.73 11.43
N ALA A 43 -7.28 2.04 11.60
CA ALA A 43 -8.56 2.57 12.04
C ALA A 43 -9.65 2.41 10.98
N ARG A 44 -9.27 2.32 9.70
CA ARG A 44 -10.24 2.13 8.62
C ARG A 44 -10.55 0.66 8.40
N VAL A 45 -9.65 -0.25 8.81
CA VAL A 45 -9.91 -1.68 8.77
C VAL A 45 -10.77 -2.08 9.96
N GLU A 46 -10.66 -1.34 11.07
CA GLU A 46 -11.43 -1.60 12.27
C GLU A 46 -12.84 -0.98 12.18
N ASP A 47 -13.05 -0.08 11.21
CA ASP A 47 -14.31 0.63 11.04
C ASP A 47 -15.10 0.14 9.83
N GLY A 48 -14.46 -0.63 8.94
CA GLY A 48 -15.11 -1.14 7.74
C GLY A 48 -14.29 -2.22 7.07
N GLY A 49 -14.91 -2.96 6.14
CA GLY A 49 -14.25 -4.05 5.44
C GLY A 49 -13.29 -3.53 4.36
N ILE A 50 -12.10 -4.13 4.31
CA ILE A 50 -11.07 -3.81 3.33
C ILE A 50 -10.36 -5.12 2.98
N ASP A 51 -9.90 -5.28 1.74
CA ASP A 51 -9.33 -6.55 1.30
C ASP A 51 -7.81 -6.52 1.28
N ALA A 52 -7.20 -5.36 1.01
CA ALA A 52 -5.76 -5.21 0.99
C ALA A 52 -5.37 -3.74 1.11
N ALA A 53 -4.07 -3.45 1.24
CA ALA A 53 -3.60 -2.07 1.35
C ALA A 53 -2.21 -1.91 0.72
N ILE A 54 -1.87 -0.67 0.35
CA ILE A 54 -0.56 -0.31 -0.15
C ILE A 54 0.09 0.63 0.86
N LEU A 55 1.32 0.32 1.28
CA LEU A 55 2.01 1.05 2.32
C LEU A 55 3.26 1.72 1.77
N ASP A 56 3.34 3.06 1.84
CA ASP A 56 4.59 3.72 1.52
C ASP A 56 5.53 3.57 2.73
N VAL A 57 6.83 3.45 2.50
CA VAL A 57 7.79 3.19 3.58
C VAL A 57 8.09 4.44 4.39
N ASN A 58 7.68 5.62 3.91
CA ASN A 58 7.89 6.86 4.64
C ASN A 58 6.76 7.04 5.65
N LEU A 59 7.09 7.53 6.85
CA LEU A 59 6.11 7.71 7.92
C LEU A 59 6.51 8.86 8.82
N ARG A 60 5.50 9.54 9.40
CA ARG A 60 5.69 10.68 10.27
C ARG A 60 6.02 10.25 11.69
N GLY A 61 6.74 11.10 12.43
CA GLY A 61 7.11 10.83 13.81
C GLY A 61 8.28 9.85 13.94
N GLY A 62 8.90 9.49 12.81
CA GLY A 62 10.01 8.55 12.79
C GLY A 62 10.61 8.46 11.40
N GLU A 63 11.53 7.51 11.19
CA GLU A 63 12.18 7.29 9.90
C GLU A 63 12.04 5.84 9.47
N LYS A 64 11.61 5.64 8.21
CA LYS A 64 11.43 4.32 7.59
C LYS A 64 10.59 3.38 8.46
N SER A 65 10.63 2.08 8.09
CA SER A 65 9.90 1.00 8.75
C SER A 65 8.38 1.15 8.68
N THR A 66 7.68 0.01 8.78
CA THR A 66 6.22 -0.06 8.70
C THR A 66 5.72 -1.18 9.62
N PRO A 67 5.89 -1.02 10.94
CA PRO A 67 5.58 -2.07 11.90
C PRO A 67 4.08 -2.31 12.06
N VAL A 68 3.24 -1.42 11.51
CA VAL A 68 1.79 -1.57 11.58
C VAL A 68 1.28 -2.48 10.46
N ALA A 69 2.09 -2.71 9.43
CA ALA A 69 1.68 -3.61 8.36
C ALA A 69 1.55 -5.03 8.88
N GLU A 70 2.31 -5.37 9.93
CA GLU A 70 2.30 -6.70 10.52
C GLU A 70 1.03 -6.90 11.35
N ALA A 71 0.35 -5.81 11.73
CA ALA A 71 -0.92 -5.90 12.43
C ALA A 71 -2.02 -6.16 11.41
N LEU A 72 -1.86 -5.67 10.18
CA LEU A 72 -2.80 -5.96 9.12
C LEU A 72 -2.64 -7.43 8.71
N ALA A 73 -1.41 -7.95 8.77
CA ALA A 73 -1.17 -9.36 8.46
C ALA A 73 -1.69 -10.26 9.57
N ALA A 74 -1.84 -9.71 10.78
CA ALA A 74 -2.45 -10.44 11.89
C ALA A 74 -3.97 -10.44 11.75
N ARG A 75 -4.49 -9.54 10.91
CA ARG A 75 -5.91 -9.50 10.55
C ARG A 75 -6.14 -10.17 9.20
N ASP A 76 -5.17 -10.95 8.73
CA ASP A 76 -5.22 -11.68 7.46
C ASP A 76 -5.39 -10.78 6.24
N ILE A 77 -4.94 -9.52 6.33
CA ILE A 77 -4.96 -8.59 5.20
C ILE A 77 -3.55 -8.43 4.65
N PRO A 78 -3.34 -8.72 3.36
CA PRO A 78 -2.04 -8.60 2.71
C PRO A 78 -1.70 -7.14 2.41
N PHE A 79 -0.41 -6.85 2.21
CA PHE A 79 0.07 -5.51 1.93
C PHE A 79 1.28 -5.54 1.00
N VAL A 80 1.60 -4.38 0.41
CA VAL A 80 2.74 -4.21 -0.46
C VAL A 80 3.45 -2.91 -0.11
N PHE A 81 4.78 -2.86 -0.20
CA PHE A 81 5.55 -1.67 0.11
C PHE A 81 5.75 -0.80 -1.12
N ALA A 82 5.98 0.51 -0.90
CA ALA A 82 6.31 1.44 -1.96
C ALA A 82 7.40 2.40 -1.48
N THR A 83 8.42 2.61 -2.30
CA THR A 83 9.58 3.41 -1.92
C THR A 83 10.27 4.00 -3.15
N GLY A 84 11.20 4.93 -2.92
CA GLY A 84 12.00 5.53 -3.98
C GLY A 84 13.37 5.90 -3.44
N GLY A 85 14.42 5.30 -4.00
CA GLY A 85 15.79 5.50 -3.56
C GLY A 85 16.61 4.25 -3.83
N SER A 86 17.68 4.05 -3.05
CA SER A 86 18.51 2.86 -3.15
C SER A 86 17.77 1.64 -2.62
N ASP A 87 18.24 0.44 -2.98
CA ASP A 87 17.61 -0.81 -2.57
C ASP A 87 18.26 -1.40 -1.32
N ASP A 88 19.31 -0.75 -0.81
CA ASP A 88 20.06 -1.23 0.34
C ASP A 88 19.67 -0.49 1.62
N SER A 89 18.71 0.45 1.51
CA SER A 89 18.26 1.25 2.65
C SER A 89 17.12 0.56 3.40
N VAL A 90 16.78 -0.67 3.02
CA VAL A 90 15.68 -1.42 3.62
C VAL A 90 16.14 -2.75 4.19
N ASP A 91 15.40 -3.26 5.18
CA ASP A 91 15.68 -4.51 5.86
C ASP A 91 15.25 -5.73 5.03
N SER A 92 15.62 -6.93 5.48
CA SER A 92 15.34 -8.17 4.78
C SER A 92 13.84 -8.42 4.61
N ARG A 93 12.99 -7.75 5.40
CA ARG A 93 11.54 -7.91 5.24
C ARG A 93 11.05 -7.21 3.98
N PHE A 94 11.79 -6.20 3.50
CA PHE A 94 11.46 -5.51 2.26
C PHE A 94 12.05 -6.29 1.08
N ARG A 95 13.04 -7.15 1.38
CA ARG A 95 13.65 -8.03 0.39
C ARG A 95 12.88 -9.34 0.26
N ASP A 96 11.95 -9.59 1.19
CA ASP A 96 11.12 -10.80 1.19
C ASP A 96 9.67 -10.47 0.79
N ARG A 97 9.30 -9.19 0.81
CA ARG A 97 7.99 -8.73 0.39
C ARG A 97 8.12 -7.96 -0.93
N PRO A 98 7.04 -7.87 -1.72
CA PRO A 98 7.03 -7.12 -2.97
C PRO A 98 7.20 -5.63 -2.70
N VAL A 99 7.77 -4.91 -3.66
CA VAL A 99 8.05 -3.48 -3.55
C VAL A 99 7.64 -2.76 -4.84
N LEU A 100 7.35 -1.46 -4.71
CA LEU A 100 6.90 -0.62 -5.80
C LEU A 100 7.63 0.72 -5.77
N GLN A 101 7.69 1.39 -6.92
CA GLN A 101 8.21 2.74 -7.01
C GLN A 101 7.12 3.74 -6.59
N LYS A 102 7.49 4.96 -6.20
CA LYS A 102 6.52 5.94 -5.75
C LYS A 102 5.62 6.43 -6.89
N PRO A 103 6.16 6.91 -8.03
CA PRO A 103 5.35 7.29 -9.16
C PRO A 103 4.82 6.04 -9.87
N PHE A 104 3.58 6.08 -10.34
CA PHE A 104 2.97 4.94 -11.02
C PHE A 104 2.87 5.15 -12.52
N THR A 105 2.75 4.04 -13.24
CA THR A 105 2.53 4.01 -14.68
C THR A 105 1.50 2.94 -14.97
N MET A 106 0.91 2.94 -16.17
CA MET A 106 -0.15 1.99 -16.50
C MET A 106 0.40 0.55 -16.51
N ASP A 107 1.68 0.40 -16.83
CA ASP A 107 2.32 -0.91 -16.84
C ASP A 107 2.81 -1.27 -15.43
N GLY A 108 3.16 -0.27 -14.62
CA GLY A 108 3.69 -0.49 -13.29
C GLY A 108 2.58 -0.83 -12.29
N VAL A 109 1.37 -0.34 -12.52
CA VAL A 109 0.25 -0.63 -11.62
C VAL A 109 -0.36 -1.99 -11.98
N ALA A 110 -0.20 -2.44 -13.22
CA ALA A 110 -0.69 -3.74 -13.63
C ALA A 110 0.17 -4.84 -12.98
N LYS A 111 1.44 -4.53 -12.71
CA LYS A 111 2.34 -5.46 -12.03
C LYS A 111 2.18 -5.35 -10.52
N ALA A 112 1.66 -4.23 -10.02
CA ALA A 112 1.45 -4.05 -8.59
C ALA A 112 0.27 -4.91 -8.12
N LEU A 113 -0.81 -4.95 -8.92
CA LEU A 113 -1.96 -5.75 -8.57
C LEU A 113 -1.71 -7.22 -8.90
N ALA A 114 -0.85 -7.50 -9.89
CA ALA A 114 -0.51 -8.88 -10.21
C ALA A 114 0.41 -9.48 -9.14
N ALA A 115 1.07 -8.62 -8.33
CA ALA A 115 1.89 -9.08 -7.23
C ALA A 115 1.06 -9.23 -5.95
N LEU A 116 -0.08 -8.54 -5.86
CA LEU A 116 -0.94 -8.60 -4.68
C LEU A 116 -2.00 -9.70 -4.83
N LEU A 117 -2.74 -9.69 -5.94
CA LEU A 117 -3.81 -10.64 -6.22
C LEU A 117 -3.30 -12.04 -6.55
N VAL A 118 -1.98 -12.28 -6.47
CA VAL A 118 -1.39 -13.60 -6.73
C VAL A 118 -0.39 -13.95 -5.65
N MET A 1 -12.94 -19.43 -3.70
CA MET A 1 -12.11 -18.40 -4.34
C MET A 1 -12.19 -17.09 -3.54
N SER A 2 -11.09 -16.32 -3.54
CA SER A 2 -11.03 -15.04 -2.84
C SER A 2 -10.15 -14.06 -3.63
N ALA A 3 -10.36 -12.76 -3.38
CA ALA A 3 -9.63 -11.70 -4.06
C ALA A 3 -9.53 -10.46 -3.16
N LEU A 4 -8.71 -9.50 -3.57
CA LEU A 4 -8.49 -8.27 -2.83
C LEU A 4 -8.47 -7.09 -3.78
N THR A 5 -9.62 -6.79 -4.38
CA THR A 5 -9.76 -5.65 -5.28
C THR A 5 -9.79 -4.35 -4.49
N GLN A 6 -10.06 -4.43 -3.18
CA GLN A 6 -10.30 -3.25 -2.39
C GLN A 6 -9.08 -2.92 -1.54
N ILE A 7 -8.35 -1.89 -1.98
CA ILE A 7 -7.06 -1.56 -1.42
C ILE A 7 -7.06 -0.17 -0.78
N LEU A 8 -6.57 -0.09 0.47
CA LEU A 8 -6.46 1.16 1.21
C LEU A 8 -5.09 1.79 0.91
N ILE A 9 -5.08 3.06 0.55
CA ILE A 9 -3.86 3.79 0.25
C ILE A 9 -3.39 4.53 1.50
N VAL A 10 -2.11 4.38 1.86
CA VAL A 10 -1.54 5.02 3.05
C VAL A 10 -0.24 5.72 2.66
N GLU A 11 -0.29 7.05 2.54
CA GLU A 11 0.84 7.85 2.12
C GLU A 11 0.69 9.29 2.60
N ASP A 12 1.79 9.93 2.99
CA ASP A 12 1.76 11.28 3.56
C ASP A 12 1.98 12.35 2.49
N GLU A 13 2.31 11.95 1.27
CA GLU A 13 2.51 12.88 0.16
C GLU A 13 1.23 12.90 -0.70
N PRO A 14 0.42 13.96 -0.60
CA PRO A 14 -0.87 14.01 -1.27
C PRO A 14 -0.73 14.11 -2.78
N LEU A 15 0.46 14.49 -3.29
CA LEU A 15 0.67 14.60 -4.72
C LEU A 15 0.85 13.21 -5.33
N ILE A 16 1.58 12.33 -4.64
CA ILE A 16 1.83 10.98 -5.13
C ILE A 16 0.70 10.04 -4.70
N ALA A 17 0.01 10.37 -3.61
CA ALA A 17 -1.12 9.58 -3.16
C ALA A 17 -2.28 9.76 -4.13
N MET A 18 -2.49 10.98 -4.63
CA MET A 18 -3.54 11.26 -5.60
C MET A 18 -3.13 10.72 -6.97
N MET A 19 -1.82 10.64 -7.24
CA MET A 19 -1.32 10.09 -8.48
C MET A 19 -1.66 8.60 -8.58
N LEU A 20 -1.69 7.89 -7.45
CA LEU A 20 -2.05 6.48 -7.48
C LEU A 20 -3.55 6.32 -7.61
N GLU A 21 -4.33 7.27 -7.08
CA GLU A 21 -5.78 7.21 -7.22
C GLU A 21 -6.18 7.47 -8.68
N ASP A 22 -5.32 8.11 -9.46
CA ASP A 22 -5.59 8.28 -10.88
C ASP A 22 -5.38 6.95 -11.60
N PHE A 23 -4.33 6.20 -11.23
CA PHE A 23 -4.12 4.89 -11.82
C PHE A 23 -5.11 3.87 -11.27
N LEU A 24 -5.81 4.18 -10.18
CA LEU A 24 -6.79 3.28 -9.61
C LEU A 24 -8.08 3.33 -10.42
N GLU A 25 -8.34 4.47 -11.08
CA GLU A 25 -9.50 4.61 -11.95
C GLU A 25 -9.19 4.06 -13.34
N VAL A 26 -7.92 4.03 -13.73
CA VAL A 26 -7.49 3.44 -15.00
C VAL A 26 -7.41 1.92 -14.85
N LEU A 27 -7.31 1.43 -13.62
CA LEU A 27 -7.25 0.00 -13.34
C LEU A 27 -8.65 -0.60 -13.20
N ASP A 28 -9.69 0.25 -13.23
CA ASP A 28 -11.09 -0.15 -13.12
C ASP A 28 -11.36 -1.00 -11.87
N LYS A 29 -10.54 -0.82 -10.82
CA LYS A 29 -10.66 -1.57 -9.58
C LYS A 29 -11.57 -0.82 -8.60
N THR A 30 -11.70 -1.33 -7.37
CA THR A 30 -12.63 -0.77 -6.40
C THR A 30 -11.87 -0.07 -5.27
N PRO A 31 -12.08 1.24 -5.08
CA PRO A 31 -11.44 2.03 -4.03
C PRO A 31 -12.16 1.84 -2.69
N VAL A 32 -11.50 2.23 -1.60
CA VAL A 32 -12.11 2.19 -0.27
C VAL A 32 -11.76 3.42 0.56
N GLY A 33 -10.58 4.02 0.34
CA GLY A 33 -10.19 5.22 1.05
C GLY A 33 -8.70 5.51 0.94
N THR A 34 -8.30 6.67 1.46
CA THR A 34 -6.91 7.08 1.53
C THR A 34 -6.67 7.79 2.87
N VAL A 35 -5.50 7.56 3.46
CA VAL A 35 -5.14 8.16 4.74
C VAL A 35 -3.66 8.58 4.73
N ASP A 36 -3.31 9.54 5.61
CA ASP A 36 -1.96 10.08 5.67
C ASP A 36 -1.13 9.43 6.79
N THR A 37 -1.74 8.54 7.57
CA THR A 37 -1.05 7.81 8.64
C THR A 37 -1.59 6.39 8.70
N VAL A 38 -0.79 5.47 9.26
CA VAL A 38 -1.21 4.07 9.39
C VAL A 38 -2.24 3.91 10.50
N ALA A 39 -2.28 4.85 11.45
CA ALA A 39 -3.26 4.80 12.53
C ALA A 39 -4.67 5.02 11.97
N GLY A 40 -4.77 5.75 10.86
CA GLY A 40 -6.04 5.96 10.18
C GLY A 40 -6.45 4.72 9.39
N ALA A 41 -5.47 3.87 9.06
CA ALA A 41 -5.75 2.63 8.34
C ALA A 41 -6.24 1.57 9.31
N LEU A 42 -5.80 1.61 10.57
CA LEU A 42 -6.26 0.68 11.58
C LEU A 42 -7.69 1.00 11.99
N ALA A 43 -8.07 2.29 11.99
CA ALA A 43 -9.40 2.70 12.36
C ALA A 43 -10.39 2.46 11.21
N ARG A 44 -9.91 2.43 9.96
CA ARG A 44 -10.77 2.20 8.81
C ARG A 44 -10.93 0.71 8.51
N VAL A 45 -9.90 -0.11 8.80
CA VAL A 45 -9.97 -1.54 8.50
C VAL A 45 -10.70 -2.32 9.57
N GLU A 46 -10.79 -1.77 10.79
CA GLU A 46 -11.50 -2.42 11.88
C GLU A 46 -13.02 -2.37 11.64
N ASP A 47 -13.45 -1.52 10.71
CA ASP A 47 -14.86 -1.39 10.33
C ASP A 47 -15.20 -2.38 9.20
N GLY A 48 -14.19 -2.97 8.58
CA GLY A 48 -14.36 -3.87 7.45
C GLY A 48 -14.54 -3.10 6.14
N GLY A 49 -14.96 -3.80 5.09
CA GLY A 49 -15.18 -3.18 3.78
C GLY A 49 -13.86 -2.98 3.02
N ILE A 50 -12.77 -3.61 3.48
CA ILE A 50 -11.46 -3.53 2.86
C ILE A 50 -10.86 -4.93 2.79
N ASP A 51 -10.09 -5.22 1.73
CA ASP A 51 -9.49 -6.54 1.54
C ASP A 51 -7.98 -6.51 1.81
N ALA A 52 -7.33 -5.37 1.56
CA ALA A 52 -5.90 -5.20 1.81
C ALA A 52 -5.52 -3.73 1.81
N ALA A 53 -4.25 -3.42 2.07
CA ALA A 53 -3.77 -2.04 2.10
C ALA A 53 -2.33 -1.93 1.58
N ILE A 54 -1.90 -0.69 1.27
CA ILE A 54 -0.55 -0.42 0.82
C ILE A 54 0.06 0.66 1.71
N LEU A 55 1.30 0.42 2.17
CA LEU A 55 2.00 1.34 3.05
C LEU A 55 3.17 1.98 2.32
N ASP A 56 3.41 3.27 2.57
CA ASP A 56 4.56 3.98 2.02
C ASP A 56 5.59 4.21 3.14
N VAL A 57 6.85 4.45 2.76
CA VAL A 57 7.92 4.64 3.75
C VAL A 57 8.10 6.09 4.16
N ASN A 58 7.47 7.04 3.45
CA ASN A 58 7.65 8.46 3.70
C ASN A 58 6.62 9.00 4.69
N LEU A 59 5.98 8.13 5.47
CA LEU A 59 4.99 8.56 6.46
C LEU A 59 5.63 9.42 7.53
N ARG A 60 4.86 10.38 8.07
CA ARG A 60 5.34 11.30 9.09
C ARG A 60 5.30 10.69 10.48
N GLY A 61 6.20 11.17 11.35
CA GLY A 61 6.28 10.73 12.74
C GLY A 61 7.72 10.77 13.24
N GLY A 62 7.90 10.89 14.56
CA GLY A 62 9.23 10.90 15.17
C GLY A 62 9.77 9.48 15.33
N GLU A 63 8.91 8.47 15.18
CA GLU A 63 9.27 7.07 15.26
C GLU A 63 8.81 6.34 13.99
N LYS A 64 9.46 5.23 13.66
CA LYS A 64 9.11 4.44 12.48
C LYS A 64 7.73 3.81 12.68
N SER A 65 6.97 3.68 11.59
CA SER A 65 5.60 3.14 11.63
C SER A 65 5.42 1.94 10.72
N THR A 66 6.51 1.48 10.07
CA THR A 66 6.47 0.33 9.18
C THR A 66 6.10 -0.97 9.92
N PRO A 67 6.53 -1.18 11.18
CA PRO A 67 6.18 -2.36 11.94
C PRO A 67 4.68 -2.55 12.13
N VAL A 68 3.87 -1.53 11.85
CA VAL A 68 2.42 -1.63 12.01
C VAL A 68 1.81 -2.47 10.89
N ALA A 69 2.54 -2.67 9.78
CA ALA A 69 2.06 -3.51 8.70
C ALA A 69 2.01 -4.96 9.17
N GLU A 70 2.84 -5.32 10.16
CA GLU A 70 2.87 -6.67 10.69
C GLU A 70 1.72 -6.88 11.66
N ALA A 71 1.12 -5.79 12.15
CA ALA A 71 -0.08 -5.87 12.96
C ALA A 71 -1.29 -6.11 12.05
N LEU A 72 -1.20 -5.72 10.77
CA LEU A 72 -2.21 -6.06 9.79
C LEU A 72 -2.10 -7.54 9.45
N ALA A 73 -0.88 -8.09 9.52
CA ALA A 73 -0.66 -9.51 9.28
C ALA A 73 -1.14 -10.32 10.47
N ALA A 74 -1.22 -9.70 11.66
CA ALA A 74 -1.79 -10.34 12.84
C ALA A 74 -3.33 -10.36 12.74
N ARG A 75 -3.88 -9.47 11.91
CA ARG A 75 -5.30 -9.44 11.58
C ARG A 75 -5.59 -10.27 10.33
N ASP A 76 -4.58 -11.00 9.85
CA ASP A 76 -4.67 -11.84 8.66
C ASP A 76 -5.05 -11.04 7.39
N ILE A 77 -4.63 -9.78 7.33
CA ILE A 77 -4.85 -8.93 6.16
C ILE A 77 -3.51 -8.65 5.48
N PRO A 78 -3.39 -8.92 4.17
CA PRO A 78 -2.16 -8.74 3.41
C PRO A 78 -1.92 -7.28 3.08
N PHE A 79 -0.67 -6.95 2.73
CA PHE A 79 -0.29 -5.60 2.40
C PHE A 79 0.91 -5.59 1.45
N VAL A 80 1.23 -4.40 0.92
CA VAL A 80 2.35 -4.18 0.02
C VAL A 80 3.05 -2.88 0.40
N PHE A 81 4.37 -2.80 0.16
CA PHE A 81 5.13 -1.60 0.45
C PHE A 81 5.24 -0.70 -0.78
N ALA A 82 5.61 0.57 -0.55
CA ALA A 82 5.89 1.52 -1.61
C ALA A 82 7.09 2.37 -1.21
N THR A 83 8.09 2.46 -2.09
CA THR A 83 9.33 3.18 -1.81
C THR A 83 10.06 3.51 -3.11
N GLY A 84 11.10 4.34 -3.03
CA GLY A 84 11.92 4.70 -4.17
C GLY A 84 13.35 4.99 -3.69
N GLY A 85 14.33 4.42 -4.40
CA GLY A 85 15.74 4.55 -4.06
C GLY A 85 16.52 3.31 -4.51
N SER A 86 17.70 3.10 -3.93
CA SER A 86 18.50 1.92 -4.24
C SER A 86 17.87 0.68 -3.61
N ASP A 87 18.04 -0.48 -4.25
CA ASP A 87 17.45 -1.73 -3.78
C ASP A 87 18.20 -2.29 -2.56
N ASP A 88 19.33 -1.68 -2.19
CA ASP A 88 20.11 -2.10 -1.05
C ASP A 88 20.04 -1.08 0.10
N SER A 89 19.22 -0.04 -0.09
CA SER A 89 19.04 1.02 0.90
C SER A 89 17.78 0.79 1.73
N VAL A 90 17.20 -0.41 1.61
CA VAL A 90 15.95 -0.76 2.27
C VAL A 90 16.15 -2.03 3.12
N ASP A 91 15.36 -2.21 4.17
CA ASP A 91 15.51 -3.31 5.11
C ASP A 91 15.04 -4.65 4.52
N SER A 92 15.51 -5.75 5.11
CA SER A 92 15.24 -7.09 4.61
C SER A 92 13.74 -7.44 4.64
N ARG A 93 12.94 -6.70 5.41
CA ARG A 93 11.50 -6.95 5.46
C ARG A 93 10.87 -6.57 4.11
N PHE A 94 11.47 -5.63 3.39
CA PHE A 94 11.01 -5.25 2.06
C PHE A 94 11.61 -6.19 1.02
N ARG A 95 12.71 -6.85 1.37
CA ARG A 95 13.35 -7.82 0.49
C ARG A 95 12.68 -9.19 0.61
N ASP A 96 11.78 -9.34 1.58
CA ASP A 96 11.07 -10.60 1.81
C ASP A 96 9.55 -10.44 1.64
N ARG A 97 9.05 -9.21 1.51
CA ARG A 97 7.63 -8.94 1.30
C ARG A 97 7.43 -8.09 0.04
N PRO A 98 6.24 -8.14 -0.57
CA PRO A 98 5.92 -7.39 -1.78
C PRO A 98 6.17 -5.89 -1.62
N VAL A 99 6.63 -5.25 -2.70
CA VAL A 99 6.96 -3.83 -2.71
C VAL A 99 6.75 -3.26 -4.12
N LEU A 100 6.48 -1.96 -4.21
CA LEU A 100 6.24 -1.26 -5.46
C LEU A 100 7.10 0.01 -5.51
N GLN A 101 7.39 0.49 -6.72
CA GLN A 101 8.21 1.67 -6.94
C GLN A 101 7.42 2.95 -6.60
N LYS A 102 8.13 4.07 -6.50
CA LYS A 102 7.52 5.35 -6.13
C LYS A 102 6.74 5.97 -7.29
N PRO A 103 7.27 6.04 -8.52
CA PRO A 103 6.52 6.47 -9.69
C PRO A 103 5.65 5.32 -10.19
N PHE A 104 4.66 5.64 -11.05
CA PHE A 104 3.76 4.64 -11.60
C PHE A 104 3.58 4.83 -13.11
N THR A 105 3.16 3.76 -13.79
CA THR A 105 2.82 3.77 -15.21
C THR A 105 1.62 2.87 -15.41
N MET A 106 0.89 3.05 -16.52
CA MET A 106 -0.32 2.26 -16.75
C MET A 106 0.01 0.78 -16.94
N ASP A 107 1.22 0.48 -17.43
CA ASP A 107 1.67 -0.89 -17.60
C ASP A 107 2.25 -1.43 -16.29
N GLY A 108 2.74 -0.54 -15.43
CA GLY A 108 3.35 -0.93 -14.17
C GLY A 108 2.29 -1.30 -13.14
N VAL A 109 1.18 -0.55 -13.08
CA VAL A 109 0.09 -0.86 -12.16
C VAL A 109 -0.70 -2.07 -12.63
N ALA A 110 -0.65 -2.40 -13.92
CA ALA A 110 -1.33 -3.58 -14.44
C ALA A 110 -0.54 -4.85 -14.11
N LYS A 111 0.79 -4.74 -14.05
CA LYS A 111 1.64 -5.86 -13.69
C LYS A 111 1.70 -6.01 -12.18
N ALA A 112 1.59 -4.90 -11.44
CA ALA A 112 1.58 -4.94 -10.00
C ALA A 112 0.24 -5.47 -9.49
N LEU A 113 -0.84 -5.30 -10.28
CA LEU A 113 -2.14 -5.85 -9.92
C LEU A 113 -2.13 -7.36 -10.10
N ALA A 114 -1.51 -7.84 -11.18
CA ALA A 114 -1.45 -9.28 -11.43
C ALA A 114 -0.64 -9.99 -10.35
N ALA A 115 0.31 -9.30 -9.72
CA ALA A 115 1.10 -9.86 -8.63
C ALA A 115 0.43 -9.65 -7.27
N LEU A 116 -0.49 -8.69 -7.16
CA LEU A 116 -1.13 -8.34 -5.90
C LEU A 116 -2.44 -9.10 -5.68
N LEU A 117 -3.23 -9.30 -6.74
CA LEU A 117 -4.58 -9.82 -6.62
C LEU A 117 -4.63 -11.33 -6.38
N VAL A 118 -3.50 -12.02 -6.54
CA VAL A 118 -3.42 -13.47 -6.35
C VAL A 118 -2.10 -13.85 -5.65
N MET A 1 -12.57 -14.44 3.70
CA MET A 1 -12.03 -13.32 4.52
C MET A 1 -12.13 -12.01 3.75
N SER A 2 -11.50 -11.91 2.58
CA SER A 2 -11.51 -10.71 1.76
C SER A 2 -11.74 -11.05 0.29
N ALA A 3 -12.12 -10.05 -0.49
CA ALA A 3 -12.43 -10.22 -1.91
C ALA A 3 -11.41 -9.51 -2.81
N LEU A 4 -10.49 -8.77 -2.21
CA LEU A 4 -9.50 -7.98 -2.93
C LEU A 4 -10.12 -7.12 -4.02
N THR A 5 -11.28 -6.52 -3.72
CA THR A 5 -11.94 -5.57 -4.60
C THR A 5 -11.81 -4.15 -4.07
N GLN A 6 -11.33 -3.99 -2.83
CA GLN A 6 -11.22 -2.69 -2.20
C GLN A 6 -9.87 -2.50 -1.52
N ILE A 7 -9.13 -1.49 -1.96
CA ILE A 7 -7.76 -1.25 -1.53
C ILE A 7 -7.63 0.12 -0.88
N LEU A 8 -6.99 0.18 0.29
CA LEU A 8 -6.72 1.42 1.00
C LEU A 8 -5.38 1.98 0.52
N ILE A 9 -5.26 3.30 0.40
CA ILE A 9 -4.05 3.95 -0.06
C ILE A 9 -3.41 4.74 1.08
N VAL A 10 -2.09 4.60 1.25
CA VAL A 10 -1.34 5.32 2.27
C VAL A 10 -0.10 5.93 1.64
N GLU A 11 -0.04 7.26 1.62
CA GLU A 11 1.01 8.00 0.91
C GLU A 11 1.36 9.28 1.69
N ASP A 12 2.56 9.83 1.48
CA ASP A 12 3.04 10.97 2.24
C ASP A 12 3.05 12.28 1.45
N GLU A 13 2.62 12.25 0.18
CA GLU A 13 2.55 13.46 -0.64
C GLU A 13 1.29 13.44 -1.49
N PRO A 14 0.49 14.53 -1.48
CA PRO A 14 -0.77 14.61 -2.22
C PRO A 14 -0.62 14.37 -3.72
N LEU A 15 0.56 14.67 -4.29
CA LEU A 15 0.77 14.50 -5.72
C LEU A 15 0.80 13.01 -6.06
N ILE A 16 1.50 12.21 -5.25
CA ILE A 16 1.58 10.78 -5.47
C ILE A 16 0.29 10.09 -5.01
N ALA A 17 -0.41 10.70 -4.04
CA ALA A 17 -1.63 10.13 -3.52
C ALA A 17 -2.76 10.21 -4.54
N MET A 18 -2.85 11.33 -5.28
CA MET A 18 -3.87 11.49 -6.30
C MET A 18 -3.52 10.69 -7.53
N MET A 19 -2.23 10.44 -7.76
CA MET A 19 -1.79 9.61 -8.87
C MET A 19 -2.03 8.13 -8.54
N LEU A 20 -2.10 7.81 -7.24
CA LEU A 20 -2.39 6.45 -6.79
C LEU A 20 -3.84 6.12 -7.07
N GLU A 21 -4.73 7.11 -6.93
CA GLU A 21 -6.14 6.92 -7.22
C GLU A 21 -6.39 6.90 -8.73
N ASP A 22 -5.46 7.46 -9.51
CA ASP A 22 -5.58 7.45 -10.96
C ASP A 22 -5.35 6.03 -11.50
N PHE A 23 -4.34 5.32 -10.96
CA PHE A 23 -4.10 3.94 -11.38
C PHE A 23 -5.18 3.01 -10.80
N LEU A 24 -5.84 3.41 -9.71
CA LEU A 24 -6.91 2.61 -9.14
C LEU A 24 -8.13 2.63 -10.07
N GLU A 25 -8.25 3.66 -10.90
CA GLU A 25 -9.35 3.78 -11.85
C GLU A 25 -9.02 3.01 -13.14
N VAL A 26 -7.73 2.90 -13.47
CA VAL A 26 -7.30 2.13 -14.65
C VAL A 26 -7.48 0.64 -14.40
N LEU A 27 -7.50 0.23 -13.13
CA LEU A 27 -7.72 -1.16 -12.75
C LEU A 27 -9.19 -1.46 -12.51
N ASP A 28 -10.08 -0.48 -12.78
CA ASP A 28 -11.51 -0.61 -12.55
C ASP A 28 -11.82 -1.11 -11.14
N LYS A 29 -11.01 -0.68 -10.16
CA LYS A 29 -11.09 -1.12 -8.78
C LYS A 29 -12.10 -0.29 -8.00
N THR A 30 -12.63 -0.84 -6.91
CA THR A 30 -13.55 -0.12 -6.04
C THR A 30 -12.74 0.58 -4.94
N PRO A 31 -12.83 1.92 -4.85
CA PRO A 31 -12.11 2.70 -3.86
C PRO A 31 -12.77 2.63 -2.49
N VAL A 32 -12.03 2.99 -1.45
CA VAL A 32 -12.56 3.05 -0.09
C VAL A 32 -12.07 4.29 0.64
N GLY A 33 -10.85 4.75 0.35
CA GLY A 33 -10.31 5.96 0.95
C GLY A 33 -8.81 6.08 0.76
N THR A 34 -8.27 7.20 1.22
CA THR A 34 -6.83 7.47 1.23
C THR A 34 -6.48 8.18 2.53
N VAL A 35 -5.33 7.87 3.11
CA VAL A 35 -4.90 8.47 4.37
C VAL A 35 -3.44 8.90 4.31
N ASP A 36 -3.07 9.87 5.14
CA ASP A 36 -1.73 10.43 5.18
C ASP A 36 -0.91 9.85 6.33
N THR A 37 -1.48 8.93 7.10
CA THR A 37 -0.80 8.28 8.22
C THR A 37 -1.09 6.79 8.21
N VAL A 38 -0.18 5.99 8.79
CA VAL A 38 -0.33 4.54 8.83
C VAL A 38 -1.28 4.12 9.96
N ALA A 39 -1.45 4.98 10.98
CA ALA A 39 -2.31 4.66 12.09
C ALA A 39 -3.78 4.74 11.67
N GLY A 40 -4.09 5.54 10.65
CA GLY A 40 -5.43 5.66 10.12
C GLY A 40 -5.77 4.46 9.23
N ALA A 41 -4.75 3.81 8.68
CA ALA A 41 -4.95 2.65 7.82
C ALA A 41 -5.18 1.39 8.65
N LEU A 42 -4.63 1.35 9.87
CA LEU A 42 -4.81 0.22 10.76
C LEU A 42 -6.20 0.29 11.39
N ALA A 43 -6.64 1.50 11.73
CA ALA A 43 -7.92 1.70 12.39
C ALA A 43 -9.10 1.50 11.44
N ARG A 44 -8.90 1.72 10.13
CA ARG A 44 -9.97 1.53 9.16
C ARG A 44 -10.02 0.08 8.65
N VAL A 45 -8.92 -0.66 8.71
CA VAL A 45 -8.91 -2.06 8.30
C VAL A 45 -9.38 -2.95 9.43
N GLU A 46 -9.21 -2.50 10.68
CA GLU A 46 -9.69 -3.23 11.85
C GLU A 46 -11.21 -3.08 11.99
N ASP A 47 -11.79 -2.08 11.30
CA ASP A 47 -13.21 -1.83 11.29
C ASP A 47 -13.89 -2.62 10.17
N GLY A 48 -13.11 -3.18 9.25
CA GLY A 48 -13.62 -3.94 8.12
C GLY A 48 -14.02 -3.00 6.98
N GLY A 49 -14.68 -3.55 5.94
CA GLY A 49 -15.10 -2.78 4.79
C GLY A 49 -13.94 -2.52 3.81
N ILE A 50 -12.81 -3.20 4.01
CA ILE A 50 -11.63 -3.08 3.17
C ILE A 50 -11.03 -4.47 2.98
N ASP A 51 -10.48 -4.76 1.79
CA ASP A 51 -9.93 -6.07 1.49
C ASP A 51 -8.40 -6.11 1.59
N ALA A 52 -7.74 -4.98 1.30
CA ALA A 52 -6.28 -4.89 1.38
C ALA A 52 -5.85 -3.42 1.41
N ALA A 53 -4.54 -3.17 1.55
CA ALA A 53 -4.03 -1.81 1.57
C ALA A 53 -2.62 -1.71 0.98
N ILE A 54 -2.22 -0.49 0.62
CA ILE A 54 -0.89 -0.17 0.12
C ILE A 54 -0.24 0.76 1.14
N LEU A 55 0.95 0.39 1.64
CA LEU A 55 1.59 1.12 2.72
C LEU A 55 2.90 1.77 2.27
N ASP A 56 3.00 3.08 2.45
CA ASP A 56 4.26 3.80 2.28
C ASP A 56 5.16 3.56 3.48
N VAL A 57 6.45 3.30 3.25
CA VAL A 57 7.42 3.09 4.33
C VAL A 57 8.21 4.38 4.59
N ASN A 58 8.13 5.34 3.66
CA ASN A 58 8.86 6.60 3.74
C ASN A 58 10.37 6.40 3.90
N LEU A 59 11.11 7.48 4.17
CA LEU A 59 12.55 7.42 4.35
C LEU A 59 12.89 6.91 5.75
N ARG A 60 14.12 6.40 5.92
CA ARG A 60 14.58 5.85 7.19
C ARG A 60 15.05 6.95 8.14
N GLY A 61 14.94 6.66 9.45
CA GLY A 61 15.31 7.60 10.49
C GLY A 61 15.40 6.88 11.84
N GLY A 62 15.32 7.65 12.94
CA GLY A 62 15.40 7.11 14.29
C GLY A 62 14.12 6.37 14.71
N GLU A 63 13.15 6.25 13.80
CA GLU A 63 11.87 5.60 14.07
C GLU A 63 11.59 4.51 13.03
N LYS A 64 10.58 3.68 13.30
CA LYS A 64 10.18 2.60 12.42
C LYS A 64 8.81 2.87 11.81
N SER A 65 8.52 2.22 10.68
CA SER A 65 7.27 2.39 9.95
C SER A 65 6.80 1.11 9.29
N THR A 66 7.46 -0.03 9.59
CA THR A 66 7.13 -1.32 9.00
C THR A 66 6.32 -2.24 9.91
N PRO A 67 6.40 -2.15 11.25
CA PRO A 67 5.62 -2.99 12.15
C PRO A 67 4.11 -2.89 11.94
N VAL A 68 3.64 -1.80 11.32
CA VAL A 68 2.22 -1.59 11.09
C VAL A 68 1.70 -2.50 9.98
N ALA A 69 2.57 -2.90 9.05
CA ALA A 69 2.15 -3.78 7.97
C ALA A 69 1.96 -5.19 8.51
N GLU A 70 2.72 -5.56 9.55
CA GLU A 70 2.61 -6.87 10.16
C GLU A 70 1.41 -6.93 11.09
N ALA A 71 0.87 -5.77 11.49
CA ALA A 71 -0.37 -5.73 12.24
C ALA A 71 -1.53 -6.03 11.29
N LEU A 72 -1.41 -5.62 10.02
CA LEU A 72 -2.40 -5.98 9.01
C LEU A 72 -2.31 -7.47 8.72
N ALA A 73 -1.12 -8.07 8.88
CA ALA A 73 -0.95 -9.50 8.71
C ALA A 73 -1.55 -10.25 9.91
N ALA A 74 -1.69 -9.57 11.06
CA ALA A 74 -2.34 -10.15 12.22
C ALA A 74 -3.86 -10.05 12.07
N ARG A 75 -4.33 -9.26 11.10
CA ARG A 75 -5.73 -9.19 10.72
C ARG A 75 -5.98 -10.01 9.45
N ASP A 76 -4.96 -10.74 8.99
CA ASP A 76 -5.01 -11.55 7.78
C ASP A 76 -5.38 -10.73 6.54
N ILE A 77 -4.95 -9.47 6.49
CA ILE A 77 -5.19 -8.57 5.36
C ILE A 77 -3.88 -8.35 4.59
N PRO A 78 -3.84 -8.67 3.29
CA PRO A 78 -2.66 -8.48 2.45
C PRO A 78 -2.23 -7.02 2.34
N PHE A 79 -0.94 -6.80 2.08
CA PHE A 79 -0.37 -5.47 1.90
C PHE A 79 0.85 -5.52 0.98
N VAL A 80 1.26 -4.34 0.50
CA VAL A 80 2.47 -4.18 -0.29
C VAL A 80 3.16 -2.88 0.10
N PHE A 81 4.45 -2.76 -0.19
CA PHE A 81 5.23 -1.58 0.18
C PHE A 81 5.31 -0.57 -0.96
N ALA A 82 5.60 0.68 -0.60
CA ALA A 82 5.88 1.76 -1.55
C ALA A 82 6.98 2.62 -0.97
N THR A 83 7.97 3.02 -1.79
CA THR A 83 9.12 3.78 -1.32
C THR A 83 9.75 4.60 -2.44
N GLY A 84 10.50 5.64 -2.07
CA GLY A 84 11.28 6.41 -3.02
C GLY A 84 12.59 5.68 -3.32
N GLY A 85 13.41 6.23 -4.21
CA GLY A 85 14.69 5.62 -4.55
C GLY A 85 15.65 5.71 -3.37
N SER A 86 16.05 4.55 -2.85
CA SER A 86 16.96 4.46 -1.72
C SER A 86 17.71 3.13 -1.73
N ASP A 87 18.88 3.10 -1.10
CA ASP A 87 19.69 1.90 -0.97
C ASP A 87 19.62 1.30 0.43
N ASP A 88 18.86 1.94 1.34
CA ASP A 88 18.78 1.52 2.73
C ASP A 88 17.33 1.47 3.24
N SER A 89 16.36 1.86 2.43
CA SER A 89 14.95 1.86 2.83
C SER A 89 14.29 0.51 2.53
N VAL A 90 15.08 -0.49 2.12
CA VAL A 90 14.57 -1.81 1.79
C VAL A 90 15.44 -2.90 2.40
N ASP A 91 14.84 -4.07 2.63
CA ASP A 91 15.45 -5.22 3.27
C ASP A 91 14.85 -6.50 2.66
N SER A 92 15.27 -7.67 3.13
CA SER A 92 14.76 -8.94 2.60
C SER A 92 13.24 -9.06 2.77
N ARG A 93 12.64 -8.23 3.62
CA ARG A 93 11.19 -8.17 3.78
C ARG A 93 10.55 -7.66 2.49
N PHE A 94 11.27 -6.80 1.76
CA PHE A 94 10.83 -6.20 0.51
C PHE A 94 11.25 -7.09 -0.66
N ARG A 95 12.15 -8.04 -0.40
CA ARG A 95 12.56 -9.04 -1.37
C ARG A 95 11.64 -10.26 -1.32
N ASP A 96 10.79 -10.33 -0.29
CA ASP A 96 9.84 -11.41 -0.10
C ASP A 96 8.39 -10.92 -0.27
N ARG A 97 8.18 -9.60 -0.22
CA ARG A 97 6.86 -9.00 -0.40
C ARG A 97 6.93 -7.95 -1.51
N PRO A 98 5.85 -7.72 -2.26
CA PRO A 98 5.82 -6.77 -3.36
C PRO A 98 6.15 -5.35 -2.91
N VAL A 99 6.81 -4.59 -3.81
CA VAL A 99 7.18 -3.20 -3.56
C VAL A 99 7.22 -2.46 -4.89
N LEU A 100 6.94 -1.16 -4.87
CA LEU A 100 6.95 -0.34 -6.08
C LEU A 100 7.47 1.07 -5.75
N GLN A 101 8.11 1.72 -6.72
CA GLN A 101 8.66 3.06 -6.54
C GLN A 101 7.56 4.12 -6.58
N LYS A 102 7.85 5.35 -6.14
CA LYS A 102 6.88 6.43 -6.09
C LYS A 102 6.25 6.73 -7.45
N PRO A 103 7.03 6.93 -8.52
CA PRO A 103 6.45 7.13 -9.84
C PRO A 103 5.89 5.82 -10.38
N PHE A 104 4.56 5.72 -10.46
CA PHE A 104 3.89 4.52 -10.94
C PHE A 104 3.86 4.49 -12.47
N THR A 105 3.79 3.29 -13.03
CA THR A 105 3.72 3.06 -14.47
C THR A 105 2.73 1.93 -14.75
N MET A 106 2.23 1.85 -15.98
CA MET A 106 1.23 0.84 -16.32
C MET A 106 1.83 -0.56 -16.23
N ASP A 107 3.16 -0.69 -16.40
CA ASP A 107 3.82 -1.98 -16.31
C ASP A 107 4.17 -2.33 -14.85
N GLY A 108 4.54 -1.33 -14.05
CA GLY A 108 4.96 -1.55 -12.68
C GLY A 108 3.76 -1.79 -11.76
N VAL A 109 2.62 -1.17 -12.06
CA VAL A 109 1.41 -1.34 -11.26
C VAL A 109 0.73 -2.65 -11.61
N ALA A 110 0.86 -3.12 -12.86
CA ALA A 110 0.23 -4.36 -13.28
C ALA A 110 0.89 -5.55 -12.59
N LYS A 111 2.18 -5.45 -12.28
CA LYS A 111 2.90 -6.54 -11.62
C LYS A 111 2.74 -6.48 -10.11
N ALA A 112 2.60 -5.28 -9.54
CA ALA A 112 2.47 -5.14 -8.10
C ALA A 112 1.07 -5.54 -7.63
N LEU A 113 0.04 -5.22 -8.42
CA LEU A 113 -1.33 -5.57 -8.06
C LEU A 113 -1.64 -7.00 -8.49
N ALA A 114 -0.89 -7.57 -9.44
CA ALA A 114 -1.05 -8.98 -9.77
C ALA A 114 -0.46 -9.86 -8.69
N ALA A 115 0.48 -9.31 -7.90
CA ALA A 115 1.05 -10.02 -6.76
C ALA A 115 0.22 -9.81 -5.49
N LEU A 116 -0.61 -8.77 -5.46
CA LEU A 116 -1.46 -8.48 -4.32
C LEU A 116 -2.83 -9.14 -4.47
N LEU A 117 -3.54 -8.82 -5.56
CA LEU A 117 -4.91 -9.24 -5.82
C LEU A 117 -5.04 -10.74 -6.11
N VAL A 118 -3.93 -11.48 -6.11
CA VAL A 118 -3.92 -12.92 -6.38
C VAL A 118 -3.02 -13.62 -5.38
N MET A 1 -13.95 -8.96 2.68
CA MET A 1 -14.13 -10.40 2.91
C MET A 1 -14.10 -11.13 1.58
N SER A 2 -13.13 -12.05 1.42
CA SER A 2 -12.85 -12.75 0.17
C SER A 2 -12.50 -11.79 -0.97
N ALA A 3 -11.98 -12.33 -2.07
CA ALA A 3 -11.51 -11.55 -3.22
C ALA A 3 -10.47 -10.49 -2.81
N LEU A 4 -10.08 -9.66 -3.79
CA LEU A 4 -9.09 -8.61 -3.62
C LEU A 4 -9.56 -7.33 -4.33
N THR A 5 -10.87 -7.13 -4.43
CA THR A 5 -11.44 -5.97 -5.09
C THR A 5 -11.37 -4.71 -4.25
N GLN A 6 -10.89 -4.79 -3.00
CA GLN A 6 -10.90 -3.65 -2.11
C GLN A 6 -9.52 -3.34 -1.54
N ILE A 7 -9.01 -2.14 -1.84
CA ILE A 7 -7.66 -1.72 -1.50
C ILE A 7 -7.69 -0.45 -0.64
N LEU A 8 -6.85 -0.42 0.41
CA LEU A 8 -6.63 0.79 1.21
C LEU A 8 -5.42 1.53 0.66
N ILE A 9 -5.52 2.86 0.52
CA ILE A 9 -4.46 3.70 0.00
C ILE A 9 -3.77 4.43 1.16
N VAL A 10 -2.45 4.30 1.27
CA VAL A 10 -1.69 4.94 2.34
C VAL A 10 -0.47 5.66 1.76
N GLU A 11 -0.42 6.98 1.91
CA GLU A 11 0.67 7.80 1.39
C GLU A 11 1.03 8.91 2.38
N ASP A 12 2.22 9.50 2.22
CA ASP A 12 2.69 10.58 3.07
C ASP A 12 2.44 11.96 2.45
N GLU A 13 1.84 11.99 1.25
CA GLU A 13 1.52 13.24 0.55
C GLU A 13 0.24 13.09 -0.26
N PRO A 14 -0.70 14.05 -0.17
CA PRO A 14 -1.98 13.99 -0.87
C PRO A 14 -1.83 13.92 -2.39
N LEU A 15 -0.71 14.39 -2.94
CA LEU A 15 -0.50 14.37 -4.38
C LEU A 15 -0.28 12.94 -4.86
N ILE A 16 0.49 12.16 -4.09
CA ILE A 16 0.75 10.77 -4.44
C ILE A 16 -0.49 9.94 -4.15
N ALA A 17 -1.29 10.35 -3.16
CA ALA A 17 -2.53 9.66 -2.83
C ALA A 17 -3.55 9.81 -3.95
N MET A 18 -3.51 10.95 -4.66
CA MET A 18 -4.41 11.19 -5.77
C MET A 18 -3.96 10.40 -7.00
N MET A 19 -2.66 10.11 -7.10
CA MET A 19 -2.13 9.31 -8.18
C MET A 19 -2.51 7.84 -7.98
N LEU A 20 -2.65 7.41 -6.72
CA LEU A 20 -3.07 6.06 -6.40
C LEU A 20 -4.53 5.86 -6.78
N GLU A 21 -5.36 6.88 -6.60
CA GLU A 21 -6.76 6.79 -6.98
C GLU A 21 -6.90 6.84 -8.50
N ASP A 22 -5.91 7.39 -9.21
CA ASP A 22 -5.98 7.50 -10.65
C ASP A 22 -5.80 6.15 -11.32
N PHE A 23 -4.85 5.34 -10.85
CA PHE A 23 -4.64 4.02 -11.43
C PHE A 23 -5.73 3.04 -11.00
N LEU A 24 -6.41 3.31 -9.88
CA LEU A 24 -7.49 2.45 -9.42
C LEU A 24 -8.80 2.77 -10.14
N GLU A 25 -8.93 3.96 -10.76
CA GLU A 25 -10.09 4.27 -11.58
C GLU A 25 -9.89 3.74 -13.00
N VAL A 26 -8.64 3.53 -13.42
CA VAL A 26 -8.35 2.93 -14.72
C VAL A 26 -8.46 1.41 -14.61
N LEU A 27 -8.35 0.88 -13.39
CA LEU A 27 -8.47 -0.55 -13.13
C LEU A 27 -9.91 -0.93 -12.76
N ASP A 28 -10.82 0.05 -12.73
CA ASP A 28 -12.21 -0.16 -12.33
C ASP A 28 -12.29 -0.86 -10.97
N LYS A 29 -11.41 -0.45 -10.05
CA LYS A 29 -11.27 -1.06 -8.73
C LYS A 29 -12.28 -0.45 -7.75
N THR A 30 -12.47 -1.11 -6.61
CA THR A 30 -13.37 -0.64 -5.55
C THR A 30 -12.58 -0.30 -4.29
N PRO A 31 -11.85 0.83 -4.28
CA PRO A 31 -11.06 1.25 -3.13
C PRO A 31 -11.98 1.54 -1.95
N VAL A 32 -11.44 1.46 -0.73
CA VAL A 32 -12.26 1.59 0.48
C VAL A 32 -11.90 2.81 1.32
N GLY A 33 -10.83 3.52 0.97
CA GLY A 33 -10.46 4.72 1.69
C GLY A 33 -9.03 5.16 1.39
N THR A 34 -8.68 6.35 1.88
CA THR A 34 -7.35 6.91 1.75
C THR A 34 -6.97 7.57 3.07
N VAL A 35 -5.71 7.41 3.48
CA VAL A 35 -5.23 7.92 4.76
C VAL A 35 -3.85 8.53 4.61
N ASP A 36 -3.48 9.41 5.55
CA ASP A 36 -2.24 10.17 5.51
C ASP A 36 -1.37 9.88 6.73
N THR A 37 -1.85 9.05 7.66
CA THR A 37 -1.15 8.71 8.89
C THR A 37 -1.30 7.23 9.20
N VAL A 38 -0.41 6.70 10.04
CA VAL A 38 -0.45 5.29 10.43
C VAL A 38 -1.59 5.02 11.41
N ALA A 39 -1.99 6.04 12.17
CA ALA A 39 -3.08 5.91 13.12
C ALA A 39 -4.42 5.96 12.40
N GLY A 40 -4.48 6.67 11.27
CA GLY A 40 -5.68 6.74 10.46
C GLY A 40 -5.88 5.46 9.67
N ALA A 41 -4.78 4.76 9.34
CA ALA A 41 -4.87 3.52 8.58
C ALA A 41 -5.48 2.43 9.45
N LEU A 42 -5.07 2.34 10.72
CA LEU A 42 -5.62 1.35 11.63
C LEU A 42 -7.06 1.70 12.02
N ALA A 43 -7.40 3.00 11.94
CA ALA A 43 -8.75 3.43 12.24
C ALA A 43 -9.71 3.02 11.12
N ARG A 44 -9.21 2.83 9.89
CA ARG A 44 -10.03 2.38 8.78
C ARG A 44 -10.17 0.87 8.77
N VAL A 45 -9.26 0.14 9.43
CA VAL A 45 -9.40 -1.30 9.59
C VAL A 45 -10.53 -1.59 10.58
N GLU A 46 -10.73 -0.70 11.55
CA GLU A 46 -11.83 -0.81 12.50
C GLU A 46 -13.13 -0.24 11.93
N ASP A 47 -13.05 0.52 10.84
CA ASP A 47 -14.21 1.17 10.23
C ASP A 47 -14.92 0.26 9.23
N GLY A 48 -14.28 -0.85 8.83
CA GLY A 48 -14.88 -1.77 7.88
C GLY A 48 -13.87 -2.82 7.41
N GLY A 49 -14.36 -3.81 6.65
CA GLY A 49 -13.50 -4.87 6.12
C GLY A 49 -12.66 -4.36 4.95
N ILE A 50 -11.49 -4.98 4.76
CA ILE A 50 -10.55 -4.63 3.70
C ILE A 50 -9.93 -5.93 3.17
N ASP A 51 -9.55 -5.97 1.89
CA ASP A 51 -9.01 -7.20 1.30
C ASP A 51 -7.51 -7.06 1.04
N ALA A 52 -7.03 -5.83 0.83
CA ALA A 52 -5.61 -5.55 0.64
C ALA A 52 -5.33 -4.07 0.87
N ALA A 53 -4.04 -3.70 0.92
CA ALA A 53 -3.66 -2.30 1.08
C ALA A 53 -2.32 -2.03 0.41
N ILE A 54 -2.04 -0.74 0.13
CA ILE A 54 -0.76 -0.32 -0.41
C ILE A 54 -0.14 0.67 0.58
N LEU A 55 1.11 0.42 0.99
CA LEU A 55 1.77 1.18 2.04
C LEU A 55 2.95 1.98 1.48
N ASP A 56 3.00 3.26 1.83
CA ASP A 56 4.14 4.11 1.55
C ASP A 56 5.19 3.86 2.64
N VAL A 57 6.47 3.81 2.27
CA VAL A 57 7.54 3.55 3.22
C VAL A 57 8.01 4.85 3.86
N ASN A 58 7.66 6.00 3.25
CA ASN A 58 8.04 7.29 3.77
C ASN A 58 7.12 7.66 4.94
N LEU A 59 7.67 8.33 5.96
CA LEU A 59 6.93 8.72 7.14
C LEU A 59 7.59 9.95 7.79
N ARG A 60 6.84 10.69 8.61
CA ARG A 60 7.34 11.86 9.29
C ARG A 60 8.40 11.46 10.32
N GLY A 61 9.34 12.37 10.60
CA GLY A 61 10.40 12.13 11.56
C GLY A 61 11.53 11.30 10.95
N GLY A 62 12.43 10.80 11.81
CA GLY A 62 13.57 10.01 11.39
C GLY A 62 13.22 8.55 11.09
N GLU A 63 11.93 8.19 11.18
CA GLU A 63 11.49 6.83 10.93
C GLU A 63 11.54 6.50 9.43
N LYS A 64 11.72 5.21 9.11
CA LYS A 64 11.88 4.76 7.73
C LYS A 64 11.00 3.55 7.42
N SER A 65 10.02 3.26 8.28
CA SER A 65 9.11 2.13 8.09
C SER A 65 7.76 2.43 8.72
N THR A 66 6.81 1.50 8.58
CA THR A 66 5.47 1.63 9.15
C THR A 66 5.03 0.31 9.77
N PRO A 67 4.40 0.36 10.95
CA PRO A 67 3.90 -0.82 11.64
C PRO A 67 2.56 -1.29 11.07
N VAL A 68 1.95 -0.50 10.18
CA VAL A 68 0.64 -0.82 9.64
C VAL A 68 0.71 -2.04 8.73
N ALA A 69 1.86 -2.28 8.09
CA ALA A 69 2.00 -3.41 7.19
C ALA A 69 1.90 -4.73 7.94
N GLU A 70 2.54 -4.81 9.11
CA GLU A 70 2.53 -6.04 9.89
C GLU A 70 1.27 -6.13 10.76
N ALA A 71 0.57 -5.00 10.98
CA ALA A 71 -0.70 -5.04 11.66
C ALA A 71 -1.75 -5.66 10.73
N LEU A 72 -1.61 -5.40 9.42
CA LEU A 72 -2.47 -6.03 8.43
C LEU A 72 -2.08 -7.49 8.27
N ALA A 73 -0.81 -7.83 8.52
CA ALA A 73 -0.37 -9.22 8.44
C ALA A 73 -0.95 -10.03 9.60
N ALA A 74 -1.33 -9.35 10.70
CA ALA A 74 -2.00 -10.00 11.81
C ALA A 74 -3.49 -10.16 11.52
N ARG A 75 -4.01 -9.37 10.57
CA ARG A 75 -5.38 -9.50 10.07
C ARG A 75 -5.44 -10.37 8.84
N ASP A 76 -4.31 -11.02 8.48
CA ASP A 76 -4.19 -11.87 7.31
C ASP A 76 -4.49 -11.12 6.00
N ILE A 77 -4.24 -9.82 5.98
CA ILE A 77 -4.42 -8.98 4.80
C ILE A 77 -3.06 -8.72 4.15
N PRO A 78 -2.93 -8.97 2.83
CA PRO A 78 -1.70 -8.76 2.09
C PRO A 78 -1.45 -7.27 1.85
N PHE A 79 -0.18 -6.90 1.64
CA PHE A 79 0.23 -5.53 1.41
C PHE A 79 1.43 -5.45 0.47
N VAL A 80 1.71 -4.24 -0.02
CA VAL A 80 2.83 -3.96 -0.90
C VAL A 80 3.48 -2.64 -0.50
N PHE A 81 4.81 -2.54 -0.65
CA PHE A 81 5.53 -1.32 -0.34
C PHE A 81 5.75 -0.48 -1.59
N ALA A 82 5.83 0.84 -1.43
CA ALA A 82 6.14 1.74 -2.53
C ALA A 82 7.03 2.87 -2.04
N THR A 83 8.23 3.00 -2.63
CA THR A 83 9.18 4.04 -2.30
C THR A 83 10.36 4.02 -3.27
N GLY A 84 11.12 5.12 -3.32
CA GLY A 84 12.35 5.17 -4.09
C GLY A 84 13.53 4.70 -3.23
N GLY A 85 14.52 4.06 -3.86
CA GLY A 85 15.68 3.55 -3.12
C GLY A 85 16.39 2.46 -3.89
N SER A 86 17.08 1.58 -3.15
CA SER A 86 17.84 0.48 -3.71
C SER A 86 17.63 -0.78 -2.87
N ASP A 87 18.09 -1.93 -3.37
CA ASP A 87 17.92 -3.21 -2.69
C ASP A 87 18.74 -3.28 -1.41
N ASP A 88 19.65 -2.32 -1.21
CA ASP A 88 20.49 -2.24 -0.02
C ASP A 88 19.96 -1.19 0.96
N SER A 89 18.91 -0.46 0.58
CA SER A 89 18.31 0.57 1.41
C SER A 89 17.15 0.01 2.24
N VAL A 90 16.90 -1.29 2.12
CA VAL A 90 15.83 -1.98 2.83
C VAL A 90 16.30 -3.34 3.35
N ASP A 91 15.66 -3.82 4.41
CA ASP A 91 15.97 -5.12 5.01
C ASP A 91 15.18 -6.25 4.35
N SER A 92 15.36 -7.47 4.86
CA SER A 92 14.80 -8.68 4.27
C SER A 92 13.27 -8.69 4.21
N ARG A 93 12.58 -7.84 4.98
CA ARG A 93 11.12 -7.82 4.97
C ARG A 93 10.60 -7.19 3.68
N PHE A 94 11.36 -6.23 3.13
CA PHE A 94 11.02 -5.59 1.87
C PHE A 94 11.47 -6.45 0.71
N ARG A 95 12.45 -7.33 0.95
CA ARG A 95 12.94 -8.25 -0.07
C ARG A 95 12.14 -9.55 -0.06
N ASP A 96 11.22 -9.71 0.90
CA ASP A 96 10.32 -10.85 0.97
C ASP A 96 8.90 -10.47 0.54
N ARG A 97 8.61 -9.17 0.50
CA ARG A 97 7.33 -8.64 0.03
C ARG A 97 7.51 -7.93 -1.31
N PRO A 98 6.45 -7.76 -2.10
CA PRO A 98 6.50 -7.02 -3.35
C PRO A 98 6.87 -5.55 -3.12
N VAL A 99 7.48 -4.92 -4.12
CA VAL A 99 7.93 -3.53 -4.02
C VAL A 99 7.70 -2.80 -5.34
N LEU A 100 7.55 -1.47 -5.25
CA LEU A 100 7.35 -0.61 -6.40
C LEU A 100 8.04 0.73 -6.14
N GLN A 101 8.40 1.47 -7.20
CA GLN A 101 9.02 2.78 -7.08
C GLN A 101 8.00 3.79 -6.56
N LYS A 102 8.48 4.96 -6.09
CA LYS A 102 7.61 6.00 -5.57
C LYS A 102 6.70 6.58 -6.66
N PRO A 103 7.22 6.99 -7.83
CA PRO A 103 6.40 7.36 -8.95
C PRO A 103 5.79 6.11 -9.60
N PHE A 104 4.57 6.23 -10.11
CA PHE A 104 3.87 5.10 -10.70
C PHE A 104 3.86 5.19 -12.23
N THR A 105 3.77 4.03 -12.88
CA THR A 105 3.70 3.90 -14.34
C THR A 105 2.75 2.76 -14.69
N MET A 106 2.24 2.74 -15.92
CA MET A 106 1.30 1.71 -16.32
C MET A 106 1.96 0.33 -16.36
N ASP A 107 3.28 0.28 -16.51
CA ASP A 107 4.01 -0.98 -16.52
C ASP A 107 4.33 -1.45 -15.10
N GLY A 108 4.66 -0.51 -14.20
CA GLY A 108 5.03 -0.86 -12.83
C GLY A 108 3.81 -1.18 -11.98
N VAL A 109 2.69 -0.49 -12.22
CA VAL A 109 1.48 -0.71 -11.44
C VAL A 109 0.79 -2.00 -11.87
N ALA A 110 0.94 -2.40 -13.14
CA ALA A 110 0.34 -3.62 -13.62
C ALA A 110 1.07 -4.85 -13.06
N LYS A 111 2.37 -4.71 -12.79
CA LYS A 111 3.17 -5.82 -12.25
C LYS A 111 3.04 -5.89 -10.73
N ALA A 112 2.87 -4.76 -10.05
CA ALA A 112 2.75 -4.74 -8.60
C ALA A 112 1.38 -5.23 -8.18
N LEU A 113 0.34 -4.94 -8.96
CA LEU A 113 -1.00 -5.40 -8.66
C LEU A 113 -1.20 -6.84 -9.16
N ALA A 114 -0.38 -7.29 -10.11
CA ALA A 114 -0.42 -8.68 -10.53
C ALA A 114 0.25 -9.57 -9.48
N ALA A 115 1.08 -8.98 -8.62
CA ALA A 115 1.71 -9.70 -7.52
C ALA A 115 0.81 -9.69 -6.27
N LEU A 116 -0.07 -8.69 -6.13
CA LEU A 116 -0.96 -8.57 -4.99
C LEU A 116 -2.30 -9.28 -5.25
N LEU A 117 -3.02 -8.83 -6.29
CA LEU A 117 -4.37 -9.26 -6.63
C LEU A 117 -4.45 -10.70 -7.15
N VAL A 118 -3.32 -11.43 -7.15
CA VAL A 118 -3.27 -12.81 -7.63
C VAL A 118 -2.44 -13.66 -6.66
N MET A 1 -9.38 -19.15 1.15
CA MET A 1 -8.84 -17.85 0.70
C MET A 1 -9.90 -17.11 -0.11
N SER A 2 -9.71 -15.79 -0.26
CA SER A 2 -10.64 -14.93 -0.99
C SER A 2 -9.88 -13.83 -1.71
N ALA A 3 -10.55 -13.19 -2.68
CA ALA A 3 -9.97 -12.09 -3.45
C ALA A 3 -9.93 -10.81 -2.63
N LEU A 4 -9.23 -9.79 -3.15
CA LEU A 4 -9.07 -8.50 -2.49
C LEU A 4 -9.36 -7.38 -3.48
N THR A 5 -10.65 -7.12 -3.69
CA THR A 5 -11.12 -6.08 -4.61
C THR A 5 -11.01 -4.68 -3.99
N GLN A 6 -10.65 -4.60 -2.71
CA GLN A 6 -10.64 -3.32 -2.02
C GLN A 6 -9.32 -3.06 -1.30
N ILE A 7 -8.64 -1.98 -1.70
CA ILE A 7 -7.30 -1.65 -1.24
C ILE A 7 -7.29 -0.28 -0.57
N LEU A 8 -6.69 -0.19 0.62
CA LEU A 8 -6.52 1.08 1.33
C LEU A 8 -5.21 1.72 0.89
N ILE A 9 -5.19 3.05 0.73
CA ILE A 9 -4.01 3.77 0.30
C ILE A 9 -3.47 4.61 1.45
N VAL A 10 -2.15 4.58 1.65
CA VAL A 10 -1.48 5.39 2.66
C VAL A 10 -0.33 6.14 1.99
N GLU A 11 -0.36 7.47 2.08
CA GLU A 11 0.56 8.32 1.34
C GLU A 11 0.85 9.60 2.12
N ASP A 12 1.97 10.27 1.81
CA ASP A 12 2.39 11.49 2.50
C ASP A 12 2.38 12.70 1.56
N GLU A 13 2.24 12.46 0.25
CA GLU A 13 2.19 13.52 -0.75
C GLU A 13 0.86 13.42 -1.51
N PRO A 14 -0.05 14.39 -1.31
CA PRO A 14 -1.37 14.41 -1.95
C PRO A 14 -1.31 14.31 -3.47
N LEU A 15 -0.19 14.70 -4.09
CA LEU A 15 -0.05 14.63 -5.54
C LEU A 15 0.12 13.18 -5.97
N ILE A 16 0.78 12.35 -5.14
CA ILE A 16 0.96 10.94 -5.43
C ILE A 16 -0.30 10.18 -5.05
N ALA A 17 -1.05 10.68 -4.06
CA ALA A 17 -2.29 10.04 -3.64
C ALA A 17 -3.38 10.23 -4.70
N MET A 18 -3.32 11.34 -5.45
CA MET A 18 -4.27 11.60 -6.52
C MET A 18 -3.93 10.74 -7.74
N MET A 19 -2.63 10.50 -7.96
CA MET A 19 -2.19 9.67 -9.06
C MET A 19 -2.45 8.19 -8.72
N LEU A 20 -2.52 7.87 -7.43
CA LEU A 20 -2.81 6.52 -6.97
C LEU A 20 -4.26 6.17 -7.29
N GLU A 21 -5.15 7.15 -7.14
CA GLU A 21 -6.57 6.96 -7.42
C GLU A 21 -6.81 6.94 -8.93
N ASP A 22 -5.90 7.53 -9.72
CA ASP A 22 -6.05 7.54 -11.16
C ASP A 22 -5.83 6.14 -11.74
N PHE A 23 -4.79 5.44 -11.28
CA PHE A 23 -4.53 4.08 -11.77
C PHE A 23 -5.51 3.07 -11.17
N LEU A 24 -6.06 3.35 -9.99
CA LEU A 24 -6.94 2.39 -9.34
C LEU A 24 -8.29 2.31 -10.05
N GLU A 25 -8.76 3.43 -10.63
CA GLU A 25 -10.02 3.45 -11.35
C GLU A 25 -9.85 3.01 -12.80
N VAL A 26 -8.65 3.15 -13.36
CA VAL A 26 -8.38 2.72 -14.74
C VAL A 26 -8.23 1.20 -14.81
N LEU A 27 -7.94 0.56 -13.67
CA LEU A 27 -7.80 -0.89 -13.60
C LEU A 27 -9.06 -1.55 -13.05
N ASP A 28 -10.19 -0.83 -13.07
CA ASP A 28 -11.49 -1.33 -12.65
C ASP A 28 -11.47 -1.90 -11.22
N LYS A 29 -10.57 -1.40 -10.37
CA LYS A 29 -10.46 -1.83 -8.98
C LYS A 29 -11.42 -1.01 -8.12
N THR A 30 -11.82 -1.52 -6.96
CA THR A 30 -12.75 -0.82 -6.09
C THR A 30 -11.99 -0.10 -4.96
N PRO A 31 -12.12 1.23 -4.85
CA PRO A 31 -11.48 2.02 -3.81
C PRO A 31 -12.28 1.91 -2.51
N VAL A 32 -11.66 2.27 -1.38
CA VAL A 32 -12.33 2.29 -0.08
C VAL A 32 -11.96 3.51 0.74
N GLY A 33 -10.77 4.09 0.52
CA GLY A 33 -10.36 5.30 1.21
C GLY A 33 -8.86 5.54 1.08
N THR A 34 -8.42 6.71 1.57
CA THR A 34 -7.02 7.10 1.61
C THR A 34 -6.77 7.81 2.93
N VAL A 35 -5.59 7.61 3.52
CA VAL A 35 -5.24 8.22 4.80
C VAL A 35 -3.81 8.77 4.76
N ASP A 36 -3.55 9.77 5.61
CA ASP A 36 -2.26 10.45 5.67
C ASP A 36 -1.48 10.08 6.92
N THR A 37 -1.97 9.09 7.68
CA THR A 37 -1.32 8.63 8.90
C THR A 37 -1.61 7.15 9.13
N VAL A 38 -0.76 6.49 9.92
CA VAL A 38 -0.88 5.06 10.20
C VAL A 38 -2.07 4.78 11.11
N ALA A 39 -2.52 5.79 11.89
CA ALA A 39 -3.64 5.62 12.79
C ALA A 39 -4.95 5.50 12.01
N GLY A 40 -4.99 6.07 10.80
CA GLY A 40 -6.17 5.99 9.94
C GLY A 40 -6.25 4.62 9.26
N ALA A 41 -5.13 3.92 9.16
CA ALA A 41 -5.09 2.60 8.54
C ALA A 41 -5.59 1.55 9.52
N LEU A 42 -5.35 1.74 10.83
CA LEU A 42 -5.84 0.81 11.83
C LEU A 42 -7.30 1.09 12.18
N ALA A 43 -7.76 2.32 11.96
CA ALA A 43 -9.14 2.69 12.27
C ALA A 43 -10.11 2.24 11.19
N ARG A 44 -9.64 2.18 9.93
CA ARG A 44 -10.48 1.76 8.81
C ARG A 44 -10.48 0.26 8.62
N VAL A 45 -9.37 -0.42 8.98
CA VAL A 45 -9.28 -1.87 8.81
C VAL A 45 -9.93 -2.61 9.96
N GLU A 46 -9.97 -2.03 11.16
CA GLU A 46 -10.61 -2.67 12.30
C GLU A 46 -12.12 -2.55 12.22
N ASP A 47 -12.62 -1.67 11.35
CA ASP A 47 -14.04 -1.48 11.10
C ASP A 47 -14.52 -2.43 9.99
N GLY A 48 -13.57 -3.04 9.27
CA GLY A 48 -13.87 -3.94 8.15
C GLY A 48 -14.17 -3.16 6.88
N GLY A 49 -14.60 -3.87 5.83
CA GLY A 49 -14.90 -3.26 4.54
C GLY A 49 -13.65 -3.02 3.70
N ILE A 50 -12.53 -3.68 4.06
CA ILE A 50 -11.26 -3.56 3.34
C ILE A 50 -10.63 -4.95 3.26
N ASP A 51 -9.91 -5.24 2.17
CA ASP A 51 -9.30 -6.55 1.97
C ASP A 51 -7.77 -6.49 1.97
N ALA A 52 -7.18 -5.31 1.72
CA ALA A 52 -5.74 -5.13 1.73
C ALA A 52 -5.39 -3.65 1.82
N ALA A 53 -4.10 -3.34 1.99
CA ALA A 53 -3.65 -1.95 2.05
C ALA A 53 -2.25 -1.77 1.44
N ILE A 54 -1.89 -0.52 1.15
CA ILE A 54 -0.57 -0.16 0.64
C ILE A 54 0.03 0.91 1.54
N LEU A 55 1.29 0.75 1.92
CA LEU A 55 1.95 1.66 2.85
C LEU A 55 3.09 2.41 2.16
N ASP A 56 3.09 3.74 2.29
CA ASP A 56 4.23 4.55 1.89
C ASP A 56 5.29 4.53 2.99
N VAL A 57 6.54 4.24 2.63
CA VAL A 57 7.62 4.13 3.60
C VAL A 57 8.39 5.47 3.71
N ASN A 58 8.13 6.38 2.78
CA ASN A 58 8.72 7.72 2.77
C ASN A 58 7.89 8.68 3.62
N LEU A 59 7.10 8.14 4.55
CA LEU A 59 6.23 8.91 5.42
C LEU A 59 7.02 9.92 6.24
N ARG A 60 6.40 11.05 6.58
CA ARG A 60 7.02 12.12 7.35
C ARG A 60 7.38 11.66 8.77
N GLY A 61 8.41 12.27 9.35
CA GLY A 61 8.88 11.90 10.67
C GLY A 61 9.77 10.67 10.65
N GLY A 62 10.21 10.25 9.45
CA GLY A 62 11.05 9.07 9.29
C GLY A 62 10.22 7.80 9.15
N GLU A 63 10.89 6.66 9.06
CA GLU A 63 10.22 5.37 8.87
C GLU A 63 9.43 4.99 10.12
N LYS A 64 8.11 4.90 9.98
CA LYS A 64 7.21 4.51 11.06
C LYS A 64 5.95 3.83 10.53
N SER A 65 5.94 3.49 9.24
CA SER A 65 4.79 2.90 8.57
C SER A 65 4.98 1.42 8.30
N THR A 66 6.09 0.84 8.77
CA THR A 66 6.32 -0.60 8.63
C THR A 66 5.86 -1.38 9.87
N PRO A 67 5.92 -0.83 11.10
CA PRO A 67 5.42 -1.53 12.28
C PRO A 67 3.91 -1.74 12.21
N VAL A 68 3.20 -0.88 11.46
CA VAL A 68 1.75 -1.00 11.31
C VAL A 68 1.41 -2.00 10.21
N ALA A 69 2.32 -2.24 9.27
CA ALA A 69 2.08 -3.21 8.22
C ALA A 69 2.13 -4.62 8.82
N GLU A 70 2.98 -4.82 9.82
CA GLU A 70 3.08 -6.11 10.49
C GLU A 70 1.86 -6.34 11.40
N ALA A 71 1.13 -5.27 11.73
CA ALA A 71 -0.10 -5.39 12.48
C ALA A 71 -1.22 -5.87 11.55
N LEU A 72 -1.15 -5.51 10.26
CA LEU A 72 -2.10 -6.02 9.28
C LEU A 72 -1.83 -7.51 9.06
N ALA A 73 -0.57 -7.94 9.19
CA ALA A 73 -0.22 -9.35 9.07
C ALA A 73 -0.71 -10.11 10.28
N ALA A 74 -0.90 -9.43 11.42
CA ALA A 74 -1.48 -10.04 12.61
C ALA A 74 -3.01 -10.09 12.51
N ARG A 75 -3.57 -9.35 11.54
CA ARG A 75 -5.00 -9.39 11.22
C ARG A 75 -5.25 -10.22 9.97
N ASP A 76 -4.25 -10.97 9.50
CA ASP A 76 -4.32 -11.80 8.30
C ASP A 76 -4.69 -11.01 7.03
N ILE A 77 -4.24 -9.76 6.95
CA ILE A 77 -4.47 -8.89 5.79
C ILE A 77 -3.13 -8.59 5.12
N PRO A 78 -3.04 -8.78 3.79
CA PRO A 78 -1.82 -8.57 3.03
C PRO A 78 -1.57 -7.09 2.74
N PHE A 79 -0.31 -6.76 2.44
CA PHE A 79 0.12 -5.41 2.12
C PHE A 79 1.35 -5.42 1.23
N VAL A 80 1.71 -4.25 0.69
CA VAL A 80 2.93 -4.05 -0.08
C VAL A 80 3.48 -2.66 0.23
N PHE A 81 4.77 -2.44 -0.05
CA PHE A 81 5.41 -1.15 0.24
C PHE A 81 5.51 -0.30 -1.01
N ALA A 82 5.59 1.02 -0.82
CA ALA A 82 5.87 1.96 -1.89
C ALA A 82 6.87 3.01 -1.40
N THR A 83 8.03 3.08 -2.05
CA THR A 83 9.09 4.02 -1.67
C THR A 83 10.21 4.01 -2.71
N GLY A 84 10.98 5.09 -2.79
CA GLY A 84 12.17 5.15 -3.63
C GLY A 84 13.37 4.63 -2.84
N GLY A 85 14.28 3.91 -3.52
CA GLY A 85 15.45 3.35 -2.87
C GLY A 85 16.08 2.24 -3.70
N SER A 86 16.85 1.37 -3.04
CA SER A 86 17.54 0.24 -3.65
C SER A 86 17.40 -1.00 -2.79
N ASP A 87 17.82 -2.16 -3.31
CA ASP A 87 17.72 -3.42 -2.58
C ASP A 87 18.67 -3.45 -1.38
N ASP A 88 19.61 -2.50 -1.33
CA ASP A 88 20.59 -2.41 -0.25
C ASP A 88 20.14 -1.44 0.84
N SER A 89 18.92 -0.89 0.71
CA SER A 89 18.38 0.07 1.67
C SER A 89 17.01 -0.37 2.19
N VAL A 90 16.69 -1.66 2.07
CA VAL A 90 15.41 -2.21 2.50
C VAL A 90 15.59 -3.48 3.33
N ASP A 91 14.60 -3.78 4.19
CA ASP A 91 14.62 -4.93 5.07
C ASP A 91 14.17 -6.20 4.33
N SER A 92 14.32 -7.36 4.99
CA SER A 92 14.01 -8.65 4.38
C SER A 92 12.54 -8.78 3.98
N ARG A 93 11.64 -7.99 4.57
CA ARG A 93 10.23 -8.04 4.20
C ARG A 93 10.00 -7.37 2.84
N PHE A 94 10.91 -6.49 2.43
CA PHE A 94 10.84 -5.86 1.12
C PHE A 94 11.40 -6.83 0.08
N ARG A 95 12.25 -7.75 0.55
CA ARG A 95 12.85 -8.78 -0.29
C ARG A 95 11.95 -10.02 -0.37
N ASP A 96 10.89 -10.06 0.44
CA ASP A 96 9.95 -11.18 0.48
C ASP A 96 8.53 -10.74 0.11
N ARG A 97 8.30 -9.43 -0.10
CA ARG A 97 7.00 -8.89 -0.47
C ARG A 97 7.21 -7.79 -1.51
N PRO A 98 6.35 -7.68 -2.54
CA PRO A 98 6.48 -6.71 -3.61
C PRO A 98 6.63 -5.27 -3.13
N VAL A 99 7.35 -4.48 -3.93
CA VAL A 99 7.61 -3.07 -3.67
C VAL A 99 7.58 -2.29 -5.00
N LEU A 100 7.29 -0.99 -4.93
CA LEU A 100 7.26 -0.13 -6.10
C LEU A 100 7.71 1.28 -5.73
N GLN A 101 8.22 2.04 -6.71
CA GLN A 101 8.61 3.42 -6.47
C GLN A 101 7.37 4.30 -6.35
N LYS A 102 7.49 5.47 -5.71
CA LYS A 102 6.34 6.33 -5.48
C LYS A 102 5.73 6.89 -6.77
N PRO A 103 6.53 7.37 -7.74
CA PRO A 103 5.98 7.73 -9.03
C PRO A 103 5.56 6.47 -9.77
N PHE A 104 4.32 6.46 -10.26
CA PHE A 104 3.75 5.28 -10.92
C PHE A 104 3.81 5.42 -12.44
N THR A 105 3.83 4.27 -13.12
CA THR A 105 3.84 4.18 -14.58
C THR A 105 2.96 3.00 -15.00
N MET A 106 2.55 2.97 -16.26
CA MET A 106 1.65 1.92 -16.74
C MET A 106 2.32 0.55 -16.65
N ASP A 107 3.65 0.49 -16.72
CA ASP A 107 4.39 -0.76 -16.62
C ASP A 107 4.63 -1.16 -15.17
N GLY A 108 4.91 -0.18 -14.30
CA GLY A 108 5.22 -0.45 -12.90
C GLY A 108 3.98 -0.83 -12.11
N VAL A 109 2.82 -0.28 -12.49
CA VAL A 109 1.57 -0.57 -11.81
C VAL A 109 1.01 -1.91 -12.31
N ALA A 110 1.32 -2.31 -13.54
CA ALA A 110 0.83 -3.55 -14.09
C ALA A 110 1.45 -4.74 -13.35
N LYS A 111 2.68 -4.58 -12.83
CA LYS A 111 3.35 -5.64 -12.09
C LYS A 111 2.89 -5.66 -10.64
N ALA A 112 2.60 -4.49 -10.07
CA ALA A 112 2.17 -4.40 -8.68
C ALA A 112 0.75 -4.91 -8.53
N LEU A 113 -0.12 -4.64 -9.50
CA LEU A 113 -1.49 -5.12 -9.47
C LEU A 113 -1.56 -6.58 -9.91
N ALA A 114 -0.57 -7.07 -10.64
CA ALA A 114 -0.52 -8.48 -10.99
C ALA A 114 -0.21 -9.31 -9.76
N ALA A 115 0.46 -8.71 -8.77
CA ALA A 115 0.78 -9.37 -7.51
C ALA A 115 -0.35 -9.23 -6.48
N LEU A 116 -1.19 -8.20 -6.61
CA LEU A 116 -2.30 -7.98 -5.67
C LEU A 116 -3.59 -8.65 -6.11
N LEU A 117 -3.69 -9.08 -7.38
CA LEU A 117 -4.90 -9.68 -7.92
C LEU A 117 -4.73 -11.19 -8.12
N VAL A 118 -3.74 -11.79 -7.45
CA VAL A 118 -3.48 -13.22 -7.52
C VAL A 118 -4.63 -14.03 -6.93
N MET A 1 -13.34 -17.02 -1.50
CA MET A 1 -12.57 -16.08 -2.32
C MET A 1 -13.34 -14.78 -2.51
N SER A 2 -12.64 -13.65 -2.55
CA SER A 2 -13.26 -12.34 -2.73
C SER A 2 -12.47 -11.46 -3.69
N ALA A 3 -11.35 -11.97 -4.22
CA ALA A 3 -10.45 -11.24 -5.11
C ALA A 3 -9.96 -9.92 -4.50
N LEU A 4 -10.16 -9.74 -3.19
CA LEU A 4 -9.74 -8.57 -2.43
C LEU A 4 -9.97 -7.28 -3.21
N THR A 5 -11.21 -7.04 -3.65
CA THR A 5 -11.51 -5.92 -4.51
C THR A 5 -11.41 -4.60 -3.76
N GLN A 6 -11.21 -4.66 -2.43
CA GLN A 6 -11.15 -3.48 -1.60
C GLN A 6 -9.73 -3.17 -1.15
N ILE A 7 -9.21 -2.03 -1.62
CA ILE A 7 -7.82 -1.64 -1.38
C ILE A 7 -7.76 -0.26 -0.72
N LEU A 8 -7.05 -0.17 0.41
CA LEU A 8 -6.87 1.09 1.11
C LEU A 8 -5.58 1.75 0.62
N ILE A 9 -5.62 3.06 0.37
CA ILE A 9 -4.46 3.82 -0.06
C ILE A 9 -3.90 4.64 1.10
N VAL A 10 -2.57 4.57 1.30
CA VAL A 10 -1.90 5.33 2.34
C VAL A 10 -0.69 6.04 1.73
N GLU A 11 -0.67 7.36 1.78
CA GLU A 11 0.38 8.16 1.17
C GLU A 11 0.57 9.47 1.94
N ASP A 12 1.81 9.91 2.12
CA ASP A 12 2.14 11.08 2.91
C ASP A 12 2.14 12.38 2.10
N GLU A 13 1.76 12.32 0.82
CA GLU A 13 1.71 13.49 -0.04
C GLU A 13 0.41 13.47 -0.86
N PRO A 14 -0.25 14.63 -1.02
CA PRO A 14 -1.54 14.72 -1.67
C PRO A 14 -1.45 14.55 -3.19
N LEU A 15 -0.27 14.80 -3.78
CA LEU A 15 -0.11 14.66 -5.22
C LEU A 15 0.06 13.20 -5.60
N ILE A 16 0.75 12.43 -4.75
CA ILE A 16 0.96 11.01 -5.01
C ILE A 16 -0.27 10.23 -4.58
N ALA A 17 -1.03 10.74 -3.59
CA ALA A 17 -2.26 10.09 -3.16
C ALA A 17 -3.30 10.15 -4.27
N MET A 18 -3.32 11.25 -5.02
CA MET A 18 -4.24 11.41 -6.14
C MET A 18 -3.82 10.54 -7.31
N MET A 19 -2.51 10.28 -7.45
CA MET A 19 -2.01 9.44 -8.52
C MET A 19 -2.30 7.97 -8.21
N LEU A 20 -2.32 7.59 -6.93
CA LEU A 20 -2.64 6.23 -6.54
C LEU A 20 -4.12 5.94 -6.79
N GLU A 21 -4.98 6.97 -6.70
CA GLU A 21 -6.38 6.82 -7.02
C GLU A 21 -6.58 6.78 -8.53
N ASP A 22 -5.62 7.30 -9.31
CA ASP A 22 -5.72 7.28 -10.75
C ASP A 22 -5.45 5.86 -11.28
N PHE A 23 -4.41 5.19 -10.77
CA PHE A 23 -4.13 3.83 -11.18
C PHE A 23 -5.13 2.84 -10.58
N LEU A 24 -5.87 3.26 -9.53
CA LEU A 24 -6.92 2.43 -8.96
C LEU A 24 -8.08 2.31 -9.95
N GLU A 25 -8.29 3.35 -10.76
CA GLU A 25 -9.34 3.34 -11.78
C GLU A 25 -8.87 2.63 -13.05
N VAL A 26 -7.54 2.58 -13.28
CA VAL A 26 -7.00 1.85 -14.42
C VAL A 26 -7.14 0.35 -14.19
N LEU A 27 -7.23 -0.07 -12.92
CA LEU A 27 -7.43 -1.47 -12.56
C LEU A 27 -8.92 -1.76 -12.37
N ASP A 28 -9.77 -0.75 -12.53
CA ASP A 28 -11.21 -0.87 -12.30
C ASP A 28 -11.49 -1.47 -10.91
N LYS A 29 -10.64 -1.12 -9.95
CA LYS A 29 -10.68 -1.66 -8.60
C LYS A 29 -11.67 -0.85 -7.75
N THR A 30 -12.20 -1.46 -6.69
CA THR A 30 -13.18 -0.81 -5.83
C THR A 30 -12.48 -0.06 -4.70
N PRO A 31 -12.69 1.25 -4.58
CA PRO A 31 -12.11 2.07 -3.52
C PRO A 31 -12.87 1.86 -2.22
N VAL A 32 -12.20 2.10 -1.09
CA VAL A 32 -12.81 2.01 0.23
C VAL A 32 -12.39 3.14 1.15
N GLY A 33 -11.29 3.84 0.81
CA GLY A 33 -10.84 4.98 1.57
C GLY A 33 -9.40 5.34 1.22
N THR A 34 -8.96 6.53 1.65
CA THR A 34 -7.59 6.98 1.51
C THR A 34 -7.23 7.78 2.77
N VAL A 35 -6.02 7.59 3.28
CA VAL A 35 -5.56 8.26 4.50
C VAL A 35 -4.12 8.74 4.33
N ASP A 36 -3.71 9.68 5.20
CA ASP A 36 -2.40 10.29 5.14
C ASP A 36 -1.53 9.93 6.35
N THR A 37 -2.02 9.05 7.21
CA THR A 37 -1.30 8.62 8.41
C THR A 37 -1.44 7.11 8.58
N VAL A 38 -0.39 6.45 9.06
CA VAL A 38 -0.38 4.99 9.18
C VAL A 38 -1.21 4.52 10.36
N ALA A 39 -1.40 5.39 11.36
CA ALA A 39 -2.24 5.06 12.51
C ALA A 39 -3.71 5.17 12.14
N GLY A 40 -4.03 5.98 11.13
CA GLY A 40 -5.39 6.11 10.63
C GLY A 40 -5.71 4.97 9.67
N ALA A 41 -4.69 4.34 9.10
CA ALA A 41 -4.88 3.21 8.20
C ALA A 41 -5.19 1.94 9.00
N LEU A 42 -4.61 1.82 10.19
CA LEU A 42 -4.87 0.67 11.05
C LEU A 42 -6.28 0.78 11.61
N ALA A 43 -6.68 1.98 12.04
CA ALA A 43 -7.99 2.21 12.60
C ALA A 43 -9.09 2.07 11.55
N ARG A 44 -8.76 2.26 10.27
CA ARG A 44 -9.73 2.13 9.18
C ARG A 44 -9.92 0.67 8.79
N VAL A 45 -8.91 -0.18 9.00
CA VAL A 45 -9.03 -1.60 8.68
C VAL A 45 -9.79 -2.32 9.78
N GLU A 46 -9.78 -1.80 11.01
CA GLU A 46 -10.54 -2.39 12.11
C GLU A 46 -12.03 -2.07 11.95
N ASP A 47 -12.38 -1.10 11.10
CA ASP A 47 -13.76 -0.76 10.81
C ASP A 47 -14.37 -1.76 9.83
N GLY A 48 -13.52 -2.59 9.21
CA GLY A 48 -13.94 -3.60 8.25
C GLY A 48 -14.22 -3.00 6.87
N GLY A 49 -14.68 -3.85 5.95
CA GLY A 49 -14.99 -3.45 4.59
C GLY A 49 -13.73 -3.33 3.73
N ILE A 50 -12.60 -3.84 4.21
CA ILE A 50 -11.33 -3.78 3.49
C ILE A 50 -10.71 -5.16 3.42
N ASP A 51 -10.01 -5.45 2.31
CA ASP A 51 -9.45 -6.78 2.04
C ASP A 51 -7.94 -6.72 1.78
N ALA A 52 -7.39 -5.53 1.53
CA ALA A 52 -5.96 -5.31 1.40
C ALA A 52 -5.65 -3.81 1.45
N ALA A 53 -4.37 -3.45 1.51
CA ALA A 53 -3.99 -2.04 1.55
C ALA A 53 -2.62 -1.82 0.91
N ILE A 54 -2.29 -0.56 0.63
CA ILE A 54 -0.99 -0.16 0.10
C ILE A 54 -0.41 0.90 1.05
N LEU A 55 0.85 0.73 1.45
CA LEU A 55 1.46 1.56 2.48
C LEU A 55 2.62 2.39 1.91
N ASP A 56 2.65 3.67 2.25
CA ASP A 56 3.78 4.54 1.99
C ASP A 56 4.76 4.41 3.16
N VAL A 57 6.06 4.33 2.87
CA VAL A 57 7.08 4.15 3.89
C VAL A 57 7.72 5.49 4.25
N ASN A 58 7.46 6.53 3.44
CA ASN A 58 7.98 7.86 3.70
C ASN A 58 7.06 8.58 4.69
N LEU A 59 7.66 9.28 5.67
CA LEU A 59 6.90 10.03 6.67
C LEU A 59 7.78 11.11 7.27
N ARG A 60 7.25 12.33 7.43
CA ARG A 60 7.98 13.44 8.02
C ARG A 60 7.93 13.36 9.55
N GLY A 61 8.94 13.91 10.21
CA GLY A 61 9.05 13.89 11.66
C GLY A 61 10.15 12.94 12.12
N GLY A 62 10.10 12.54 13.39
CA GLY A 62 11.10 11.65 13.98
C GLY A 62 10.94 10.20 13.53
N GLU A 63 9.87 9.89 12.79
CA GLU A 63 9.62 8.54 12.29
C GLU A 63 10.40 8.29 10.99
N LYS A 64 10.72 7.02 10.72
CA LYS A 64 11.47 6.63 9.53
C LYS A 64 11.08 5.24 9.04
N SER A 65 10.12 4.60 9.70
CA SER A 65 9.72 3.23 9.37
C SER A 65 8.20 3.09 9.47
N THR A 66 7.68 1.97 8.94
CA THR A 66 6.25 1.69 8.94
C THR A 66 6.01 0.24 9.39
N PRO A 67 6.20 -0.04 10.69
CA PRO A 67 6.00 -1.36 11.27
C PRO A 67 4.52 -1.73 11.35
N VAL A 68 3.63 -0.78 11.06
CA VAL A 68 2.19 -1.02 11.10
C VAL A 68 1.77 -2.02 10.03
N ALA A 69 2.58 -2.16 8.98
CA ALA A 69 2.26 -3.09 7.90
C ALA A 69 2.31 -4.52 8.41
N GLU A 70 3.14 -4.78 9.43
CA GLU A 70 3.28 -6.13 9.98
C GLU A 70 2.05 -6.51 10.78
N ALA A 71 1.26 -5.52 11.23
CA ALA A 71 0.03 -5.78 11.93
C ALA A 71 -1.07 -6.12 10.92
N LEU A 72 -0.98 -5.56 9.70
CA LEU A 72 -1.92 -5.88 8.64
C LEU A 72 -1.62 -7.27 8.07
N ALA A 73 -0.34 -7.67 8.05
CA ALA A 73 0.03 -9.00 7.62
C ALA A 73 -0.37 -10.03 8.68
N ALA A 74 -0.52 -9.59 9.93
CA ALA A 74 -1.01 -10.44 10.99
C ALA A 74 -2.55 -10.46 11.01
N ARG A 75 -3.16 -9.54 10.25
CA ARG A 75 -4.61 -9.44 10.09
C ARG A 75 -5.06 -10.20 8.84
N ASP A 76 -4.20 -11.09 8.33
CA ASP A 76 -4.49 -11.95 7.18
C ASP A 76 -4.82 -11.19 5.89
N ILE A 77 -4.25 -9.99 5.71
CA ILE A 77 -4.40 -9.24 4.47
C ILE A 77 -3.02 -8.82 3.94
N PRO A 78 -2.84 -8.81 2.61
CA PRO A 78 -1.58 -8.48 1.96
C PRO A 78 -1.38 -6.97 1.89
N PHE A 79 -0.12 -6.57 1.67
CA PHE A 79 0.23 -5.16 1.50
C PHE A 79 1.38 -5.00 0.50
N VAL A 80 1.57 -3.76 0.03
CA VAL A 80 2.65 -3.38 -0.87
C VAL A 80 3.23 -2.06 -0.40
N PHE A 81 4.55 -1.86 -0.58
CA PHE A 81 5.22 -0.64 -0.18
C PHE A 81 5.47 0.28 -1.38
N ALA A 82 5.59 1.58 -1.11
CA ALA A 82 6.01 2.54 -2.11
C ALA A 82 6.92 3.58 -1.47
N THR A 83 8.16 3.67 -1.95
CA THR A 83 9.14 4.62 -1.46
C THR A 83 10.41 4.55 -2.32
N GLY A 84 11.24 5.59 -2.27
CA GLY A 84 12.53 5.59 -2.95
C GLY A 84 13.55 4.83 -2.10
N GLY A 85 14.49 4.13 -2.74
CA GLY A 85 15.50 3.36 -2.01
C GLY A 85 16.14 2.29 -2.89
N SER A 86 16.73 1.28 -2.24
CA SER A 86 17.40 0.17 -2.90
C SER A 86 17.11 -1.13 -2.14
N ASP A 87 17.27 -2.27 -2.82
CA ASP A 87 16.99 -3.58 -2.23
C ASP A 87 18.01 -3.98 -1.16
N ASP A 88 19.07 -3.18 -1.00
CA ASP A 88 20.08 -3.40 0.03
C ASP A 88 19.81 -2.54 1.27
N SER A 89 18.69 -1.80 1.27
CA SER A 89 18.34 -0.88 2.34
C SER A 89 16.91 -1.12 2.84
N VAL A 90 16.37 -2.31 2.61
CA VAL A 90 15.00 -2.65 3.01
C VAL A 90 14.94 -3.98 3.76
N ASP A 91 13.90 -4.12 4.58
CA ASP A 91 13.66 -5.30 5.40
C ASP A 91 13.13 -6.46 4.56
N SER A 92 13.10 -7.67 5.13
CA SER A 92 12.70 -8.87 4.42
C SER A 92 11.25 -8.82 3.93
N ARG A 93 10.44 -7.91 4.47
CA ARG A 93 9.05 -7.76 4.04
C ARG A 93 9.00 -7.08 2.68
N PHE A 94 10.02 -6.28 2.35
CA PHE A 94 10.15 -5.65 1.04
C PHE A 94 10.71 -6.68 0.05
N ARG A 95 11.43 -7.68 0.58
CA ARG A 95 12.03 -8.72 -0.23
C ARG A 95 11.07 -9.89 -0.45
N ASP A 96 9.93 -9.89 0.25
CA ASP A 96 8.95 -10.97 0.16
C ASP A 96 7.63 -10.51 -0.50
N ARG A 97 7.40 -9.19 -0.56
CA ARG A 97 6.22 -8.64 -1.22
C ARG A 97 6.62 -7.45 -2.09
N PRO A 98 5.80 -7.10 -3.09
CA PRO A 98 6.10 -6.07 -4.08
C PRO A 98 6.46 -4.71 -3.48
N VAL A 99 7.23 -3.93 -4.24
CA VAL A 99 7.65 -2.58 -3.88
C VAL A 99 7.72 -1.72 -5.14
N LEU A 100 7.56 -0.40 -4.98
CA LEU A 100 7.62 0.54 -6.07
C LEU A 100 8.27 1.84 -5.63
N GLN A 101 8.82 2.59 -6.59
CA GLN A 101 9.32 3.93 -6.36
C GLN A 101 8.17 4.91 -6.53
N LYS A 102 8.36 6.19 -6.18
CA LYS A 102 7.29 7.16 -6.26
C LYS A 102 6.77 7.37 -7.69
N PRO A 103 7.62 7.38 -8.72
CA PRO A 103 7.17 7.42 -10.10
C PRO A 103 6.40 6.14 -10.46
N PHE A 104 5.17 6.29 -10.95
CA PHE A 104 4.33 5.17 -11.35
C PHE A 104 4.15 5.15 -12.86
N THR A 105 3.93 3.96 -13.41
CA THR A 105 3.70 3.75 -14.84
C THR A 105 2.63 2.69 -15.03
N MET A 106 1.99 2.66 -16.20
CA MET A 106 0.92 1.70 -16.46
C MET A 106 1.45 0.28 -16.51
N ASP A 107 2.72 0.09 -16.87
CA ASP A 107 3.32 -1.23 -16.93
C ASP A 107 3.84 -1.67 -15.56
N GLY A 108 4.37 -0.73 -14.77
CA GLY A 108 4.98 -1.05 -13.49
C GLY A 108 3.93 -1.26 -12.40
N VAL A 109 2.80 -0.57 -12.48
CA VAL A 109 1.74 -0.69 -11.48
C VAL A 109 0.84 -1.88 -11.79
N ALA A 110 0.71 -2.25 -13.08
CA ALA A 110 -0.13 -3.37 -13.45
C ALA A 110 0.49 -4.69 -13.01
N LYS A 111 1.84 -4.75 -12.94
CA LYS A 111 2.54 -5.95 -12.50
C LYS A 111 2.63 -5.99 -10.98
N ALA A 112 2.64 -4.82 -10.32
CA ALA A 112 2.73 -4.77 -8.87
C ALA A 112 1.38 -5.08 -8.23
N LEU A 113 0.29 -4.64 -8.85
CA LEU A 113 -1.04 -4.92 -8.33
C LEU A 113 -1.48 -6.33 -8.72
N ALA A 114 -0.91 -6.89 -9.79
CA ALA A 114 -1.17 -8.28 -10.14
C ALA A 114 -0.43 -9.19 -9.15
N ALA A 115 0.64 -8.69 -8.53
CA ALA A 115 1.38 -9.41 -7.51
C ALA A 115 0.78 -9.19 -6.12
N LEU A 116 -0.10 -8.19 -5.99
CA LEU A 116 -0.81 -7.92 -4.73
C LEU A 116 -1.97 -8.90 -4.56
N LEU A 117 -2.59 -9.29 -5.68
CA LEU A 117 -3.76 -10.15 -5.69
C LEU A 117 -3.40 -11.64 -5.56
N VAL A 118 -2.13 -11.96 -5.30
CA VAL A 118 -1.67 -13.34 -5.17
C VAL A 118 -0.77 -13.51 -3.94
N MET A 1 -15.41 -13.74 -1.53
CA MET A 1 -14.24 -14.55 -1.13
C MET A 1 -13.32 -14.78 -2.33
N SER A 2 -12.10 -15.23 -2.07
CA SER A 2 -11.08 -15.48 -3.08
C SER A 2 -10.81 -14.28 -3.98
N ALA A 3 -11.11 -13.07 -3.50
CA ALA A 3 -10.91 -11.83 -4.25
C ALA A 3 -10.58 -10.68 -3.30
N LEU A 4 -10.04 -9.60 -3.86
CA LEU A 4 -9.65 -8.42 -3.09
C LEU A 4 -9.87 -7.16 -3.93
N THR A 5 -11.14 -6.77 -4.08
CA THR A 5 -11.51 -5.57 -4.83
C THR A 5 -11.26 -4.31 -4.03
N GLN A 6 -10.88 -4.44 -2.76
CA GLN A 6 -10.71 -3.29 -1.89
C GLN A 6 -9.31 -3.17 -1.31
N ILE A 7 -8.63 -2.08 -1.64
CA ILE A 7 -7.25 -1.84 -1.27
C ILE A 7 -7.14 -0.53 -0.51
N LEU A 8 -6.39 -0.53 0.61
CA LEU A 8 -6.10 0.70 1.34
C LEU A 8 -4.81 1.30 0.77
N ILE A 9 -4.79 2.61 0.60
CA ILE A 9 -3.68 3.34 0.00
C ILE A 9 -2.99 4.19 1.06
N VAL A 10 -1.67 4.02 1.21
CA VAL A 10 -0.89 4.77 2.20
C VAL A 10 0.36 5.34 1.55
N GLU A 11 0.52 6.67 1.63
CA GLU A 11 1.63 7.37 1.01
C GLU A 11 2.12 8.51 1.90
N ASP A 12 3.39 8.90 1.74
CA ASP A 12 3.96 10.02 2.48
C ASP A 12 3.67 11.35 1.75
N GLU A 13 3.08 11.28 0.55
CA GLU A 13 2.75 12.46 -0.24
C GLU A 13 1.34 12.31 -0.82
N PRO A 14 0.45 13.28 -0.58
CA PRO A 14 -0.92 13.25 -1.10
C PRO A 14 -0.96 13.17 -2.63
N LEU A 15 0.09 13.65 -3.31
CA LEU A 15 0.13 13.66 -4.76
C LEU A 15 0.18 12.24 -5.31
N ILE A 16 0.84 11.33 -4.57
CA ILE A 16 0.94 9.94 -4.99
C ILE A 16 -0.30 9.18 -4.56
N ALA A 17 -0.97 9.64 -3.49
CA ALA A 17 -2.17 8.98 -3.01
C ALA A 17 -3.36 9.24 -3.93
N MET A 18 -3.47 10.47 -4.46
CA MET A 18 -4.55 10.80 -5.38
C MET A 18 -4.29 10.18 -6.74
N MET A 19 -3.02 10.05 -7.12
CA MET A 19 -2.66 9.42 -8.39
C MET A 19 -2.84 7.91 -8.29
N LEU A 20 -2.79 7.36 -7.07
CA LEU A 20 -2.99 5.94 -6.84
C LEU A 20 -4.45 5.59 -7.13
N GLU A 21 -5.36 6.47 -6.71
CA GLU A 21 -6.78 6.24 -6.95
C GLU A 21 -7.12 6.45 -8.43
N ASP A 22 -6.29 7.20 -9.17
CA ASP A 22 -6.52 7.43 -10.58
C ASP A 22 -6.22 6.18 -11.40
N PHE A 23 -5.17 5.44 -11.07
CA PHE A 23 -4.85 4.22 -11.80
C PHE A 23 -5.82 3.10 -11.41
N LEU A 24 -6.36 3.14 -10.20
CA LEU A 24 -7.33 2.12 -9.78
C LEU A 24 -8.70 2.43 -10.40
N GLU A 25 -8.92 3.65 -10.88
CA GLU A 25 -10.15 3.99 -11.58
C GLU A 25 -10.08 3.47 -13.01
N VAL A 26 -8.87 3.37 -13.57
CA VAL A 26 -8.66 2.82 -14.90
C VAL A 26 -8.67 1.29 -14.86
N LEU A 27 -8.44 0.71 -13.67
CA LEU A 27 -8.43 -0.73 -13.48
C LEU A 27 -9.76 -1.24 -12.89
N ASP A 28 -10.79 -0.39 -12.87
CA ASP A 28 -12.11 -0.73 -12.36
C ASP A 28 -12.06 -1.32 -10.94
N LYS A 29 -11.11 -0.83 -10.13
CA LYS A 29 -10.91 -1.28 -8.76
C LYS A 29 -11.82 -0.50 -7.82
N THR A 30 -12.01 -1.01 -6.60
CA THR A 30 -12.85 -0.35 -5.59
C THR A 30 -12.01 0.04 -4.37
N PRO A 31 -11.19 1.10 -4.47
CA PRO A 31 -10.38 1.57 -3.37
C PRO A 31 -11.28 2.04 -2.23
N VAL A 32 -10.75 2.01 -1.00
CA VAL A 32 -11.57 2.28 0.18
C VAL A 32 -11.15 3.53 0.95
N GLY A 33 -9.98 4.09 0.64
CA GLY A 33 -9.56 5.33 1.27
C GLY A 33 -8.07 5.60 1.08
N THR A 34 -7.63 6.76 1.56
CA THR A 34 -6.24 7.17 1.56
C THR A 34 -5.87 7.70 2.94
N VAL A 35 -4.65 7.44 3.39
CA VAL A 35 -4.16 7.89 4.68
C VAL A 35 -2.66 8.19 4.60
N ASP A 36 -2.15 8.93 5.58
CA ASP A 36 -0.75 9.35 5.61
C ASP A 36 -0.08 8.99 6.94
N THR A 37 -0.78 8.26 7.81
CA THR A 37 -0.26 7.85 9.11
C THR A 37 -0.80 6.47 9.49
N VAL A 38 -0.08 5.76 10.36
CA VAL A 38 -0.44 4.39 10.73
C VAL A 38 -1.75 4.35 11.53
N ALA A 39 -2.06 5.42 12.26
CA ALA A 39 -3.29 5.48 13.03
C ALA A 39 -4.49 5.61 12.10
N GLY A 40 -4.27 6.17 10.91
CA GLY A 40 -5.32 6.33 9.92
C GLY A 40 -5.60 5.00 9.23
N ALA A 41 -4.60 4.13 9.10
CA ALA A 41 -4.80 2.83 8.46
C ALA A 41 -5.73 1.98 9.32
N LEU A 42 -5.59 2.05 10.65
CA LEU A 42 -6.47 1.31 11.55
C LEU A 42 -7.82 2.02 11.64
N ALA A 43 -7.90 3.31 11.28
CA ALA A 43 -9.16 4.03 11.28
C ALA A 43 -10.01 3.66 10.06
N ARG A 44 -9.37 3.21 8.97
CA ARG A 44 -10.10 2.75 7.79
C ARG A 44 -10.65 1.35 8.04
N VAL A 45 -9.91 0.54 8.82
CA VAL A 45 -10.35 -0.81 9.16
C VAL A 45 -11.48 -0.75 10.18
N GLU A 46 -11.56 0.32 10.97
CA GLU A 46 -12.61 0.52 11.95
C GLU A 46 -13.88 1.08 11.30
N ASP A 47 -13.77 1.59 10.08
CA ASP A 47 -14.89 2.20 9.37
C ASP A 47 -15.52 1.23 8.37
N GLY A 48 -14.84 0.11 8.08
CA GLY A 48 -15.35 -0.89 7.16
C GLY A 48 -14.32 -1.97 6.86
N GLY A 49 -14.73 -3.02 6.15
CA GLY A 49 -13.84 -4.13 5.79
C GLY A 49 -12.88 -3.72 4.67
N ILE A 50 -11.74 -4.39 4.62
CA ILE A 50 -10.70 -4.14 3.61
C ILE A 50 -10.11 -5.50 3.22
N ASP A 51 -9.70 -5.66 1.95
CA ASP A 51 -9.20 -6.94 1.48
C ASP A 51 -7.67 -6.94 1.34
N ALA A 52 -7.06 -5.77 1.17
CA ALA A 52 -5.60 -5.64 1.13
C ALA A 52 -5.19 -4.18 1.33
N ALA A 53 -3.89 -3.92 1.43
CA ALA A 53 -3.38 -2.57 1.59
C ALA A 53 -2.00 -2.40 0.98
N ILE A 54 -1.59 -1.14 0.73
CA ILE A 54 -0.25 -0.81 0.25
C ILE A 54 0.36 0.21 1.20
N LEU A 55 1.57 -0.05 1.68
CA LEU A 55 2.22 0.78 2.69
C LEU A 55 3.49 1.41 2.14
N ASP A 56 3.58 2.74 2.20
CA ASP A 56 4.80 3.46 1.86
C ASP A 56 5.73 3.54 3.08
N VAL A 57 6.96 3.06 2.93
CA VAL A 57 7.95 3.03 3.99
C VAL A 57 8.93 4.21 3.91
N ASN A 58 8.82 5.02 2.85
CA ASN A 58 9.74 6.13 2.58
C ASN A 58 9.49 7.33 3.49
N LEU A 59 9.46 7.10 4.82
CA LEU A 59 9.31 8.16 5.80
C LEU A 59 10.61 8.94 5.94
N ARG A 60 10.51 10.17 6.44
CA ARG A 60 11.66 11.06 6.63
C ARG A 60 12.41 10.71 7.92
N GLY A 61 13.71 11.00 7.94
CA GLY A 61 14.55 10.76 9.11
C GLY A 61 15.03 9.32 9.21
N GLY A 62 14.74 8.51 8.18
CA GLY A 62 15.15 7.10 8.16
C GLY A 62 14.23 6.24 9.03
N GLU A 63 13.13 6.80 9.53
CA GLU A 63 12.17 6.07 10.36
C GLU A 63 11.39 5.08 9.50
N LYS A 64 10.67 4.17 10.18
CA LYS A 64 9.91 3.11 9.52
C LYS A 64 8.44 3.17 9.91
N SER A 65 7.61 2.44 9.15
CA SER A 65 6.18 2.34 9.39
C SER A 65 5.73 0.88 9.30
N THR A 66 6.68 -0.05 9.21
CA THR A 66 6.42 -1.47 9.00
C THR A 66 5.48 -2.09 10.04
N PRO A 67 5.50 -1.69 11.32
CA PRO A 67 4.64 -2.25 12.34
C PRO A 67 3.15 -2.20 12.02
N VAL A 68 2.72 -1.33 11.10
CA VAL A 68 1.30 -1.24 10.76
C VAL A 68 0.91 -2.34 9.76
N ALA A 69 1.88 -2.80 8.96
CA ALA A 69 1.63 -3.86 8.00
C ALA A 69 1.54 -5.20 8.74
N GLU A 70 2.29 -5.34 9.83
CA GLU A 70 2.27 -6.55 10.63
C GLU A 70 1.04 -6.58 11.54
N ALA A 71 0.41 -5.42 11.75
CA ALA A 71 -0.87 -5.37 12.46
C ALA A 71 -1.98 -5.85 11.52
N LEU A 72 -1.83 -5.57 10.23
CA LEU A 72 -2.77 -6.08 9.24
C LEU A 72 -2.53 -7.58 9.03
N ALA A 73 -1.31 -8.06 9.28
CA ALA A 73 -1.01 -9.47 9.19
C ALA A 73 -1.63 -10.23 10.37
N ALA A 74 -1.87 -9.52 11.49
CA ALA A 74 -2.58 -10.11 12.63
C ALA A 74 -4.08 -10.12 12.36
N ARG A 75 -4.54 -9.30 11.40
CA ARG A 75 -5.91 -9.30 10.92
C ARG A 75 -6.07 -10.19 9.70
N ASP A 76 -5.02 -10.94 9.35
CA ASP A 76 -4.99 -11.83 8.19
C ASP A 76 -5.25 -11.10 6.86
N ILE A 77 -4.88 -9.82 6.79
CA ILE A 77 -5.00 -9.01 5.58
C ILE A 77 -3.62 -8.88 4.92
N PRO A 78 -3.51 -9.21 3.62
CA PRO A 78 -2.25 -9.12 2.89
C PRO A 78 -1.90 -7.66 2.56
N PHE A 79 -0.61 -7.41 2.29
CA PHE A 79 -0.14 -6.08 1.97
C PHE A 79 1.07 -6.10 1.05
N VAL A 80 1.43 -4.94 0.51
CA VAL A 80 2.60 -4.76 -0.35
C VAL A 80 3.31 -3.47 0.06
N PHE A 81 4.64 -3.45 -0.06
CA PHE A 81 5.43 -2.27 0.28
C PHE A 81 5.58 -1.34 -0.92
N ALA A 82 5.86 -0.07 -0.64
CA ALA A 82 6.17 0.94 -1.64
C ALA A 82 7.31 1.81 -1.13
N THR A 83 8.19 2.25 -2.02
CA THR A 83 9.32 3.09 -1.64
C THR A 83 9.90 3.81 -2.86
N GLY A 84 10.87 4.69 -2.63
CA GLY A 84 11.59 5.38 -3.69
C GLY A 84 12.88 5.97 -3.13
N GLY A 85 14.03 5.51 -3.65
CA GLY A 85 15.33 5.94 -3.19
C GLY A 85 16.36 4.83 -3.38
N SER A 86 17.47 4.91 -2.64
CA SER A 86 18.52 3.90 -2.67
C SER A 86 18.03 2.61 -2.00
N ASP A 87 18.69 1.48 -2.30
CA ASP A 87 18.25 0.17 -1.83
C ASP A 87 18.55 -0.03 -0.35
N ASP A 88 19.33 0.85 0.27
CA ASP A 88 19.65 0.76 1.69
C ASP A 88 18.52 1.33 2.55
N SER A 89 17.47 1.86 1.91
CA SER A 89 16.31 2.40 2.60
C SER A 89 15.38 1.28 3.08
N VAL A 90 15.67 0.04 2.68
CA VAL A 90 14.88 -1.13 3.03
C VAL A 90 15.78 -2.28 3.45
N ASP A 91 15.24 -3.19 4.27
CA ASP A 91 15.97 -4.32 4.82
C ASP A 91 15.55 -5.63 4.16
N SER A 92 16.13 -6.74 4.60
CA SER A 92 15.88 -8.06 4.01
C SER A 92 14.41 -8.47 4.09
N ARG A 93 13.64 -7.87 4.99
CA ARG A 93 12.21 -8.19 5.12
C ARG A 93 11.45 -7.67 3.90
N PHE A 94 11.97 -6.62 3.26
CA PHE A 94 11.39 -6.02 2.08
C PHE A 94 11.94 -6.69 0.83
N ARG A 95 13.08 -7.40 0.98
CA ARG A 95 13.68 -8.13 -0.12
C ARG A 95 13.11 -9.55 -0.20
N ASP A 96 12.32 -9.94 0.81
CA ASP A 96 11.61 -11.21 0.82
C ASP A 96 10.11 -11.00 0.54
N ARG A 97 9.62 -9.78 0.72
CA ARG A 97 8.24 -9.40 0.43
C ARG A 97 8.18 -8.60 -0.87
N PRO A 98 7.01 -8.50 -1.51
CA PRO A 98 6.83 -7.72 -2.73
C PRO A 98 7.01 -6.23 -2.45
N VAL A 99 7.48 -5.50 -3.47
CA VAL A 99 7.78 -4.08 -3.37
C VAL A 99 7.36 -3.35 -4.65
N LEU A 100 7.08 -2.05 -4.53
CA LEU A 100 6.71 -1.20 -5.64
C LEU A 100 7.47 0.13 -5.55
N GLN A 101 7.68 0.77 -6.69
CA GLN A 101 8.30 2.09 -6.75
C GLN A 101 7.24 3.16 -6.55
N LYS A 102 7.64 4.39 -6.22
CA LYS A 102 6.70 5.46 -5.92
C LYS A 102 5.95 5.96 -7.16
N PRO A 103 6.61 6.26 -8.29
CA PRO A 103 5.93 6.72 -9.50
C PRO A 103 5.27 5.54 -10.22
N PHE A 104 4.05 5.76 -10.73
CA PHE A 104 3.31 4.74 -11.46
C PHE A 104 3.20 5.13 -12.94
N THR A 105 2.97 4.13 -13.79
CA THR A 105 2.75 4.28 -15.23
C THR A 105 1.67 3.29 -15.64
N MET A 106 1.09 3.46 -16.84
CA MET A 106 0.02 2.58 -17.29
C MET A 106 0.47 1.12 -17.37
N ASP A 107 1.73 0.90 -17.78
CA ASP A 107 2.26 -0.45 -17.88
C ASP A 107 2.81 -0.94 -16.55
N GLY A 108 3.28 -0.02 -15.69
CA GLY A 108 3.88 -0.37 -14.41
C GLY A 108 2.83 -0.68 -13.35
N VAL A 109 1.64 -0.09 -13.45
CA VAL A 109 0.59 -0.33 -12.47
C VAL A 109 -0.22 -1.57 -12.84
N ALA A 110 -0.26 -1.93 -14.13
CA ALA A 110 -0.95 -3.14 -14.55
C ALA A 110 -0.18 -4.37 -14.03
N LYS A 111 1.15 -4.24 -13.92
CA LYS A 111 1.99 -5.31 -13.37
C LYS A 111 2.02 -5.25 -11.84
N ALA A 112 1.70 -4.08 -11.26
CA ALA A 112 1.69 -3.94 -9.81
C ALA A 112 0.45 -4.59 -9.21
N LEU A 113 -0.70 -4.46 -9.87
CA LEU A 113 -1.94 -5.07 -9.41
C LEU A 113 -1.95 -6.55 -9.78
N ALA A 114 -1.24 -6.94 -10.83
CA ALA A 114 -1.14 -8.35 -11.19
C ALA A 114 -0.26 -9.09 -10.18
N ALA A 115 0.66 -8.37 -9.53
CA ALA A 115 1.52 -8.92 -8.49
C ALA A 115 0.87 -8.84 -7.12
N LEU A 116 -0.17 -8.02 -6.97
CA LEU A 116 -0.86 -7.84 -5.70
C LEU A 116 -2.04 -8.82 -5.58
N LEU A 117 -2.69 -9.12 -6.71
CA LEU A 117 -3.84 -10.04 -6.72
C LEU A 117 -3.41 -11.49 -6.89
N VAL A 118 -2.11 -11.75 -7.06
CA VAL A 118 -1.58 -13.10 -7.24
C VAL A 118 -0.33 -13.30 -6.40
N MET A 1 -14.72 -7.86 -0.28
CA MET A 1 -15.61 -9.03 -0.39
C MET A 1 -14.88 -10.21 -1.00
N SER A 2 -14.44 -10.10 -2.26
CA SER A 2 -13.71 -11.15 -2.95
C SER A 2 -12.74 -10.53 -3.95
N ALA A 3 -11.73 -11.29 -4.36
CA ALA A 3 -10.69 -10.85 -5.30
C ALA A 3 -10.05 -9.52 -4.88
N LEU A 4 -10.14 -9.20 -3.59
CA LEU A 4 -9.63 -7.98 -2.97
C LEU A 4 -9.91 -6.75 -3.84
N THR A 5 -11.19 -6.51 -4.12
CA THR A 5 -11.59 -5.35 -4.91
C THR A 5 -11.49 -4.07 -4.08
N GLN A 6 -11.23 -4.21 -2.77
CA GLN A 6 -11.13 -3.08 -1.87
C GLN A 6 -9.72 -2.89 -1.36
N ILE A 7 -9.05 -1.81 -1.81
CA ILE A 7 -7.68 -1.49 -1.45
C ILE A 7 -7.63 -0.18 -0.68
N LEU A 8 -6.79 -0.12 0.37
CA LEU A 8 -6.56 1.10 1.13
C LEU A 8 -5.21 1.68 0.71
N ILE A 9 -5.15 3.00 0.45
CA ILE A 9 -3.93 3.69 0.08
C ILE A 9 -3.34 4.37 1.30
N VAL A 10 -2.06 4.10 1.59
CA VAL A 10 -1.37 4.67 2.74
C VAL A 10 -0.02 5.21 2.31
N GLU A 11 0.14 6.54 2.29
CA GLU A 11 1.38 7.16 1.84
C GLU A 11 1.72 8.41 2.64
N ASP A 12 3.00 8.80 2.60
CA ASP A 12 3.49 9.97 3.32
C ASP A 12 3.37 11.25 2.48
N GLU A 13 2.93 11.11 1.22
CA GLU A 13 2.84 12.24 0.29
C GLU A 13 1.58 12.14 -0.57
N PRO A 14 0.90 13.27 -0.81
CA PRO A 14 -0.38 13.32 -1.49
C PRO A 14 -0.23 13.24 -3.01
N LEU A 15 0.97 13.44 -3.55
CA LEU A 15 1.15 13.48 -5.00
C LEU A 15 0.97 12.10 -5.60
N ILE A 16 1.57 11.08 -4.98
CA ILE A 16 1.44 9.72 -5.49
C ILE A 16 0.07 9.16 -5.12
N ALA A 17 -0.54 9.68 -4.05
CA ALA A 17 -1.86 9.23 -3.64
C ALA A 17 -2.91 9.63 -4.68
N MET A 18 -2.66 10.69 -5.44
CA MET A 18 -3.55 11.09 -6.50
C MET A 18 -3.27 10.28 -7.76
N MET A 19 -2.04 9.78 -7.93
CA MET A 19 -1.74 8.90 -9.05
C MET A 19 -2.31 7.51 -8.84
N LEU A 20 -2.44 7.09 -7.57
CA LEU A 20 -3.05 5.79 -7.26
C LEU A 20 -4.57 5.88 -7.39
N GLU A 21 -5.15 7.05 -7.16
CA GLU A 21 -6.59 7.24 -7.36
C GLU A 21 -6.90 7.36 -8.84
N ASP A 22 -5.91 7.73 -9.65
CA ASP A 22 -6.13 7.87 -11.08
C ASP A 22 -6.11 6.51 -11.78
N PHE A 23 -5.14 5.64 -11.46
CA PHE A 23 -5.07 4.36 -12.14
C PHE A 23 -6.08 3.35 -11.60
N LEU A 24 -6.54 3.50 -10.35
CA LEU A 24 -7.52 2.57 -9.83
C LEU A 24 -8.92 2.89 -10.35
N GLU A 25 -9.17 4.12 -10.80
CA GLU A 25 -10.44 4.47 -11.41
C GLU A 25 -10.45 4.15 -12.89
N VAL A 26 -9.27 4.07 -13.53
CA VAL A 26 -9.16 3.72 -14.94
C VAL A 26 -9.15 2.20 -15.13
N LEU A 27 -8.85 1.45 -14.07
CA LEU A 27 -8.81 -0.01 -14.12
C LEU A 27 -10.03 -0.64 -13.46
N ASP A 28 -11.12 0.13 -13.32
CA ASP A 28 -12.39 -0.33 -12.77
C ASP A 28 -12.24 -0.98 -11.40
N LYS A 29 -11.26 -0.54 -10.61
CA LYS A 29 -11.02 -1.03 -9.26
C LYS A 29 -11.92 -0.24 -8.29
N THR A 30 -12.09 -0.76 -7.07
CA THR A 30 -12.97 -0.12 -6.08
C THR A 30 -12.19 0.19 -4.80
N PRO A 31 -11.29 1.18 -4.81
CA PRO A 31 -10.55 1.60 -3.64
C PRO A 31 -11.52 2.10 -2.58
N VAL A 32 -11.14 1.97 -1.30
CA VAL A 32 -12.04 2.28 -0.20
C VAL A 32 -11.62 3.48 0.62
N GLY A 33 -10.43 4.06 0.35
CA GLY A 33 -10.01 5.26 1.05
C GLY A 33 -8.53 5.53 0.88
N THR A 34 -8.10 6.67 1.42
CA THR A 34 -6.71 7.10 1.44
C THR A 34 -6.41 7.76 2.78
N VAL A 35 -5.24 7.49 3.34
CA VAL A 35 -4.83 8.06 4.62
C VAL A 35 -3.35 8.47 4.56
N ASP A 36 -2.98 9.41 5.42
CA ASP A 36 -1.62 9.98 5.44
C ASP A 36 -0.84 9.53 6.67
N THR A 37 -1.44 8.68 7.51
CA THR A 37 -0.81 8.17 8.72
C THR A 37 -1.12 6.69 8.90
N VAL A 38 -0.28 5.99 9.68
CA VAL A 38 -0.49 4.59 9.95
C VAL A 38 -1.63 4.39 10.95
N ALA A 39 -1.92 5.42 11.76
CA ALA A 39 -3.01 5.36 12.73
C ALA A 39 -4.36 5.50 12.01
N GLY A 40 -4.37 6.14 10.84
CA GLY A 40 -5.57 6.27 10.03
C GLY A 40 -5.91 4.95 9.35
N ALA A 41 -4.89 4.11 9.12
CA ALA A 41 -5.12 2.81 8.51
C ALA A 41 -5.68 1.83 9.53
N LEU A 42 -5.31 1.99 10.81
CA LEU A 42 -5.84 1.15 11.88
C LEU A 42 -7.25 1.58 12.25
N ALA A 43 -7.55 2.88 12.14
CA ALA A 43 -8.87 3.38 12.49
C ALA A 43 -9.89 3.04 11.40
N ARG A 44 -9.43 2.86 10.15
CA ARG A 44 -10.30 2.55 9.04
C ARG A 44 -10.54 1.04 8.88
N VAL A 45 -9.60 0.22 9.35
CA VAL A 45 -9.74 -1.24 9.23
C VAL A 45 -10.61 -1.80 10.36
N GLU A 46 -10.71 -1.08 11.48
CA GLU A 46 -11.60 -1.48 12.58
C GLU A 46 -13.07 -1.36 12.16
N ASP A 47 -13.34 -0.67 11.05
CA ASP A 47 -14.69 -0.53 10.50
C ASP A 47 -14.99 -1.65 9.51
N GLY A 48 -13.96 -2.40 9.09
CA GLY A 48 -14.10 -3.47 8.12
C GLY A 48 -14.31 -2.93 6.71
N GLY A 49 -14.68 -3.83 5.78
CA GLY A 49 -14.93 -3.46 4.40
C GLY A 49 -13.64 -3.33 3.57
N ILE A 50 -12.51 -3.79 4.10
CA ILE A 50 -11.23 -3.73 3.41
C ILE A 50 -10.71 -5.15 3.17
N ASP A 51 -10.02 -5.35 2.04
CA ASP A 51 -9.53 -6.67 1.65
C ASP A 51 -8.01 -6.67 1.49
N ALA A 52 -7.40 -5.51 1.24
CA ALA A 52 -5.95 -5.36 1.14
C ALA A 52 -5.58 -3.88 1.24
N ALA A 53 -4.28 -3.58 1.35
CA ALA A 53 -3.81 -2.21 1.41
C ALA A 53 -2.40 -2.09 0.84
N ILE A 54 -1.97 -0.85 0.56
CA ILE A 54 -0.63 -0.57 0.06
C ILE A 54 0.05 0.41 1.02
N LEU A 55 1.30 0.12 1.39
CA LEU A 55 2.04 0.88 2.38
C LEU A 55 3.23 1.59 1.74
N ASP A 56 3.51 2.81 2.19
CA ASP A 56 4.68 3.58 1.77
C ASP A 56 5.79 3.41 2.81
N VAL A 57 7.01 3.18 2.35
CA VAL A 57 8.15 2.98 3.26
C VAL A 57 8.62 4.32 3.79
N ASN A 58 8.22 5.42 3.14
CA ASN A 58 8.56 6.76 3.59
C ASN A 58 7.68 7.18 4.79
N LEU A 59 6.74 6.32 5.17
CA LEU A 59 5.87 6.56 6.31
C LEU A 59 6.27 5.63 7.45
N ARG A 60 7.05 6.15 8.40
CA ARG A 60 7.55 5.36 9.52
C ARG A 60 6.50 5.25 10.63
N GLY A 61 6.45 4.08 11.28
CA GLY A 61 5.57 3.86 12.42
C GLY A 61 6.17 4.45 13.70
N GLY A 62 5.52 4.21 14.84
CA GLY A 62 6.01 4.68 16.12
C GLY A 62 7.17 3.82 16.62
N GLU A 63 7.23 2.57 16.16
CA GLU A 63 8.29 1.62 16.50
C GLU A 63 8.91 1.05 15.23
N LYS A 64 10.07 0.39 15.37
CA LYS A 64 10.77 -0.25 14.25
C LYS A 64 10.79 0.65 13.02
N SER A 65 10.12 0.24 11.93
CA SER A 65 10.00 1.06 10.74
C SER A 65 8.60 0.97 10.14
N THR A 66 8.05 -0.25 10.01
CA THR A 66 6.73 -0.47 9.42
C THR A 66 5.97 -1.58 10.14
N PRO A 67 5.93 -1.60 11.48
CA PRO A 67 5.33 -2.69 12.25
C PRO A 67 3.81 -2.70 12.14
N VAL A 68 3.20 -1.62 11.62
CA VAL A 68 1.75 -1.54 11.50
C VAL A 68 1.27 -2.41 10.33
N ALA A 69 2.15 -2.67 9.35
CA ALA A 69 1.79 -3.53 8.24
C ALA A 69 1.63 -4.97 8.73
N GLU A 70 2.33 -5.32 9.81
CA GLU A 70 2.27 -6.66 10.37
C GLU A 70 1.05 -6.81 11.27
N ALA A 71 0.44 -5.70 11.70
CA ALA A 71 -0.82 -5.75 12.42
C ALA A 71 -1.94 -6.07 11.43
N LEU A 72 -1.80 -5.60 10.19
CA LEU A 72 -2.76 -5.94 9.14
C LEU A 72 -2.58 -7.41 8.76
N ALA A 73 -1.37 -7.93 8.89
CA ALA A 73 -1.10 -9.34 8.61
C ALA A 73 -1.68 -10.22 9.72
N ALA A 74 -1.90 -9.66 10.92
CA ALA A 74 -2.55 -10.39 12.00
C ALA A 74 -4.06 -10.41 11.76
N ARG A 75 -4.55 -9.51 10.91
CA ARG A 75 -5.94 -9.50 10.46
C ARG A 75 -6.08 -10.29 9.15
N ASP A 76 -5.03 -11.00 8.75
CA ASP A 76 -4.98 -11.78 7.51
C ASP A 76 -5.18 -10.91 6.27
N ILE A 77 -4.86 -9.61 6.36
CA ILE A 77 -4.93 -8.69 5.24
C ILE A 77 -3.53 -8.54 4.63
N PRO A 78 -3.39 -8.79 3.32
CA PRO A 78 -2.12 -8.69 2.62
C PRO A 78 -1.74 -7.23 2.35
N PHE A 79 -0.45 -6.98 2.15
CA PHE A 79 0.05 -5.66 1.84
C PHE A 79 1.30 -5.72 0.98
N VAL A 80 1.70 -4.58 0.42
CA VAL A 80 2.89 -4.45 -0.41
C VAL A 80 3.62 -3.16 -0.04
N PHE A 81 4.95 -3.18 -0.04
CA PHE A 81 5.76 -2.00 0.24
C PHE A 81 5.91 -1.17 -1.03
N ALA A 82 6.00 0.15 -0.88
CA ALA A 82 6.23 1.06 -2.00
C ALA A 82 7.29 2.08 -1.63
N THR A 83 8.31 2.25 -2.48
CA THR A 83 9.42 3.16 -2.23
C THR A 83 10.13 3.51 -3.54
N GLY A 84 11.03 4.50 -3.48
CA GLY A 84 11.84 4.88 -4.64
C GLY A 84 13.02 3.94 -4.81
N GLY A 85 13.79 4.12 -5.88
CA GLY A 85 14.94 3.27 -6.16
C GLY A 85 16.08 3.56 -5.18
N SER A 86 16.24 2.69 -4.17
CA SER A 86 17.29 2.80 -3.17
C SER A 86 17.69 1.42 -2.66
N ASP A 87 18.96 1.25 -2.32
CA ASP A 87 19.49 -0.02 -1.84
C ASP A 87 19.75 -0.02 -0.33
N ASP A 88 19.51 1.11 0.34
CA ASP A 88 19.80 1.25 1.77
C ASP A 88 18.63 1.84 2.54
N SER A 89 17.52 2.14 1.86
CA SER A 89 16.32 2.69 2.49
C SER A 89 15.38 1.60 2.96
N VAL A 90 15.80 0.33 2.84
CA VAL A 90 15.01 -0.82 3.22
C VAL A 90 15.87 -1.91 3.85
N ASP A 91 15.25 -2.74 4.69
CA ASP A 91 15.91 -3.86 5.35
C ASP A 91 15.56 -5.18 4.67
N SER A 92 16.18 -6.28 5.12
CA SER A 92 15.96 -7.58 4.51
C SER A 92 14.53 -8.08 4.67
N ARG A 93 13.72 -7.42 5.51
CA ARG A 93 12.31 -7.78 5.66
C ARG A 93 11.51 -7.27 4.45
N PHE A 94 12.03 -6.25 3.78
CA PHE A 94 11.45 -5.73 2.56
C PHE A 94 11.99 -6.51 1.36
N ARG A 95 13.14 -7.18 1.56
CA ARG A 95 13.74 -8.03 0.54
C ARG A 95 13.11 -9.42 0.57
N ASP A 96 12.37 -9.73 1.62
CA ASP A 96 11.66 -11.01 1.77
C ASP A 96 10.16 -10.85 1.52
N ARG A 97 9.64 -9.62 1.55
CA ARG A 97 8.24 -9.32 1.28
C ARG A 97 8.11 -8.59 -0.06
N PRO A 98 6.91 -8.54 -0.65
CA PRO A 98 6.65 -7.86 -1.90
C PRO A 98 7.05 -6.38 -1.86
N VAL A 99 7.47 -5.86 -3.01
CA VAL A 99 7.91 -4.46 -3.15
C VAL A 99 7.42 -3.89 -4.48
N LEU A 100 7.27 -2.57 -4.53
CA LEU A 100 6.81 -1.85 -5.70
C LEU A 100 7.51 -0.49 -5.78
N GLN A 101 7.63 0.06 -6.98
CA GLN A 101 8.22 1.38 -7.19
C GLN A 101 7.20 2.47 -6.87
N LYS A 102 7.67 3.60 -6.34
CA LYS A 102 6.79 4.69 -5.98
C LYS A 102 6.23 5.44 -7.19
N PRO A 103 7.01 5.76 -8.23
CA PRO A 103 6.47 6.39 -9.42
C PRO A 103 5.60 5.38 -10.18
N PHE A 104 4.49 5.84 -10.75
CA PHE A 104 3.52 4.98 -11.42
C PHE A 104 3.41 5.32 -12.91
N THR A 105 3.08 4.28 -13.69
CA THR A 105 2.82 4.38 -15.12
C THR A 105 1.71 3.38 -15.44
N MET A 106 1.10 3.47 -16.62
CA MET A 106 0.00 2.58 -16.98
C MET A 106 0.47 1.12 -17.09
N ASP A 107 1.75 0.92 -17.43
CA ASP A 107 2.33 -0.42 -17.49
C ASP A 107 2.80 -0.86 -16.12
N GLY A 108 3.24 0.09 -15.28
CA GLY A 108 3.76 -0.21 -13.96
C GLY A 108 2.65 -0.53 -12.97
N VAL A 109 1.43 -0.04 -13.20
CA VAL A 109 0.32 -0.31 -12.31
C VAL A 109 -0.37 -1.63 -12.66
N ALA A 110 -0.31 -2.04 -13.93
CA ALA A 110 -0.85 -3.33 -14.33
C ALA A 110 -0.02 -4.44 -13.70
N LYS A 111 1.26 -4.18 -13.49
CA LYS A 111 2.17 -5.11 -12.83
C LYS A 111 2.09 -4.97 -11.31
N ALA A 112 1.60 -3.83 -10.82
CA ALA A 112 1.42 -3.61 -9.40
C ALA A 112 0.20 -4.39 -8.90
N LEU A 113 -0.85 -4.47 -9.72
CA LEU A 113 -2.04 -5.22 -9.37
C LEU A 113 -1.80 -6.71 -9.58
N ALA A 114 -0.90 -7.07 -10.49
CA ALA A 114 -0.53 -8.47 -10.69
C ALA A 114 0.27 -8.98 -9.48
N ALA A 115 0.98 -8.08 -8.79
CA ALA A 115 1.72 -8.41 -7.58
C ALA A 115 0.85 -8.30 -6.34
N LEU A 116 -0.28 -7.59 -6.42
CA LEU A 116 -1.17 -7.39 -5.29
C LEU A 116 -2.24 -8.48 -5.21
N LEU A 117 -2.73 -8.94 -6.36
CA LEU A 117 -3.82 -9.92 -6.41
C LEU A 117 -3.29 -11.35 -6.49
N VAL A 118 -1.97 -11.54 -6.41
CA VAL A 118 -1.35 -12.87 -6.45
C VAL A 118 -0.29 -12.99 -5.36
N MET A 1 -10.48 -20.45 -2.82
CA MET A 1 -9.88 -19.28 -3.52
C MET A 1 -10.28 -17.97 -2.84
N SER A 2 -9.57 -16.90 -3.17
CA SER A 2 -9.84 -15.57 -2.61
C SER A 2 -9.44 -14.47 -3.61
N ALA A 3 -9.91 -13.25 -3.38
CA ALA A 3 -9.63 -12.11 -4.23
C ALA A 3 -9.51 -10.83 -3.39
N LEU A 4 -8.95 -9.78 -4.00
CA LEU A 4 -8.75 -8.51 -3.33
C LEU A 4 -9.03 -7.35 -4.28
N THR A 5 -10.31 -7.13 -4.56
CA THR A 5 -10.76 -6.01 -5.38
C THR A 5 -10.73 -4.71 -4.60
N GLN A 6 -10.41 -4.77 -3.31
CA GLN A 6 -10.45 -3.59 -2.46
C GLN A 6 -9.12 -3.31 -1.77
N ILE A 7 -8.52 -2.17 -2.12
CA ILE A 7 -7.19 -1.78 -1.68
C ILE A 7 -7.24 -0.44 -0.95
N LEU A 8 -6.60 -0.36 0.23
CA LEU A 8 -6.46 0.88 0.96
C LEU A 8 -5.17 1.59 0.52
N ILE A 9 -5.22 2.92 0.40
CA ILE A 9 -4.09 3.74 -0.02
C ILE A 9 -3.53 4.47 1.20
N VAL A 10 -2.24 4.27 1.49
CA VAL A 10 -1.56 4.91 2.61
C VAL A 10 -0.25 5.50 2.15
N GLU A 11 -0.13 6.83 2.16
CA GLU A 11 1.08 7.50 1.68
C GLU A 11 1.40 8.76 2.47
N ASP A 12 2.64 9.23 2.34
CA ASP A 12 3.17 10.40 3.02
C ASP A 12 3.03 11.67 2.17
N GLU A 13 2.42 11.56 0.98
CA GLU A 13 2.24 12.69 0.09
C GLU A 13 0.84 12.65 -0.53
N PRO A 14 0.13 13.79 -0.54
CA PRO A 14 -1.23 13.88 -1.07
C PRO A 14 -1.25 13.89 -2.60
N LEU A 15 -0.10 14.19 -3.23
CA LEU A 15 -0.05 14.29 -4.68
C LEU A 15 0.00 12.91 -5.31
N ILE A 16 0.78 11.99 -4.74
CA ILE A 16 0.87 10.63 -5.27
C ILE A 16 -0.37 9.86 -4.83
N ALA A 17 -0.94 10.19 -3.68
CA ALA A 17 -2.14 9.53 -3.20
C ALA A 17 -3.33 9.87 -4.08
N MET A 18 -3.31 11.05 -4.72
CA MET A 18 -4.37 11.44 -5.64
C MET A 18 -4.22 10.69 -6.95
N MET A 19 -2.98 10.42 -7.36
CA MET A 19 -2.73 9.63 -8.56
C MET A 19 -3.04 8.16 -8.30
N LEU A 20 -3.00 7.72 -7.04
CA LEU A 20 -3.31 6.35 -6.69
C LEU A 20 -4.79 6.08 -6.87
N GLU A 21 -5.64 7.04 -6.50
CA GLU A 21 -7.08 6.88 -6.67
C GLU A 21 -7.43 6.94 -8.15
N ASP A 22 -6.64 7.67 -8.95
CA ASP A 22 -6.91 7.80 -10.37
C ASP A 22 -6.55 6.51 -11.11
N PHE A 23 -5.46 5.84 -10.73
CA PHE A 23 -5.08 4.60 -11.40
C PHE A 23 -6.00 3.45 -11.03
N LEU A 24 -6.69 3.52 -9.88
CA LEU A 24 -7.65 2.48 -9.53
C LEU A 24 -8.95 2.65 -10.32
N GLU A 25 -9.23 3.85 -10.83
CA GLU A 25 -10.41 4.07 -11.65
C GLU A 25 -10.14 3.71 -13.12
N VAL A 26 -8.87 3.71 -13.54
CA VAL A 26 -8.51 3.34 -14.90
C VAL A 26 -8.38 1.82 -15.03
N LEU A 27 -8.13 1.12 -13.91
CA LEU A 27 -7.99 -0.33 -13.89
C LEU A 27 -9.28 -1.00 -13.40
N ASP A 28 -10.38 -0.24 -13.35
CA ASP A 28 -11.69 -0.75 -12.93
C ASP A 28 -11.64 -1.45 -11.57
N LYS A 29 -10.80 -0.94 -10.67
CA LYS A 29 -10.62 -1.46 -9.32
C LYS A 29 -11.67 -0.85 -8.39
N THR A 30 -11.89 -1.46 -7.21
CA THR A 30 -12.84 -0.93 -6.23
C THR A 30 -12.11 -0.37 -5.01
N PRO A 31 -11.73 0.92 -5.01
CA PRO A 31 -11.05 1.54 -3.90
C PRO A 31 -11.96 1.63 -2.68
N VAL A 32 -11.38 1.76 -1.48
CA VAL A 32 -12.16 1.80 -0.24
C VAL A 32 -11.79 2.97 0.65
N GLY A 33 -10.69 3.68 0.34
CA GLY A 33 -10.30 4.85 1.11
C GLY A 33 -8.86 5.26 0.82
N THR A 34 -8.50 6.44 1.32
CA THR A 34 -7.15 6.98 1.24
C THR A 34 -6.84 7.70 2.54
N VAL A 35 -5.64 7.50 3.09
CA VAL A 35 -5.24 8.11 4.35
C VAL A 35 -3.82 8.67 4.27
N ASP A 36 -3.58 9.72 5.07
CA ASP A 36 -2.32 10.44 5.08
C ASP A 36 -1.36 9.89 6.14
N THR A 37 -1.82 8.91 6.93
CA THR A 37 -1.02 8.28 7.96
C THR A 37 -1.50 6.85 8.18
N VAL A 38 -0.65 5.99 8.73
CA VAL A 38 -0.98 4.58 8.95
C VAL A 38 -2.02 4.43 10.06
N ALA A 39 -2.12 5.41 10.96
CA ALA A 39 -3.12 5.37 12.01
C ALA A 39 -4.52 5.42 11.40
N GLY A 40 -4.64 6.02 10.21
CA GLY A 40 -5.90 6.07 9.49
C GLY A 40 -6.21 4.73 8.84
N ALA A 41 -5.20 3.89 8.61
CA ALA A 41 -5.42 2.59 7.99
C ALA A 41 -6.08 1.66 9.01
N LEU A 42 -5.72 1.79 10.29
CA LEU A 42 -6.36 0.99 11.32
C LEU A 42 -7.78 1.50 11.57
N ALA A 43 -8.01 2.80 11.32
CA ALA A 43 -9.33 3.38 11.51
C ALA A 43 -10.31 2.95 10.40
N ARG A 44 -9.80 2.57 9.22
CA ARG A 44 -10.66 2.13 8.12
C ARG A 44 -10.94 0.64 8.22
N VAL A 45 -10.06 -0.13 8.84
CA VAL A 45 -10.28 -1.57 9.01
C VAL A 45 -11.28 -1.83 10.13
N GLU A 46 -11.36 -0.90 11.09
CA GLU A 46 -12.33 -0.98 12.18
C GLU A 46 -13.71 -0.47 11.76
N ASP A 47 -13.78 0.24 10.62
CA ASP A 47 -15.03 0.83 10.15
C ASP A 47 -15.64 0.04 9.00
N GLY A 48 -14.88 -0.87 8.38
CA GLY A 48 -15.37 -1.67 7.27
C GLY A 48 -14.33 -2.70 6.82
N GLY A 49 -14.76 -3.63 5.96
CA GLY A 49 -13.89 -4.67 5.44
C GLY A 49 -12.97 -4.15 4.35
N ILE A 50 -11.75 -4.69 4.30
CA ILE A 50 -10.73 -4.35 3.31
C ILE A 50 -9.99 -5.63 2.96
N ASP A 51 -9.55 -5.78 1.71
CA ASP A 51 -8.92 -7.03 1.26
C ASP A 51 -7.40 -6.91 1.20
N ALA A 52 -6.87 -5.69 1.04
CA ALA A 52 -5.44 -5.44 1.06
C ALA A 52 -5.18 -3.93 1.19
N ALA A 53 -3.91 -3.56 1.37
CA ALA A 53 -3.53 -2.15 1.45
C ALA A 53 -2.11 -1.94 0.92
N ILE A 54 -1.81 -0.70 0.54
CA ILE A 54 -0.47 -0.30 0.10
C ILE A 54 0.10 0.67 1.13
N LEU A 55 1.27 0.34 1.68
CA LEU A 55 1.88 1.10 2.75
C LEU A 55 3.17 1.76 2.25
N ASP A 56 3.32 3.06 2.50
CA ASP A 56 4.56 3.76 2.19
C ASP A 56 5.56 3.58 3.32
N VAL A 57 6.85 3.64 3.01
CA VAL A 57 7.91 3.42 3.99
C VAL A 57 8.11 4.62 4.92
N ASN A 58 7.52 5.77 4.58
CA ASN A 58 7.67 7.00 5.35
C ASN A 58 6.38 7.37 6.08
N LEU A 59 6.52 8.06 7.22
CA LEU A 59 5.41 8.53 8.04
C LEU A 59 5.77 9.89 8.62
N ARG A 60 4.77 10.66 9.05
CA ARG A 60 5.00 11.98 9.61
C ARG A 60 5.39 11.91 11.08
N GLY A 61 6.20 12.86 11.54
CA GLY A 61 6.64 12.95 12.92
C GLY A 61 7.52 11.77 13.33
N GLY A 62 7.88 11.74 14.62
CA GLY A 62 8.68 10.65 15.19
C GLY A 62 7.80 9.52 15.70
N GLU A 63 6.48 9.63 15.51
CA GLU A 63 5.52 8.64 15.99
C GLU A 63 5.45 7.44 15.04
N LYS A 64 4.87 6.34 15.53
CA LYS A 64 4.74 5.07 14.81
C LYS A 64 6.09 4.50 14.39
N SER A 65 6.06 3.29 13.81
CA SER A 65 7.25 2.60 13.35
C SER A 65 6.88 1.67 12.19
N THR A 66 7.89 1.21 11.43
CA THR A 66 7.66 0.39 10.24
C THR A 66 7.00 -0.96 10.54
N PRO A 67 7.32 -1.64 11.65
CA PRO A 67 6.71 -2.90 12.04
C PRO A 67 5.18 -2.84 12.19
N VAL A 68 4.57 -1.67 12.08
CA VAL A 68 3.11 -1.54 12.19
C VAL A 68 2.42 -2.31 11.07
N ALA A 69 3.12 -2.54 9.97
CA ALA A 69 2.56 -3.28 8.85
C ALA A 69 2.30 -4.74 9.27
N GLU A 70 3.06 -5.24 10.25
CA GLU A 70 2.90 -6.61 10.71
C GLU A 70 1.71 -6.71 11.67
N ALA A 71 1.25 -5.56 12.20
CA ALA A 71 0.02 -5.53 12.98
C ALA A 71 -1.18 -5.64 12.03
N LEU A 72 -1.03 -5.19 10.78
CA LEU A 72 -2.06 -5.38 9.77
C LEU A 72 -2.13 -6.87 9.43
N ALA A 73 -0.98 -7.56 9.43
CA ALA A 73 -0.95 -9.00 9.19
C ALA A 73 -1.54 -9.75 10.38
N ALA A 74 -1.58 -9.13 11.55
CA ALA A 74 -2.23 -9.71 12.72
C ALA A 74 -3.74 -9.47 12.69
N ARG A 75 -4.18 -8.55 11.82
CA ARG A 75 -5.61 -8.30 11.57
C ARG A 75 -6.06 -9.00 10.29
N ASP A 76 -5.28 -9.98 9.84
CA ASP A 76 -5.59 -10.80 8.67
C ASP A 76 -5.83 -9.98 7.39
N ILE A 77 -5.15 -8.84 7.26
CA ILE A 77 -5.22 -8.02 6.05
C ILE A 77 -3.80 -7.79 5.52
N PRO A 78 -3.51 -8.25 4.29
CA PRO A 78 -2.18 -8.21 3.70
C PRO A 78 -1.78 -6.81 3.22
N PHE A 79 -0.48 -6.61 3.04
CA PHE A 79 0.06 -5.31 2.65
C PHE A 79 1.28 -5.47 1.74
N VAL A 80 1.69 -4.37 1.12
CA VAL A 80 2.90 -4.29 0.32
C VAL A 80 3.57 -2.94 0.55
N PHE A 81 4.89 -2.86 0.33
CA PHE A 81 5.63 -1.63 0.54
C PHE A 81 5.63 -0.76 -0.72
N ALA A 82 5.88 0.54 -0.54
CA ALA A 82 6.04 1.49 -1.63
C ALA A 82 7.23 2.40 -1.31
N THR A 83 8.22 2.42 -2.20
CA THR A 83 9.45 3.17 -1.99
C THR A 83 10.21 3.33 -3.30
N GLY A 84 11.35 4.02 -3.26
CA GLY A 84 12.23 4.19 -4.41
C GLY A 84 13.64 4.51 -3.93
N GLY A 85 14.64 3.90 -4.56
CA GLY A 85 16.04 4.09 -4.20
C GLY A 85 16.88 2.86 -4.52
N SER A 86 18.06 2.77 -3.91
CA SER A 86 18.98 1.65 -4.11
C SER A 86 18.51 0.42 -3.33
N ASP A 87 19.03 -0.76 -3.71
CA ASP A 87 18.69 -2.01 -3.04
C ASP A 87 19.35 -2.10 -1.67
N ASP A 88 20.26 -1.16 -1.36
CA ASP A 88 20.95 -1.11 -0.09
C ASP A 88 20.11 -0.33 0.93
N SER A 89 18.99 0.25 0.49
CA SER A 89 18.11 1.04 1.35
C SER A 89 16.97 0.20 1.92
N VAL A 90 17.02 -1.12 1.73
CA VAL A 90 15.98 -2.03 2.21
C VAL A 90 16.58 -3.25 2.89
N ASP A 91 15.80 -3.86 3.80
CA ASP A 91 16.21 -5.02 4.57
C ASP A 91 15.49 -6.28 4.10
N SER A 92 15.72 -7.40 4.79
CA SER A 92 15.14 -8.68 4.41
C SER A 92 13.61 -8.67 4.48
N ARG A 93 13.02 -7.66 5.13
CA ARG A 93 11.58 -7.49 5.19
C ARG A 93 11.03 -7.20 3.80
N PHE A 94 11.82 -6.51 2.97
CA PHE A 94 11.44 -6.13 1.62
C PHE A 94 11.84 -7.23 0.64
N ARG A 95 12.76 -8.09 1.05
CA ARG A 95 13.18 -9.24 0.27
C ARG A 95 12.29 -10.46 0.58
N ASP A 96 11.37 -10.33 1.54
CA ASP A 96 10.43 -11.38 1.91
C ASP A 96 8.98 -10.97 1.65
N ARG A 97 8.72 -9.68 1.41
CA ARG A 97 7.39 -9.18 1.10
C ARG A 97 7.44 -8.29 -0.15
N PRO A 98 6.34 -8.18 -0.90
CA PRO A 98 6.30 -7.43 -2.14
C PRO A 98 6.62 -5.94 -1.96
N VAL A 99 7.10 -5.32 -3.03
CA VAL A 99 7.49 -3.91 -3.05
C VAL A 99 7.00 -3.28 -4.35
N LEU A 100 6.75 -1.96 -4.33
CA LEU A 100 6.30 -1.21 -5.49
C LEU A 100 7.05 0.12 -5.55
N GLN A 101 7.19 0.69 -6.76
CA GLN A 101 7.87 1.96 -6.95
C GLN A 101 7.00 3.12 -6.45
N LYS A 102 7.63 4.25 -6.14
CA LYS A 102 6.92 5.43 -5.65
C LYS A 102 6.17 6.14 -6.78
N PRO A 103 6.81 6.45 -7.93
CA PRO A 103 6.11 6.99 -9.08
C PRO A 103 5.34 5.89 -9.80
N PHE A 104 4.20 6.26 -10.40
CA PHE A 104 3.34 5.32 -11.11
C PHE A 104 3.35 5.61 -12.61
N THR A 105 3.15 4.56 -13.41
CA THR A 105 3.10 4.64 -14.87
C THR A 105 2.05 3.66 -15.37
N MET A 106 1.67 3.77 -16.65
CA MET A 106 0.62 2.93 -17.20
C MET A 106 1.01 1.45 -17.12
N ASP A 107 2.28 1.14 -17.38
CA ASP A 107 2.77 -0.23 -17.35
C ASP A 107 3.16 -0.65 -15.92
N GLY A 108 3.49 0.32 -15.06
CA GLY A 108 3.92 0.03 -13.70
C GLY A 108 2.74 -0.35 -12.82
N VAL A 109 1.53 0.10 -13.18
CA VAL A 109 0.33 -0.23 -12.41
C VAL A 109 -0.25 -1.56 -12.87
N ALA A 110 -0.02 -1.93 -14.14
CA ALA A 110 -0.46 -3.23 -14.63
C ALA A 110 0.33 -4.34 -13.92
N LYS A 111 1.59 -4.05 -13.56
CA LYS A 111 2.43 -4.99 -12.84
C LYS A 111 2.18 -4.91 -11.34
N ALA A 112 1.61 -3.80 -10.85
CA ALA A 112 1.31 -3.65 -9.44
C ALA A 112 0.10 -4.50 -9.07
N LEU A 113 -0.91 -4.54 -9.94
CA LEU A 113 -2.09 -5.36 -9.69
C LEU A 113 -1.78 -6.83 -9.98
N ALA A 114 -0.83 -7.10 -10.86
CA ALA A 114 -0.40 -8.47 -11.13
C ALA A 114 0.45 -9.00 -9.98
N ALA A 115 1.04 -8.12 -9.17
CA ALA A 115 1.82 -8.51 -8.00
C ALA A 115 0.94 -8.66 -6.77
N LEU A 116 -0.26 -8.05 -6.77
CA LEU A 116 -1.18 -8.14 -5.65
C LEU A 116 -2.16 -9.31 -5.81
N LEU A 117 -2.60 -9.60 -7.03
CA LEU A 117 -3.63 -10.61 -7.27
C LEU A 117 -3.04 -11.97 -7.66
N VAL A 118 -1.71 -12.13 -7.55
CA VAL A 118 -1.04 -13.39 -7.85
C VAL A 118 -0.01 -13.70 -6.77
N MET A 1 -13.27 -17.42 -1.39
CA MET A 1 -12.32 -16.85 -2.37
C MET A 1 -11.10 -16.26 -1.68
N SER A 2 -10.09 -15.88 -2.46
CA SER A 2 -8.84 -15.32 -1.92
C SER A 2 -8.47 -14.02 -2.64
N ALA A 3 -9.41 -13.41 -3.36
CA ALA A 3 -9.18 -12.18 -4.10
C ALA A 3 -9.15 -10.99 -3.14
N LEU A 4 -8.62 -9.86 -3.63
CA LEU A 4 -8.51 -8.63 -2.86
C LEU A 4 -8.80 -7.43 -3.76
N THR A 5 -10.09 -7.21 -4.03
CA THR A 5 -10.55 -6.10 -4.85
C THR A 5 -10.53 -4.78 -4.10
N GLN A 6 -10.28 -4.78 -2.80
CA GLN A 6 -10.29 -3.57 -2.01
C GLN A 6 -8.95 -3.28 -1.37
N ILE A 7 -8.32 -2.19 -1.80
CA ILE A 7 -6.98 -1.81 -1.39
C ILE A 7 -6.99 -0.45 -0.71
N LEU A 8 -6.37 -0.36 0.46
CA LEU A 8 -6.18 0.91 1.17
C LEU A 8 -4.89 1.57 0.67
N ILE A 9 -4.90 2.90 0.55
CA ILE A 9 -3.78 3.67 0.05
C ILE A 9 -3.18 4.49 1.21
N VAL A 10 -1.89 4.27 1.50
CA VAL A 10 -1.23 4.95 2.62
C VAL A 10 0.12 5.52 2.17
N GLU A 11 0.30 6.84 2.31
CA GLU A 11 1.56 7.48 1.98
C GLU A 11 1.71 8.80 2.72
N ASP A 12 2.96 9.27 2.87
CA ASP A 12 3.28 10.51 3.57
C ASP A 12 2.92 11.75 2.75
N GLU A 13 2.51 11.57 1.49
CA GLU A 13 2.13 12.66 0.61
C GLU A 13 0.76 12.37 -0.01
N PRO A 14 -0.17 13.34 0.01
CA PRO A 14 -1.52 13.17 -0.51
C PRO A 14 -1.53 13.26 -2.03
N LEU A 15 -0.49 13.84 -2.64
CA LEU A 15 -0.46 14.01 -4.08
C LEU A 15 -0.28 12.67 -4.79
N ILE A 16 0.48 11.75 -4.19
CA ILE A 16 0.68 10.44 -4.77
C ILE A 16 -0.44 9.50 -4.34
N ALA A 17 -1.10 9.81 -3.21
CA ALA A 17 -2.22 9.00 -2.76
C ALA A 17 -3.40 9.17 -3.71
N MET A 18 -3.60 10.38 -4.24
CA MET A 18 -4.64 10.64 -5.22
C MET A 18 -4.22 10.12 -6.60
N MET A 19 -2.91 10.06 -6.85
CA MET A 19 -2.41 9.48 -8.09
C MET A 19 -2.64 7.98 -8.08
N LEU A 20 -2.65 7.37 -6.90
CA LEU A 20 -2.94 5.95 -6.76
C LEU A 20 -4.41 5.68 -7.01
N GLU A 21 -5.30 6.61 -6.65
CA GLU A 21 -6.71 6.43 -6.93
C GLU A 21 -6.97 6.51 -8.42
N ASP A 22 -6.09 7.21 -9.17
CA ASP A 22 -6.28 7.37 -10.60
C ASP A 22 -5.98 6.07 -11.35
N PHE A 23 -4.89 5.37 -11.00
CA PHE A 23 -4.57 4.12 -11.68
C PHE A 23 -5.51 2.98 -11.26
N LEU A 24 -6.15 3.08 -10.10
CA LEU A 24 -7.11 2.06 -9.69
C LEU A 24 -8.45 2.25 -10.39
N GLU A 25 -8.71 3.44 -10.95
CA GLU A 25 -9.92 3.65 -11.76
C GLU A 25 -9.68 3.23 -13.20
N VAL A 26 -8.42 3.18 -13.63
CA VAL A 26 -8.05 2.72 -14.96
C VAL A 26 -7.95 1.19 -14.99
N LEU A 27 -7.80 0.57 -13.82
CA LEU A 27 -7.69 -0.88 -13.69
C LEU A 27 -8.98 -1.50 -13.13
N ASP A 28 -10.09 -0.75 -13.16
CA ASP A 28 -11.39 -1.21 -12.71
C ASP A 28 -11.36 -1.80 -11.30
N LYS A 29 -10.51 -1.23 -10.44
CA LYS A 29 -10.35 -1.68 -9.07
C LYS A 29 -11.38 -1.01 -8.16
N THR A 30 -11.56 -1.52 -6.94
CA THR A 30 -12.49 -0.96 -5.97
C THR A 30 -11.73 -0.41 -4.76
N PRO A 31 -11.12 0.78 -4.86
CA PRO A 31 -10.40 1.40 -3.78
C PRO A 31 -11.37 1.74 -2.64
N VAL A 32 -10.84 1.88 -1.41
CA VAL A 32 -11.68 2.08 -0.24
C VAL A 32 -11.34 3.38 0.52
N GLY A 33 -10.20 4.01 0.24
CA GLY A 33 -9.87 5.28 0.87
C GLY A 33 -8.40 5.63 0.71
N THR A 34 -8.05 6.83 1.21
CA THR A 34 -6.68 7.33 1.25
C THR A 34 -6.42 7.92 2.63
N VAL A 35 -5.22 7.69 3.17
CA VAL A 35 -4.83 8.20 4.48
C VAL A 35 -3.38 8.65 4.46
N ASP A 36 -3.03 9.59 5.34
CA ASP A 36 -1.70 10.18 5.40
C ASP A 36 -0.87 9.61 6.55
N THR A 37 -1.45 8.70 7.35
CA THR A 37 -0.78 8.11 8.48
C THR A 37 -1.13 6.63 8.60
N VAL A 38 -0.29 5.87 9.31
CA VAL A 38 -0.51 4.45 9.54
C VAL A 38 -1.62 4.23 10.58
N ALA A 39 -1.85 5.22 11.44
CA ALA A 39 -2.91 5.14 12.44
C ALA A 39 -4.28 5.39 11.77
N GLY A 40 -4.28 6.12 10.66
CA GLY A 40 -5.49 6.35 9.89
C GLY A 40 -5.86 5.11 9.08
N ALA A 41 -4.85 4.31 8.72
CA ALA A 41 -5.09 3.08 7.97
C ALA A 41 -5.80 2.07 8.87
N LEU A 42 -5.40 2.00 10.14
CA LEU A 42 -6.03 1.11 11.09
C LEU A 42 -7.44 1.61 11.45
N ALA A 43 -7.65 2.94 11.34
CA ALA A 43 -8.94 3.53 11.64
C ALA A 43 -9.97 3.18 10.56
N ARG A 44 -9.52 2.88 9.33
CA ARG A 44 -10.42 2.46 8.27
C ARG A 44 -10.67 0.95 8.30
N VAL A 45 -9.76 0.18 8.90
CA VAL A 45 -9.92 -1.26 9.01
C VAL A 45 -10.88 -1.64 10.13
N GLU A 46 -10.96 -0.82 11.18
CA GLU A 46 -11.89 -1.07 12.29
C GLU A 46 -13.31 -0.57 11.97
N ASP A 47 -13.46 0.25 10.93
CA ASP A 47 -14.73 0.88 10.58
C ASP A 47 -15.36 0.26 9.34
N GLY A 48 -14.61 -0.55 8.58
CA GLY A 48 -15.12 -1.19 7.38
C GLY A 48 -14.19 -2.28 6.89
N GLY A 49 -14.69 -3.14 6.01
CA GLY A 49 -13.93 -4.25 5.47
C GLY A 49 -12.93 -3.78 4.41
N ILE A 50 -11.74 -4.36 4.43
CA ILE A 50 -10.67 -4.08 3.47
C ILE A 50 -9.93 -5.38 3.22
N ASP A 51 -9.46 -5.61 1.99
CA ASP A 51 -8.83 -6.89 1.66
C ASP A 51 -7.31 -6.79 1.75
N ALA A 52 -6.74 -5.62 1.45
CA ALA A 52 -5.30 -5.40 1.55
C ALA A 52 -5.01 -3.90 1.59
N ALA A 53 -3.73 -3.54 1.75
CA ALA A 53 -3.32 -2.15 1.78
C ALA A 53 -1.92 -1.98 1.19
N ILE A 54 -1.60 -0.76 0.74
CA ILE A 54 -0.27 -0.42 0.26
C ILE A 54 0.32 0.60 1.22
N LEU A 55 1.49 0.28 1.78
CA LEU A 55 2.14 1.07 2.81
C LEU A 55 3.45 1.66 2.29
N ASP A 56 3.65 2.97 2.47
CA ASP A 56 4.94 3.58 2.20
C ASP A 56 5.83 3.41 3.42
N VAL A 57 7.14 3.27 3.23
CA VAL A 57 8.07 3.03 4.34
C VAL A 57 8.49 4.32 5.03
N ASN A 58 8.18 5.48 4.44
CA ASN A 58 8.54 6.78 5.02
C ASN A 58 7.28 7.43 5.61
N LEU A 59 7.45 8.10 6.75
CA LEU A 59 6.37 8.83 7.42
C LEU A 59 6.97 9.90 8.32
N ARG A 60 6.44 11.11 8.27
CA ARG A 60 6.90 12.20 9.12
C ARG A 60 6.33 12.04 10.53
N GLY A 61 7.17 12.27 11.55
CA GLY A 61 6.78 12.12 12.94
C GLY A 61 6.56 10.66 13.35
N GLY A 62 6.79 9.72 12.42
CA GLY A 62 6.61 8.30 12.68
C GLY A 62 7.81 7.69 13.39
N GLU A 63 7.61 6.50 13.97
CA GLU A 63 8.68 5.77 14.64
C GLU A 63 8.78 4.35 14.08
N LYS A 64 9.99 3.78 14.06
CA LYS A 64 10.26 2.45 13.55
C LYS A 64 9.63 2.24 12.16
N SER A 65 9.77 3.26 11.31
CA SER A 65 9.22 3.31 9.96
C SER A 65 7.74 2.96 9.90
N THR A 66 7.39 1.71 9.58
CA THR A 66 6.01 1.27 9.45
C THR A 66 5.81 -0.05 10.18
N PRO A 67 5.67 -0.01 11.52
CA PRO A 67 5.48 -1.19 12.35
C PRO A 67 4.02 -1.65 12.34
N VAL A 68 3.11 -0.84 11.81
CA VAL A 68 1.68 -1.15 11.81
C VAL A 68 1.34 -2.15 10.71
N ALA A 69 2.22 -2.32 9.72
CA ALA A 69 1.97 -3.27 8.64
C ALA A 69 1.89 -4.68 9.20
N GLU A 70 2.65 -4.97 10.25
CA GLU A 70 2.68 -6.29 10.86
C GLU A 70 1.41 -6.56 11.67
N ALA A 71 0.68 -5.50 12.03
CA ALA A 71 -0.60 -5.65 12.72
C ALA A 71 -1.70 -5.99 11.71
N LEU A 72 -1.54 -5.53 10.47
CA LEU A 72 -2.48 -5.87 9.41
C LEU A 72 -2.26 -7.33 9.00
N ALA A 73 -1.00 -7.78 8.98
CA ALA A 73 -0.70 -9.17 8.66
C ALA A 73 -1.14 -10.10 9.80
N ALA A 74 -1.27 -9.56 11.01
CA ALA A 74 -1.79 -10.30 12.15
C ALA A 74 -3.32 -10.28 12.14
N ARG A 75 -3.92 -9.41 11.33
CA ARG A 75 -5.37 -9.32 11.15
C ARG A 75 -5.81 -9.96 9.84
N ASP A 76 -4.94 -10.80 9.25
CA ASP A 76 -5.19 -11.49 8.00
C ASP A 76 -5.46 -10.54 6.82
N ILE A 77 -4.80 -9.37 6.83
CA ILE A 77 -4.87 -8.40 5.75
C ILE A 77 -3.46 -8.18 5.20
N PRO A 78 -3.12 -8.78 4.05
CA PRO A 78 -1.83 -8.62 3.40
C PRO A 78 -1.51 -7.17 3.05
N PHE A 79 -0.22 -6.86 2.87
CA PHE A 79 0.22 -5.53 2.54
C PHE A 79 1.41 -5.55 1.57
N VAL A 80 1.72 -4.39 1.00
CA VAL A 80 2.83 -4.21 0.06
C VAL A 80 3.60 -2.95 0.43
N PHE A 81 4.92 -2.97 0.26
CA PHE A 81 5.77 -1.83 0.54
C PHE A 81 5.94 -0.96 -0.70
N ALA A 82 6.16 0.34 -0.48
CA ALA A 82 6.43 1.30 -1.54
C ALA A 82 7.49 2.29 -1.06
N THR A 83 8.37 2.71 -1.96
CA THR A 83 9.44 3.66 -1.62
C THR A 83 9.99 4.33 -2.86
N GLY A 84 10.61 5.50 -2.68
CA GLY A 84 11.32 6.18 -3.75
C GLY A 84 12.83 6.08 -3.48
N GLY A 85 13.49 5.10 -4.10
CA GLY A 85 14.90 4.85 -3.89
C GLY A 85 15.29 3.45 -4.35
N SER A 86 16.44 2.96 -3.88
CA SER A 86 16.95 1.64 -4.23
C SER A 86 16.29 0.56 -3.37
N ASP A 87 16.42 -0.70 -3.81
CA ASP A 87 15.86 -1.84 -3.09
C ASP A 87 16.76 -2.24 -1.91
N ASP A 88 17.90 -1.58 -1.76
CA ASP A 88 18.84 -1.84 -0.67
C ASP A 88 18.60 -0.88 0.50
N SER A 89 17.64 0.02 0.35
CA SER A 89 17.30 1.00 1.39
C SER A 89 16.32 0.43 2.41
N VAL A 90 16.04 -0.88 2.33
CA VAL A 90 15.11 -1.56 3.23
C VAL A 90 15.65 -2.91 3.66
N ASP A 91 15.20 -3.40 4.82
CA ASP A 91 15.65 -4.65 5.41
C ASP A 91 15.09 -5.87 4.66
N SER A 92 15.60 -7.05 4.98
CA SER A 92 15.22 -8.29 4.31
C SER A 92 13.74 -8.63 4.46
N ARG A 93 13.04 -8.02 5.42
CA ARG A 93 11.61 -8.25 5.60
C ARG A 93 10.82 -7.51 4.51
N PHE A 94 11.40 -6.45 3.97
CA PHE A 94 10.79 -5.71 2.86
C PHE A 94 11.13 -6.40 1.56
N ARG A 95 12.20 -7.20 1.56
CA ARG A 95 12.62 -7.98 0.40
C ARG A 95 11.90 -9.32 0.35
N ASP A 96 11.24 -9.70 1.44
CA ASP A 96 10.42 -10.91 1.50
C ASP A 96 8.98 -10.59 1.12
N ARG A 97 8.54 -9.35 1.37
CA ARG A 97 7.23 -8.87 0.93
C ARG A 97 7.36 -8.23 -0.45
N PRO A 98 6.25 -8.08 -1.19
CA PRO A 98 6.26 -7.39 -2.47
C PRO A 98 6.67 -5.93 -2.32
N VAL A 99 7.22 -5.34 -3.40
CA VAL A 99 7.69 -3.97 -3.40
C VAL A 99 7.31 -3.26 -4.69
N LEU A 100 7.20 -1.94 -4.65
CA LEU A 100 6.89 -1.12 -5.81
C LEU A 100 7.58 0.23 -5.69
N GLN A 101 7.99 0.81 -6.83
CA GLN A 101 8.64 2.11 -6.86
C GLN A 101 7.61 3.24 -6.76
N LYS A 102 8.06 4.45 -6.43
CA LYS A 102 7.16 5.58 -6.27
C LYS A 102 6.66 6.16 -7.60
N PRO A 103 7.49 6.25 -8.65
CA PRO A 103 7.04 6.63 -9.98
C PRO A 103 6.02 5.63 -10.52
N PHE A 104 4.91 6.13 -11.08
CA PHE A 104 3.84 5.30 -11.62
C PHE A 104 3.64 5.58 -13.11
N THR A 105 3.27 4.54 -13.85
CA THR A 105 3.00 4.62 -15.29
C THR A 105 2.02 3.51 -15.67
N MET A 106 1.32 3.66 -16.79
CA MET A 106 0.24 2.76 -17.17
C MET A 106 0.73 1.33 -17.40
N ASP A 107 1.98 1.15 -17.83
CA ASP A 107 2.50 -0.18 -18.11
C ASP A 107 3.02 -0.87 -16.85
N GLY A 108 3.71 -0.11 -15.98
CA GLY A 108 4.34 -0.67 -14.80
C GLY A 108 3.35 -0.90 -13.66
N VAL A 109 2.25 -0.14 -13.64
CA VAL A 109 1.27 -0.28 -12.58
C VAL A 109 0.25 -1.36 -12.92
N ALA A 110 0.02 -1.60 -14.21
CA ALA A 110 -0.91 -2.64 -14.63
C ALA A 110 -0.30 -4.02 -14.35
N LYS A 111 1.04 -4.10 -14.40
CA LYS A 111 1.75 -5.33 -14.11
C LYS A 111 1.96 -5.51 -12.61
N ALA A 112 1.97 -4.40 -11.86
CA ALA A 112 2.14 -4.47 -10.42
C ALA A 112 0.82 -4.82 -9.74
N LEU A 113 -0.31 -4.39 -10.32
CA LEU A 113 -1.62 -4.70 -9.76
C LEU A 113 -1.95 -6.16 -10.08
N ALA A 114 -1.52 -6.65 -11.24
CA ALA A 114 -1.73 -8.03 -11.62
C ALA A 114 -0.86 -8.97 -10.77
N ALA A 115 0.25 -8.47 -10.25
CA ALA A 115 1.11 -9.23 -9.34
C ALA A 115 0.65 -9.09 -7.88
N LEU A 116 -0.21 -8.12 -7.60
CA LEU A 116 -0.74 -7.88 -6.27
C LEU A 116 -2.04 -8.64 -6.06
N LEU A 117 -2.80 -8.86 -7.13
CA LEU A 117 -4.12 -9.48 -7.08
C LEU A 117 -4.03 -11.01 -7.12
N VAL A 118 -2.81 -11.57 -6.98
CA VAL A 118 -2.59 -13.01 -7.01
C VAL A 118 -1.65 -13.43 -5.89
N MET A 1 -13.91 -15.26 3.35
CA MET A 1 -13.93 -15.01 1.90
C MET A 1 -13.12 -13.76 1.56
N SER A 2 -12.71 -13.63 0.30
CA SER A 2 -11.93 -12.49 -0.17
C SER A 2 -12.39 -12.08 -1.57
N ALA A 3 -12.13 -10.82 -1.94
CA ALA A 3 -12.54 -10.29 -3.23
C ALA A 3 -11.50 -9.34 -3.83
N LEU A 4 -10.62 -8.80 -2.97
CA LEU A 4 -9.59 -7.84 -3.35
C LEU A 4 -10.12 -6.67 -4.19
N THR A 5 -11.40 -6.32 -4.06
CA THR A 5 -11.98 -5.20 -4.78
C THR A 5 -11.83 -3.91 -4.00
N GLN A 6 -11.40 -3.98 -2.73
CA GLN A 6 -11.24 -2.81 -1.90
C GLN A 6 -9.80 -2.64 -1.45
N ILE A 7 -9.19 -1.51 -1.84
CA ILE A 7 -7.79 -1.23 -1.55
C ILE A 7 -7.69 0.05 -0.71
N LEU A 8 -6.92 -0.01 0.37
CA LEU A 8 -6.68 1.14 1.24
C LEU A 8 -5.34 1.77 0.85
N ILE A 9 -5.30 3.09 0.65
CA ILE A 9 -4.09 3.81 0.29
C ILE A 9 -3.49 4.44 1.54
N VAL A 10 -2.17 4.32 1.70
CA VAL A 10 -1.46 4.92 2.82
C VAL A 10 -0.24 5.65 2.28
N GLU A 11 -0.10 6.94 2.59
CA GLU A 11 1.00 7.74 2.06
C GLU A 11 1.43 8.85 3.03
N ASP A 12 2.62 9.39 2.78
CA ASP A 12 3.19 10.51 3.52
C ASP A 12 3.54 11.65 2.56
N GLU A 13 3.07 11.54 1.31
CA GLU A 13 3.29 12.50 0.26
C GLU A 13 2.03 12.55 -0.61
N PRO A 14 1.28 13.66 -0.63
CA PRO A 14 0.02 13.80 -1.34
C PRO A 14 0.10 13.46 -2.83
N LEU A 15 1.30 13.40 -3.41
CA LEU A 15 1.46 13.09 -4.83
C LEU A 15 1.21 11.60 -5.06
N ILE A 16 1.36 10.77 -4.03
CA ILE A 16 1.14 9.33 -4.15
C ILE A 16 -0.36 9.05 -4.09
N ALA A 17 -1.14 9.90 -3.41
CA ALA A 17 -2.57 9.73 -3.33
C ALA A 17 -3.23 10.05 -4.66
N MET A 18 -2.60 10.89 -5.47
CA MET A 18 -3.14 11.27 -6.77
C MET A 18 -2.83 10.21 -7.82
N MET A 19 -1.66 9.57 -7.73
CA MET A 19 -1.26 8.55 -8.70
C MET A 19 -2.02 7.25 -8.44
N LEU A 20 -2.30 6.91 -7.18
CA LEU A 20 -3.00 5.67 -6.88
C LEU A 20 -4.50 5.81 -7.11
N GLU A 21 -5.05 7.02 -6.99
CA GLU A 21 -6.45 7.22 -7.30
C GLU A 21 -6.67 7.26 -8.81
N ASP A 22 -5.62 7.55 -9.58
CA ASP A 22 -5.73 7.61 -11.03
C ASP A 22 -5.77 6.20 -11.63
N PHE A 23 -4.95 5.28 -11.14
CA PHE A 23 -4.93 3.93 -11.70
C PHE A 23 -6.06 3.05 -11.13
N LEU A 24 -6.62 3.39 -9.97
CA LEU A 24 -7.76 2.65 -9.47
C LEU A 24 -9.04 3.09 -10.20
N GLU A 25 -9.01 4.26 -10.84
CA GLU A 25 -10.14 4.74 -11.63
C GLU A 25 -10.09 4.16 -13.05
N VAL A 26 -8.88 3.88 -13.56
CA VAL A 26 -8.71 3.34 -14.91
C VAL A 26 -8.89 1.82 -14.90
N LEU A 27 -8.77 1.18 -13.74
CA LEU A 27 -8.93 -0.26 -13.61
C LEU A 27 -10.34 -0.62 -13.10
N ASP A 28 -11.26 0.34 -13.13
CA ASP A 28 -12.63 0.16 -12.64
C ASP A 28 -12.66 -0.43 -11.23
N LYS A 29 -11.68 -0.06 -10.41
CA LYS A 29 -11.51 -0.56 -9.06
C LYS A 29 -12.37 0.24 -8.07
N THR A 30 -12.60 -0.32 -6.88
CA THR A 30 -13.40 0.33 -5.85
C THR A 30 -12.53 0.68 -4.64
N PRO A 31 -11.89 1.86 -4.63
CA PRO A 31 -11.10 2.33 -3.50
C PRO A 31 -12.03 2.58 -2.30
N VAL A 32 -11.47 2.57 -1.09
CA VAL A 32 -12.27 2.72 0.12
C VAL A 32 -11.81 3.89 1.00
N GLY A 33 -10.60 4.41 0.78
CA GLY A 33 -10.12 5.56 1.53
C GLY A 33 -8.61 5.75 1.42
N THR A 34 -8.14 6.86 1.98
CA THR A 34 -6.73 7.19 2.04
C THR A 34 -6.41 7.73 3.43
N VAL A 35 -5.26 7.35 3.99
CA VAL A 35 -4.86 7.75 5.33
C VAL A 35 -3.37 8.09 5.36
N ASP A 36 -2.95 8.83 6.39
CA ASP A 36 -1.57 9.30 6.53
C ASP A 36 -1.01 9.02 7.93
N THR A 37 -1.76 8.29 8.76
CA THR A 37 -1.34 7.95 10.11
C THR A 37 -1.66 6.49 10.40
N VAL A 38 -0.94 5.89 11.35
CA VAL A 38 -1.17 4.50 11.72
C VAL A 38 -2.47 4.39 12.53
N ALA A 39 -2.84 5.44 13.26
CA ALA A 39 -4.06 5.42 14.04
C ALA A 39 -5.28 5.51 13.12
N GLY A 40 -5.13 6.19 11.97
CA GLY A 40 -6.21 6.29 10.99
C GLY A 40 -6.27 5.05 10.12
N ALA A 41 -5.15 4.33 9.98
CA ALA A 41 -5.12 3.12 9.17
C ALA A 41 -5.79 1.95 9.89
N LEU A 42 -5.67 1.88 11.22
CA LEU A 42 -6.30 0.82 11.99
C LEU A 42 -7.76 1.18 12.29
N ALA A 43 -8.09 2.47 12.29
CA ALA A 43 -9.48 2.90 12.47
C ALA A 43 -10.30 2.66 11.21
N ARG A 44 -9.62 2.62 10.05
CA ARG A 44 -10.25 2.40 8.76
C ARG A 44 -10.42 0.90 8.51
N VAL A 45 -9.51 0.08 9.04
CA VAL A 45 -9.57 -1.37 8.90
C VAL A 45 -10.49 -2.01 9.94
N GLU A 46 -10.70 -1.35 11.09
CA GLU A 46 -11.53 -1.89 12.15
C GLU A 46 -13.01 -1.87 11.78
N ASP A 47 -13.38 -1.04 10.79
CA ASP A 47 -14.74 -0.97 10.30
C ASP A 47 -15.03 -2.10 9.31
N GLY A 48 -13.98 -2.78 8.84
CA GLY A 48 -14.12 -3.86 7.87
C GLY A 48 -14.42 -3.33 6.47
N GLY A 49 -14.78 -4.23 5.56
CA GLY A 49 -15.11 -3.86 4.19
C GLY A 49 -13.88 -3.62 3.32
N ILE A 50 -12.70 -4.05 3.80
CA ILE A 50 -11.45 -3.87 3.08
C ILE A 50 -10.78 -5.24 2.87
N ASP A 51 -10.08 -5.40 1.74
CA ASP A 51 -9.50 -6.68 1.36
C ASP A 51 -8.00 -6.59 1.10
N ALA A 52 -7.47 -5.38 0.89
CA ALA A 52 -6.05 -5.16 0.65
C ALA A 52 -5.67 -3.71 0.93
N ALA A 53 -4.37 -3.43 1.02
CA ALA A 53 -3.90 -2.07 1.24
C ALA A 53 -2.51 -1.87 0.62
N ILE A 54 -2.08 -0.61 0.49
CA ILE A 54 -0.78 -0.25 -0.03
C ILE A 54 -0.10 0.68 0.96
N LEU A 55 1.17 0.42 1.27
CA LEU A 55 1.90 1.15 2.28
C LEU A 55 3.05 1.94 1.68
N ASP A 56 3.14 3.23 2.02
CA ASP A 56 4.27 4.08 1.65
C ASP A 56 5.39 3.89 2.66
N VAL A 57 6.64 3.81 2.18
CA VAL A 57 7.78 3.59 3.04
C VAL A 57 8.32 4.91 3.58
N ASN A 58 7.87 6.04 3.01
CA ASN A 58 8.29 7.36 3.47
C ASN A 58 7.65 7.62 4.83
N LEU A 59 8.45 8.14 5.79
CA LEU A 59 8.00 8.40 7.14
C LEU A 59 8.86 9.49 7.77
N ARG A 60 8.26 10.24 8.72
CA ARG A 60 8.96 11.29 9.45
C ARG A 60 9.92 10.71 10.49
N GLY A 61 10.97 11.46 10.82
CA GLY A 61 11.96 11.05 11.81
C GLY A 61 13.04 10.15 11.19
N GLY A 62 13.91 9.61 12.05
CA GLY A 62 15.02 8.78 11.64
C GLY A 62 14.61 7.34 11.28
N GLU A 63 13.32 7.03 11.37
CA GLU A 63 12.82 5.70 11.07
C GLU A 63 12.93 5.40 9.57
N LYS A 64 13.08 4.12 9.23
CA LYS A 64 13.24 3.68 7.85
C LYS A 64 12.55 2.33 7.63
N SER A 65 11.60 1.99 8.50
CA SER A 65 10.89 0.73 8.44
C SER A 65 9.38 0.93 8.63
N THR A 66 8.60 -0.08 8.26
CA THR A 66 7.14 -0.04 8.36
C THR A 66 6.63 -1.37 8.91
N PRO A 67 6.95 -1.69 10.17
CA PRO A 67 6.60 -2.95 10.81
C PRO A 67 5.10 -3.05 11.08
N VAL A 68 4.37 -1.94 10.96
CA VAL A 68 2.92 -1.92 11.17
C VAL A 68 2.19 -2.63 10.04
N ALA A 69 2.88 -2.88 8.92
CA ALA A 69 2.29 -3.59 7.79
C ALA A 69 2.06 -5.06 8.15
N GLU A 70 2.82 -5.58 9.11
CA GLU A 70 2.67 -6.97 9.54
C GLU A 70 1.53 -7.08 10.56
N ALA A 71 1.11 -5.96 11.16
CA ALA A 71 -0.06 -5.96 12.02
C ALA A 71 -1.31 -6.04 11.15
N LEU A 72 -1.25 -5.49 9.93
CA LEU A 72 -2.33 -5.62 8.98
C LEU A 72 -2.33 -7.04 8.40
N ALA A 73 -1.17 -7.69 8.37
CA ALA A 73 -1.06 -9.08 7.92
C ALA A 73 -1.59 -10.02 9.00
N ALA A 74 -1.57 -9.59 10.26
CA ALA A 74 -2.16 -10.33 11.35
C ALA A 74 -3.68 -10.11 11.36
N ARG A 75 -4.15 -9.09 10.66
CA ARG A 75 -5.56 -8.82 10.43
C ARG A 75 -6.02 -9.50 9.13
N ASP A 76 -5.19 -10.40 8.59
CA ASP A 76 -5.46 -11.16 7.37
C ASP A 76 -5.65 -10.27 6.13
N ILE A 77 -4.97 -9.11 6.09
CA ILE A 77 -5.00 -8.23 4.93
C ILE A 77 -3.59 -8.15 4.32
N PRO A 78 -3.45 -8.44 3.02
CA PRO A 78 -2.18 -8.38 2.31
C PRO A 78 -1.79 -6.94 2.02
N PHE A 79 -0.50 -6.71 1.73
CA PHE A 79 0.02 -5.38 1.47
C PHE A 79 1.24 -5.42 0.55
N VAL A 80 1.67 -4.23 0.10
CA VAL A 80 2.86 -4.04 -0.71
C VAL A 80 3.50 -2.70 -0.35
N PHE A 81 4.84 -2.63 -0.38
CA PHE A 81 5.56 -1.41 -0.07
C PHE A 81 5.69 -0.54 -1.32
N ALA A 82 5.83 0.77 -1.12
CA ALA A 82 6.09 1.72 -2.19
C ALA A 82 7.25 2.62 -1.78
N THR A 83 8.34 2.59 -2.57
CA THR A 83 9.56 3.29 -2.22
C THR A 83 10.36 3.68 -3.47
N GLY A 84 11.44 4.45 -3.28
CA GLY A 84 12.34 4.84 -4.34
C GLY A 84 13.63 5.41 -3.73
N GLY A 85 14.78 5.00 -4.28
CA GLY A 85 16.08 5.42 -3.78
C GLY A 85 17.14 4.34 -4.03
N SER A 86 18.20 4.36 -3.23
CA SER A 86 19.27 3.37 -3.32
C SER A 86 18.85 2.08 -2.62
N ASP A 87 19.71 1.05 -2.71
CA ASP A 87 19.43 -0.25 -2.10
C ASP A 87 19.50 -0.19 -0.56
N ASP A 88 19.92 0.95 -0.01
CA ASP A 88 20.01 1.14 1.43
C ASP A 88 18.72 1.76 1.99
N SER A 89 17.81 2.17 1.12
CA SER A 89 16.53 2.74 1.53
C SER A 89 15.54 1.66 1.96
N VAL A 90 15.95 0.39 1.92
CA VAL A 90 15.13 -0.75 2.29
C VAL A 90 15.93 -1.78 3.06
N ASP A 91 15.25 -2.55 3.92
CA ASP A 91 15.85 -3.54 4.78
C ASP A 91 15.47 -4.96 4.32
N SER A 92 15.98 -5.99 4.99
CA SER A 92 15.72 -7.36 4.62
C SER A 92 14.23 -7.71 4.70
N ARG A 93 13.42 -6.92 5.43
CA ARG A 93 11.99 -7.19 5.50
C ARG A 93 11.28 -6.74 4.23
N PHE A 94 11.89 -5.85 3.45
CA PHE A 94 11.37 -5.45 2.16
C PHE A 94 11.84 -6.46 1.12
N ARG A 95 12.89 -7.22 1.46
CA ARG A 95 13.36 -8.34 0.66
C ARG A 95 12.62 -9.62 1.04
N ASP A 96 11.78 -9.53 2.08
CA ASP A 96 10.94 -10.63 2.55
C ASP A 96 9.46 -10.36 2.28
N ARG A 97 9.11 -9.14 1.88
CA ARG A 97 7.74 -8.75 1.55
C ARG A 97 7.68 -8.14 0.14
N PRO A 98 6.49 -8.03 -0.46
CA PRO A 98 6.31 -7.40 -1.76
C PRO A 98 6.75 -5.95 -1.78
N VAL A 99 7.26 -5.48 -2.93
CA VAL A 99 7.75 -4.12 -3.10
C VAL A 99 7.35 -3.58 -4.47
N LEU A 100 7.18 -2.26 -4.55
CA LEU A 100 6.87 -1.55 -5.79
C LEU A 100 7.55 -0.18 -5.76
N GLN A 101 7.82 0.39 -6.93
CA GLN A 101 8.46 1.71 -7.01
C GLN A 101 7.41 2.82 -6.93
N LYS A 102 7.84 4.05 -6.63
CA LYS A 102 6.93 5.18 -6.51
C LYS A 102 6.37 5.64 -7.86
N PRO A 103 7.17 5.71 -8.94
CA PRO A 103 6.66 6.03 -10.26
C PRO A 103 5.70 4.94 -10.75
N PHE A 104 4.48 5.35 -11.12
CA PHE A 104 3.47 4.42 -11.63
C PHE A 104 3.29 4.61 -13.13
N THR A 105 3.07 3.49 -13.83
CA THR A 105 2.81 3.45 -15.26
C THR A 105 2.03 2.17 -15.56
N MET A 106 1.41 2.08 -16.73
CA MET A 106 0.54 0.96 -17.06
C MET A 106 1.30 -0.37 -17.05
N ASP A 107 2.62 -0.35 -17.24
CA ASP A 107 3.42 -1.57 -17.18
C ASP A 107 3.77 -1.93 -15.74
N GLY A 108 4.08 -0.93 -14.91
CA GLY A 108 4.46 -1.17 -13.53
C GLY A 108 3.25 -1.55 -12.68
N VAL A 109 2.07 -1.08 -13.08
CA VAL A 109 0.83 -1.40 -12.40
C VAL A 109 0.32 -2.77 -12.84
N ALA A 110 0.74 -3.26 -14.00
CA ALA A 110 0.33 -4.58 -14.48
C ALA A 110 1.05 -5.68 -13.69
N LYS A 111 2.28 -5.43 -13.22
CA LYS A 111 2.99 -6.39 -12.40
C LYS A 111 2.50 -6.31 -10.96
N ALA A 112 2.01 -5.14 -10.54
CA ALA A 112 1.42 -4.99 -9.22
C ALA A 112 0.03 -5.60 -9.18
N LEU A 113 -0.63 -5.67 -10.34
CA LEU A 113 -1.94 -6.30 -10.46
C LEU A 113 -1.80 -7.81 -10.37
N ALA A 114 -0.68 -8.36 -10.86
CA ALA A 114 -0.41 -9.78 -10.81
C ALA A 114 0.18 -10.20 -9.45
N ALA A 115 0.70 -9.24 -8.68
CA ALA A 115 1.33 -9.54 -7.40
C ALA A 115 0.36 -9.57 -6.23
N LEU A 116 -0.54 -8.57 -6.13
CA LEU A 116 -1.43 -8.46 -4.99
C LEU A 116 -2.83 -9.00 -5.32
N LEU A 117 -3.49 -8.44 -6.34
CA LEU A 117 -4.85 -8.79 -6.73
C LEU A 117 -4.96 -10.23 -7.24
N VAL A 118 -3.85 -10.96 -7.36
CA VAL A 118 -3.84 -12.34 -7.83
C VAL A 118 -2.96 -13.20 -6.94
N MET A 1 -11.49 -20.14 -2.34
CA MET A 1 -10.81 -19.07 -3.09
C MET A 1 -10.72 -17.79 -2.25
N SER A 2 -9.83 -16.87 -2.64
CA SER A 2 -9.65 -15.60 -1.96
C SER A 2 -9.23 -14.53 -2.95
N ALA A 3 -9.54 -13.26 -2.63
CA ALA A 3 -9.21 -12.13 -3.48
C ALA A 3 -9.09 -10.86 -2.63
N LEU A 4 -8.50 -9.81 -3.23
CA LEU A 4 -8.31 -8.54 -2.57
C LEU A 4 -8.53 -7.38 -3.56
N THR A 5 -9.76 -7.28 -4.06
CA THR A 5 -10.14 -6.22 -4.99
C THR A 5 -10.28 -4.88 -4.28
N GLN A 6 -10.08 -4.85 -2.96
CA GLN A 6 -10.28 -3.63 -2.19
C GLN A 6 -9.02 -3.28 -1.41
N ILE A 7 -8.38 -2.18 -1.82
CA ILE A 7 -7.07 -1.79 -1.33
C ILE A 7 -7.13 -0.43 -0.65
N LEU A 8 -6.62 -0.34 0.58
CA LEU A 8 -6.49 0.90 1.31
C LEU A 8 -5.13 1.53 0.98
N ILE A 9 -5.10 2.83 0.71
CA ILE A 9 -3.89 3.55 0.35
C ILE A 9 -3.38 4.34 1.55
N VAL A 10 -2.07 4.27 1.83
CA VAL A 10 -1.48 5.01 2.92
C VAL A 10 -0.21 5.74 2.45
N GLU A 11 -0.30 7.06 2.29
CA GLU A 11 0.79 7.90 1.82
C GLU A 11 0.70 9.30 2.41
N ASP A 12 1.79 10.06 2.34
CA ASP A 12 1.83 11.44 2.83
C ASP A 12 1.99 12.42 1.67
N GLU A 13 2.36 11.92 0.49
CA GLU A 13 2.54 12.76 -0.70
C GLU A 13 1.18 12.96 -1.39
N PRO A 14 0.80 14.21 -1.66
CA PRO A 14 -0.50 14.55 -2.21
C PRO A 14 -0.58 14.30 -3.73
N LEU A 15 0.57 14.11 -4.40
CA LEU A 15 0.59 13.96 -5.84
C LEU A 15 0.55 12.49 -6.25
N ILE A 16 1.24 11.61 -5.52
CA ILE A 16 1.28 10.20 -5.87
C ILE A 16 -0.04 9.53 -5.49
N ALA A 17 -0.70 10.06 -4.45
CA ALA A 17 -1.97 9.53 -4.00
C ALA A 17 -3.07 9.78 -5.02
N MET A 18 -2.91 10.81 -5.86
CA MET A 18 -3.88 11.12 -6.90
C MET A 18 -3.61 10.28 -8.15
N MET A 19 -2.35 9.88 -8.38
CA MET A 19 -2.02 9.02 -9.50
C MET A 19 -2.39 7.58 -9.18
N LEU A 20 -2.37 7.20 -7.90
CA LEU A 20 -2.74 5.85 -7.49
C LEU A 20 -4.26 5.69 -7.47
N GLU A 21 -5.01 6.77 -7.18
CA GLU A 21 -6.45 6.72 -7.27
C GLU A 21 -6.89 6.68 -8.73
N ASP A 22 -6.05 7.23 -9.63
CA ASP A 22 -6.35 7.21 -11.05
C ASP A 22 -6.03 5.84 -11.64
N PHE A 23 -4.99 5.16 -11.15
CA PHE A 23 -4.66 3.84 -11.66
C PHE A 23 -5.65 2.78 -11.18
N LEU A 24 -6.29 2.98 -10.02
CA LEU A 24 -7.28 2.03 -9.54
C LEU A 24 -8.62 2.22 -10.27
N GLU A 25 -8.82 3.37 -10.91
CA GLU A 25 -10.02 3.62 -11.69
C GLU A 25 -9.86 3.08 -13.12
N VAL A 26 -8.63 3.05 -13.63
CA VAL A 26 -8.35 2.57 -14.98
C VAL A 26 -8.18 1.05 -15.01
N LEU A 27 -7.86 0.44 -13.87
CA LEU A 27 -7.65 -1.01 -13.78
C LEU A 27 -8.91 -1.73 -13.30
N ASP A 28 -10.07 -1.07 -13.35
CA ASP A 28 -11.35 -1.64 -12.92
C ASP A 28 -11.26 -2.21 -11.50
N LYS A 29 -10.46 -1.55 -10.64
CA LYS A 29 -10.27 -1.96 -9.27
C LYS A 29 -11.36 -1.35 -8.38
N THR A 30 -11.51 -1.86 -7.15
CA THR A 30 -12.52 -1.38 -6.22
C THR A 30 -11.86 -0.73 -5.01
N PRO A 31 -11.36 0.51 -5.13
CA PRO A 31 -10.68 1.21 -4.05
C PRO A 31 -11.65 1.50 -2.90
N VAL A 32 -11.11 1.76 -1.71
CA VAL A 32 -11.92 1.95 -0.52
C VAL A 32 -11.61 3.26 0.21
N GLY A 33 -10.40 3.80 0.06
CA GLY A 33 -10.06 5.07 0.69
C GLY A 33 -8.56 5.32 0.71
N THR A 34 -8.18 6.49 1.21
CA THR A 34 -6.79 6.90 1.39
C THR A 34 -6.65 7.59 2.75
N VAL A 35 -5.54 7.34 3.44
CA VAL A 35 -5.29 7.96 4.75
C VAL A 35 -3.84 8.42 4.83
N ASP A 36 -3.56 9.36 5.74
CA ASP A 36 -2.24 9.96 5.88
C ASP A 36 -1.44 9.34 7.03
N THR A 37 -2.07 8.45 7.80
CA THR A 37 -1.42 7.80 8.95
C THR A 37 -1.88 6.36 9.06
N VAL A 38 -1.11 5.55 9.79
CA VAL A 38 -1.45 4.15 10.04
C VAL A 38 -2.59 4.05 11.05
N ALA A 39 -2.78 5.07 11.88
CA ALA A 39 -3.88 5.09 12.82
C ALA A 39 -5.21 5.27 12.08
N GLY A 40 -5.18 5.96 10.94
CA GLY A 40 -6.35 6.12 10.09
C GLY A 40 -6.65 4.83 9.35
N ALA A 41 -5.63 4.00 9.09
CA ALA A 41 -5.83 2.73 8.42
C ALA A 41 -6.49 1.73 9.37
N LEU A 42 -6.20 1.84 10.67
CA LEU A 42 -6.82 0.96 11.67
C LEU A 42 -8.25 1.41 11.95
N ALA A 43 -8.57 2.69 11.69
CA ALA A 43 -9.91 3.19 11.89
C ALA A 43 -10.84 2.80 10.75
N ARG A 44 -10.29 2.53 9.55
CA ARG A 44 -11.07 2.05 8.42
C ARG A 44 -11.19 0.54 8.42
N VAL A 45 -10.27 -0.15 9.09
CA VAL A 45 -10.31 -1.61 9.22
C VAL A 45 -11.28 -2.00 10.35
N GLU A 46 -11.52 -1.08 11.29
CA GLU A 46 -12.48 -1.33 12.37
C GLU A 46 -13.91 -1.24 11.83
N ASP A 47 -14.08 -0.66 10.64
CA ASP A 47 -15.37 -0.52 9.99
C ASP A 47 -15.59 -1.63 8.96
N GLY A 48 -14.52 -2.37 8.61
CA GLY A 48 -14.57 -3.43 7.62
C GLY A 48 -14.69 -2.88 6.21
N GLY A 49 -15.00 -3.74 5.24
CA GLY A 49 -15.14 -3.34 3.85
C GLY A 49 -13.79 -3.16 3.15
N ILE A 50 -12.75 -3.84 3.64
CA ILE A 50 -11.41 -3.77 3.06
C ILE A 50 -10.81 -5.18 3.02
N ASP A 51 -9.98 -5.47 2.02
CA ASP A 51 -9.37 -6.78 1.87
C ASP A 51 -7.84 -6.71 2.01
N ALA A 52 -7.23 -5.57 1.69
CA ALA A 52 -5.79 -5.39 1.83
C ALA A 52 -5.45 -3.90 1.85
N ALA A 53 -4.16 -3.58 2.08
CA ALA A 53 -3.70 -2.20 2.10
C ALA A 53 -2.27 -2.09 1.56
N ILE A 54 -1.87 -0.86 1.22
CA ILE A 54 -0.50 -0.56 0.79
C ILE A 54 0.07 0.50 1.72
N LEU A 55 1.28 0.25 2.23
CA LEU A 55 1.92 1.12 3.20
C LEU A 55 3.14 1.78 2.58
N ASP A 56 3.28 3.10 2.78
CA ASP A 56 4.44 3.85 2.35
C ASP A 56 5.31 4.20 3.55
N VAL A 57 6.60 4.43 3.31
CA VAL A 57 7.55 4.72 4.39
C VAL A 57 7.35 6.13 4.96
N ASN A 58 6.56 6.97 4.29
CA ASN A 58 6.25 8.32 4.76
C ASN A 58 4.80 8.40 5.24
N LEU A 59 4.60 9.16 6.32
CA LEU A 59 3.29 9.40 6.92
C LEU A 59 3.23 10.84 7.42
N ARG A 60 2.06 11.28 7.87
CA ARG A 60 1.93 12.60 8.49
C ARG A 60 2.34 12.51 9.95
N GLY A 61 3.15 13.47 10.41
CA GLY A 61 3.58 13.55 11.80
C GLY A 61 4.64 12.52 12.17
N GLY A 62 5.14 11.73 11.22
CA GLY A 62 6.16 10.74 11.50
C GLY A 62 6.61 9.99 10.24
N GLU A 63 7.83 9.43 10.29
CA GLU A 63 8.39 8.68 9.18
C GLU A 63 8.89 7.30 9.63
N LYS A 64 9.14 6.41 8.67
CA LYS A 64 9.69 5.08 8.89
C LYS A 64 8.87 4.25 9.88
N SER A 65 7.56 4.50 9.96
CA SER A 65 6.66 3.74 10.83
C SER A 65 6.20 2.44 10.15
N THR A 66 7.01 1.94 9.21
CA THR A 66 6.70 0.74 8.44
C THR A 66 6.44 -0.51 9.30
N PRO A 67 7.11 -0.69 10.45
CA PRO A 67 6.89 -1.84 11.32
C PRO A 67 5.45 -2.00 11.78
N VAL A 68 4.59 -0.99 11.59
CA VAL A 68 3.18 -1.09 11.97
C VAL A 68 2.44 -2.02 11.01
N ALA A 69 3.06 -2.34 9.86
CA ALA A 69 2.47 -3.27 8.93
C ALA A 69 2.32 -4.65 9.59
N GLU A 70 3.15 -4.93 10.60
CA GLU A 70 3.12 -6.20 11.31
C GLU A 70 1.91 -6.25 12.25
N ALA A 71 1.32 -5.09 12.57
CA ALA A 71 0.09 -5.06 13.34
C ALA A 71 -1.09 -5.35 12.44
N LEU A 72 -0.95 -5.03 11.13
CA LEU A 72 -1.95 -5.38 10.15
C LEU A 72 -1.90 -6.88 9.86
N ALA A 73 -0.72 -7.48 10.02
CA ALA A 73 -0.57 -8.92 9.86
C ALA A 73 -1.14 -9.65 11.07
N ALA A 74 -1.19 -8.98 12.23
CA ALA A 74 -1.84 -9.52 13.42
C ALA A 74 -3.34 -9.35 13.31
N ARG A 75 -3.78 -8.47 12.39
CA ARG A 75 -5.19 -8.28 12.07
C ARG A 75 -5.60 -9.17 10.91
N ASP A 76 -4.69 -10.06 10.48
CA ASP A 76 -4.92 -10.99 9.38
C ASP A 76 -5.23 -10.30 8.04
N ILE A 77 -4.60 -9.15 7.80
CA ILE A 77 -4.74 -8.42 6.54
C ILE A 77 -3.36 -8.28 5.89
N PRO A 78 -3.23 -8.63 4.61
CA PRO A 78 -1.97 -8.55 3.88
C PRO A 78 -1.63 -7.12 3.50
N PHE A 79 -0.35 -6.86 3.27
CA PHE A 79 0.14 -5.53 2.92
C PHE A 79 1.30 -5.59 1.93
N VAL A 80 1.61 -4.44 1.32
CA VAL A 80 2.69 -4.28 0.36
C VAL A 80 3.43 -2.98 0.68
N PHE A 81 4.74 -2.94 0.43
CA PHE A 81 5.56 -1.78 0.72
C PHE A 81 5.65 -0.83 -0.48
N ALA A 82 5.91 0.45 -0.21
CA ALA A 82 6.17 1.45 -1.22
C ALA A 82 7.24 2.41 -0.72
N THR A 83 8.28 2.62 -1.53
CA THR A 83 9.39 3.50 -1.16
C THR A 83 10.25 3.84 -2.38
N GLY A 84 11.00 4.94 -2.29
CA GLY A 84 11.97 5.31 -3.29
C GLY A 84 13.36 4.81 -2.89
N GLY A 85 14.11 4.24 -3.84
CA GLY A 85 15.42 3.68 -3.57
C GLY A 85 15.75 2.54 -4.52
N SER A 86 16.58 1.61 -4.06
CA SER A 86 17.00 0.44 -4.83
C SER A 86 16.57 -0.85 -4.13
N ASP A 87 16.82 -1.99 -4.77
CA ASP A 87 16.48 -3.30 -4.22
C ASP A 87 17.38 -3.66 -3.04
N ASP A 88 18.34 -2.79 -2.71
CA ASP A 88 19.26 -3.00 -1.60
C ASP A 88 19.05 -1.94 -0.51
N SER A 89 18.08 -1.05 -0.71
CA SER A 89 17.77 0.01 0.25
C SER A 89 16.77 -0.46 1.30
N VAL A 90 16.46 -1.76 1.32
CA VAL A 90 15.45 -2.34 2.21
C VAL A 90 15.90 -3.69 2.76
N ASP A 91 15.35 -4.06 3.92
CA ASP A 91 15.65 -5.33 4.58
C ASP A 91 15.15 -6.53 3.77
N SER A 92 15.66 -7.72 4.08
CA SER A 92 15.35 -8.94 3.35
C SER A 92 13.86 -9.27 3.36
N ARG A 93 13.07 -8.71 4.29
CA ARG A 93 11.64 -8.95 4.31
C ARG A 93 10.95 -8.17 3.20
N PHE A 94 11.55 -7.07 2.74
CA PHE A 94 11.06 -6.32 1.60
C PHE A 94 11.50 -7.03 0.32
N ARG A 95 12.53 -7.87 0.42
CA ARG A 95 13.01 -8.66 -0.70
C ARG A 95 12.25 -9.98 -0.80
N ASP A 96 11.46 -10.30 0.22
CA ASP A 96 10.63 -11.50 0.27
C ASP A 96 9.14 -11.18 0.07
N ARG A 97 8.79 -9.88 0.14
CA ARG A 97 7.42 -9.42 -0.09
C ARG A 97 7.38 -8.42 -1.25
N PRO A 98 6.22 -8.19 -1.85
CA PRO A 98 6.06 -7.24 -2.94
C PRO A 98 6.48 -5.82 -2.54
N VAL A 99 6.98 -5.07 -3.52
CA VAL A 99 7.44 -3.70 -3.34
C VAL A 99 7.09 -2.86 -4.56
N LEU A 100 6.96 -1.55 -4.37
CA LEU A 100 6.67 -0.62 -5.45
C LEU A 100 7.51 0.64 -5.30
N GLN A 101 7.92 1.23 -6.42
CA GLN A 101 8.73 2.45 -6.42
C GLN A 101 7.85 3.67 -6.14
N LYS A 102 8.46 4.80 -5.81
CA LYS A 102 7.69 6.00 -5.45
C LYS A 102 7.14 6.73 -6.67
N PRO A 103 7.88 6.85 -7.79
CA PRO A 103 7.35 7.40 -9.02
C PRO A 103 6.19 6.55 -9.54
N PHE A 104 5.18 7.19 -10.14
CA PHE A 104 3.99 6.48 -10.61
C PHE A 104 3.82 6.64 -12.12
N THR A 105 3.55 5.52 -12.79
CA THR A 105 3.31 5.45 -14.22
C THR A 105 2.24 4.40 -14.50
N MET A 106 1.53 4.52 -15.62
CA MET A 106 0.44 3.61 -15.93
C MET A 106 0.95 2.21 -16.25
N ASP A 107 2.18 2.09 -16.76
CA ASP A 107 2.75 0.78 -17.10
C ASP A 107 3.38 0.11 -15.89
N GLY A 108 3.99 0.90 -15.00
CA GLY A 108 4.74 0.37 -13.87
C GLY A 108 3.81 -0.12 -12.76
N VAL A 109 2.72 0.61 -12.48
CA VAL A 109 1.82 0.23 -11.41
C VAL A 109 0.79 -0.79 -11.88
N ALA A 110 0.52 -0.87 -13.18
CA ALA A 110 -0.42 -1.87 -13.69
C ALA A 110 0.20 -3.26 -13.60
N LYS A 111 1.53 -3.37 -13.69
CA LYS A 111 2.21 -4.64 -13.55
C LYS A 111 2.33 -5.01 -12.07
N ALA A 112 2.45 -4.01 -11.19
CA ALA A 112 2.56 -4.24 -9.76
C ALA A 112 1.18 -4.55 -9.15
N LEU A 113 0.10 -4.05 -9.77
CA LEU A 113 -1.25 -4.32 -9.31
C LEU A 113 -1.62 -5.76 -9.65
N ALA A 114 -1.20 -6.24 -10.82
CA ALA A 114 -1.45 -7.61 -11.22
C ALA A 114 -0.59 -8.58 -10.40
N ALA A 115 0.53 -8.09 -9.86
CA ALA A 115 1.38 -8.89 -8.98
C ALA A 115 0.92 -8.81 -7.52
N LEU A 116 0.05 -7.86 -7.21
CA LEU A 116 -0.49 -7.67 -5.87
C LEU A 116 -1.77 -8.49 -5.68
N LEU A 117 -2.52 -8.70 -6.76
CA LEU A 117 -3.81 -9.38 -6.70
C LEU A 117 -3.66 -10.91 -6.71
N VAL A 118 -2.41 -11.40 -6.62
CA VAL A 118 -2.11 -12.82 -6.62
C VAL A 118 -1.10 -13.18 -5.54
N MET A 1 -16.17 -14.62 1.69
CA MET A 1 -16.19 -13.46 2.61
C MET A 1 -15.70 -12.20 1.90
N SER A 2 -14.43 -12.19 1.48
CA SER A 2 -13.83 -11.06 0.79
C SER A 2 -12.79 -11.54 -0.21
N ALA A 3 -12.31 -10.64 -1.07
CA ALA A 3 -11.30 -10.96 -2.07
C ALA A 3 -10.40 -9.75 -2.32
N LEU A 4 -9.43 -9.92 -3.21
CA LEU A 4 -8.47 -8.87 -3.57
C LEU A 4 -9.12 -7.73 -4.34
N THR A 5 -10.43 -7.51 -4.19
CA THR A 5 -11.13 -6.41 -4.83
C THR A 5 -11.16 -5.20 -3.93
N GLN A 6 -10.79 -5.37 -2.66
CA GLN A 6 -10.73 -4.29 -1.70
C GLN A 6 -9.29 -3.97 -1.31
N ILE A 7 -8.76 -2.87 -1.84
CA ILE A 7 -7.39 -2.44 -1.58
C ILE A 7 -7.38 -1.07 -0.91
N LEU A 8 -6.74 -0.97 0.26
CA LEU A 8 -6.62 0.30 0.97
C LEU A 8 -5.38 1.04 0.46
N ILE A 9 -5.43 2.37 0.43
CA ILE A 9 -4.34 3.23 -0.01
C ILE A 9 -3.77 3.99 1.17
N VAL A 10 -2.44 3.91 1.35
CA VAL A 10 -1.74 4.62 2.42
C VAL A 10 -0.53 5.32 1.83
N GLU A 11 -0.44 6.64 1.99
CA GLU A 11 0.59 7.44 1.36
C GLU A 11 1.09 8.56 2.30
N ASP A 12 2.25 9.14 1.99
CA ASP A 12 2.86 10.18 2.81
C ASP A 12 2.49 11.59 2.37
N GLU A 13 1.87 11.72 1.18
CA GLU A 13 1.53 13.02 0.61
C GLU A 13 0.20 12.92 -0.12
N PRO A 14 -0.70 13.91 0.06
CA PRO A 14 -2.04 13.87 -0.51
C PRO A 14 -2.02 14.02 -2.03
N LEU A 15 -0.92 14.49 -2.62
CA LEU A 15 -0.81 14.62 -4.06
C LEU A 15 -0.55 13.26 -4.69
N ILE A 16 0.27 12.43 -4.02
CA ILE A 16 0.54 11.09 -4.51
C ILE A 16 -0.65 10.20 -4.17
N ALA A 17 -1.40 10.53 -3.12
CA ALA A 17 -2.60 9.79 -2.77
C ALA A 17 -3.67 9.97 -3.84
N MET A 18 -3.66 11.11 -4.54
CA MET A 18 -4.59 11.35 -5.64
C MET A 18 -4.15 10.57 -6.89
N MET A 19 -2.84 10.32 -7.03
CA MET A 19 -2.37 9.49 -8.13
C MET A 19 -2.72 8.03 -7.90
N LEU A 20 -2.73 7.59 -6.63
CA LEU A 20 -3.08 6.22 -6.29
C LEU A 20 -4.57 5.97 -6.57
N GLU A 21 -5.41 7.00 -6.41
CA GLU A 21 -6.83 6.88 -6.70
C GLU A 21 -7.08 7.00 -8.20
N ASP A 22 -6.14 7.61 -8.95
CA ASP A 22 -6.28 7.75 -10.39
C ASP A 22 -5.98 6.43 -11.08
N PHE A 23 -4.93 5.72 -10.65
CA PHE A 23 -4.63 4.41 -11.19
C PHE A 23 -5.62 3.37 -10.68
N LEU A 24 -6.31 3.66 -9.57
CA LEU A 24 -7.33 2.75 -9.05
C LEU A 24 -8.54 2.73 -9.98
N GLU A 25 -8.79 3.84 -10.68
CA GLU A 25 -9.91 3.95 -11.60
C GLU A 25 -9.56 3.40 -12.98
N VAL A 26 -8.28 3.47 -13.37
CA VAL A 26 -7.83 2.94 -14.66
C VAL A 26 -7.85 1.41 -14.63
N LEU A 27 -7.75 0.82 -13.45
CA LEU A 27 -7.81 -0.63 -13.26
C LEU A 27 -9.23 -1.09 -12.93
N ASP A 28 -10.21 -0.17 -12.98
CA ASP A 28 -11.60 -0.46 -12.68
C ASP A 28 -11.75 -1.20 -11.34
N LYS A 29 -10.93 -0.81 -10.36
CA LYS A 29 -10.87 -1.45 -9.06
C LYS A 29 -11.93 -0.85 -8.12
N THR A 30 -12.30 -1.58 -7.06
CA THR A 30 -13.30 -1.09 -6.12
C THR A 30 -12.59 -0.37 -4.97
N PRO A 31 -12.96 0.89 -4.70
CA PRO A 31 -12.38 1.67 -3.63
C PRO A 31 -12.94 1.25 -2.27
N VAL A 32 -12.17 1.46 -1.21
CA VAL A 32 -12.59 1.11 0.14
C VAL A 32 -12.14 2.17 1.16
N GLY A 33 -11.11 2.95 0.83
CA GLY A 33 -10.63 4.02 1.68
C GLY A 33 -9.25 4.50 1.26
N THR A 34 -8.88 5.69 1.76
CA THR A 34 -7.57 6.29 1.55
C THR A 34 -7.18 7.03 2.81
N VAL A 35 -5.95 6.86 3.28
CA VAL A 35 -5.49 7.44 4.53
C VAL A 35 -4.07 7.97 4.42
N ASP A 36 -3.69 8.85 5.35
CA ASP A 36 -2.38 9.49 5.36
C ASP A 36 -1.76 9.51 6.76
N THR A 37 -2.43 8.90 7.74
CA THR A 37 -1.97 8.88 9.13
C THR A 37 -2.20 7.50 9.74
N VAL A 38 -1.50 7.22 10.85
CA VAL A 38 -1.61 5.94 11.54
C VAL A 38 -2.97 5.81 12.21
N ALA A 39 -3.53 6.93 12.69
CA ALA A 39 -4.83 6.91 13.35
C ALA A 39 -5.96 6.80 12.32
N GLY A 40 -5.75 7.32 11.11
CA GLY A 40 -6.73 7.23 10.05
C GLY A 40 -6.75 5.82 9.46
N ALA A 41 -5.59 5.15 9.42
CA ALA A 41 -5.49 3.81 8.89
C ALA A 41 -6.20 2.82 9.81
N LEU A 42 -6.18 3.07 11.12
CA LEU A 42 -6.87 2.21 12.06
C LEU A 42 -8.39 2.48 12.00
N ALA A 43 -8.77 3.70 11.65
CA ALA A 43 -10.18 4.08 11.61
C ALA A 43 -10.88 3.50 10.39
N ARG A 44 -10.16 3.26 9.28
CA ARG A 44 -10.77 2.68 8.09
C ARG A 44 -10.75 1.16 8.12
N VAL A 45 -9.80 0.55 8.84
CA VAL A 45 -9.68 -0.89 8.91
C VAL A 45 -10.63 -1.48 9.96
N GLU A 46 -11.07 -0.68 10.95
CA GLU A 46 -11.88 -1.21 12.03
C GLU A 46 -13.36 -1.34 11.65
N ASP A 47 -13.84 -0.58 10.65
CA ASP A 47 -15.23 -0.70 10.19
C ASP A 47 -15.32 -1.06 8.72
N GLY A 48 -14.21 -0.95 7.97
CA GLY A 48 -14.15 -1.31 6.57
C GLY A 48 -13.83 -2.79 6.40
N GLY A 49 -13.45 -3.16 5.18
CA GLY A 49 -13.03 -4.52 4.88
C GLY A 49 -12.05 -4.53 3.70
N ILE A 50 -10.99 -5.32 3.81
CA ILE A 50 -9.95 -5.41 2.80
C ILE A 50 -9.36 -6.82 2.75
N ASP A 51 -8.63 -7.11 1.67
CA ASP A 51 -7.90 -8.35 1.53
C ASP A 51 -6.42 -8.07 1.26
N ALA A 52 -6.10 -6.79 0.98
CA ALA A 52 -4.73 -6.34 0.80
C ALA A 52 -4.70 -4.81 0.87
N ALA A 53 -3.52 -4.21 1.02
CA ALA A 53 -3.41 -2.75 1.00
C ALA A 53 -2.05 -2.30 0.48
N ILE A 54 -1.97 -1.04 0.01
CA ILE A 54 -0.74 -0.43 -0.45
C ILE A 54 -0.19 0.43 0.68
N LEU A 55 1.03 0.14 1.14
CA LEU A 55 1.61 0.80 2.31
C LEU A 55 2.86 1.59 1.96
N ASP A 56 2.86 2.88 2.31
CA ASP A 56 4.06 3.69 2.27
C ASP A 56 4.98 3.18 3.37
N VAL A 57 6.16 2.68 3.02
CA VAL A 57 7.01 2.02 4.00
C VAL A 57 8.10 2.91 4.58
N ASN A 58 8.58 3.89 3.79
CA ASN A 58 9.66 4.75 4.25
C ASN A 58 9.68 6.06 3.46
N LEU A 59 10.23 7.12 4.09
CA LEU A 59 10.34 8.45 3.50
C LEU A 59 11.57 9.13 4.10
N ARG A 60 11.95 10.29 3.55
CA ARG A 60 13.12 11.03 4.02
C ARG A 60 12.95 11.38 5.49
N GLY A 61 14.00 11.19 6.28
CA GLY A 61 14.00 11.48 7.71
C GLY A 61 13.22 10.45 8.52
N GLY A 62 12.61 9.46 7.86
CA GLY A 62 11.84 8.41 8.54
C GLY A 62 12.76 7.34 9.11
N GLU A 63 12.36 6.75 10.24
CA GLU A 63 13.12 5.70 10.90
C GLU A 63 12.24 4.48 11.20
N LYS A 64 12.86 3.30 11.29
CA LYS A 64 12.22 2.04 11.62
C LYS A 64 11.02 1.69 10.72
N SER A 65 10.90 2.34 9.57
CA SER A 65 9.80 2.13 8.63
C SER A 65 8.41 2.36 9.25
N THR A 66 7.36 2.17 8.47
CA THR A 66 6.00 2.38 8.94
C THR A 66 5.58 1.27 9.91
N PRO A 67 4.87 1.62 10.99
CA PRO A 67 4.31 0.67 11.94
C PRO A 67 2.97 0.11 11.44
N VAL A 68 2.41 0.71 10.39
CA VAL A 68 1.07 0.35 9.91
C VAL A 68 1.07 -1.00 9.20
N ALA A 69 2.19 -1.37 8.55
CA ALA A 69 2.26 -2.63 7.84
C ALA A 69 2.24 -3.80 8.82
N GLU A 70 2.88 -3.63 9.97
CA GLU A 70 2.94 -4.70 10.97
C GLU A 70 1.70 -4.71 11.85
N ALA A 71 0.94 -3.61 11.86
CA ALA A 71 -0.36 -3.60 12.51
C ALA A 71 -1.34 -4.41 11.67
N LEU A 72 -1.16 -4.39 10.35
CA LEU A 72 -1.97 -5.20 9.44
C LEU A 72 -1.51 -6.65 9.51
N ALA A 73 -0.24 -6.89 9.85
CA ALA A 73 0.26 -8.24 10.02
C ALA A 73 -0.31 -8.87 11.29
N ALA A 74 -0.70 -8.03 12.26
CA ALA A 74 -1.34 -8.50 13.47
C ALA A 74 -2.84 -8.70 13.25
N ARG A 75 -3.37 -8.12 12.16
CA ARG A 75 -4.77 -8.30 11.76
C ARG A 75 -4.88 -9.30 10.61
N ASP A 76 -3.76 -9.97 10.28
CA ASP A 76 -3.67 -10.97 9.23
C ASP A 76 -4.11 -10.45 7.85
N ILE A 77 -3.78 -9.19 7.55
CA ILE A 77 -4.07 -8.58 6.25
C ILE A 77 -2.76 -8.35 5.48
N PRO A 78 -2.61 -8.94 4.28
CA PRO A 78 -1.47 -8.75 3.40
C PRO A 78 -1.24 -7.28 3.01
N PHE A 79 0.00 -6.95 2.68
CA PHE A 79 0.37 -5.61 2.27
C PHE A 79 1.55 -5.65 1.29
N VAL A 80 1.83 -4.50 0.66
CA VAL A 80 2.98 -4.32 -0.21
C VAL A 80 3.64 -2.99 0.11
N PHE A 81 4.94 -2.87 -0.17
CA PHE A 81 5.70 -1.67 0.15
C PHE A 81 5.82 -0.74 -1.05
N ALA A 82 5.95 0.55 -0.77
CA ALA A 82 6.22 1.55 -1.79
C ALA A 82 7.15 2.62 -1.22
N THR A 83 8.32 2.79 -1.84
CA THR A 83 9.32 3.77 -1.46
C THR A 83 10.44 3.79 -2.50
N GLY A 84 11.27 4.84 -2.48
CA GLY A 84 12.45 4.90 -3.33
C GLY A 84 13.60 4.15 -2.65
N GLY A 85 14.42 3.44 -3.44
CA GLY A 85 15.52 2.67 -2.90
C GLY A 85 16.03 1.62 -3.88
N SER A 86 16.74 0.63 -3.36
CA SER A 86 17.31 -0.45 -4.17
C SER A 86 17.25 -1.78 -3.41
N ASP A 87 17.50 -2.88 -4.11
CA ASP A 87 17.40 -4.23 -3.56
C ASP A 87 18.49 -4.54 -2.53
N ASP A 88 19.43 -3.61 -2.33
CA ASP A 88 20.52 -3.77 -1.38
C ASP A 88 20.42 -2.79 -0.21
N SER A 89 19.29 -2.09 -0.10
CA SER A 89 19.09 -1.06 0.91
C SER A 89 17.93 -1.39 1.85
N VAL A 90 17.40 -2.61 1.76
CA VAL A 90 16.26 -3.06 2.55
C VAL A 90 16.45 -4.50 3.03
N ASP A 91 15.79 -4.83 4.15
CA ASP A 91 15.84 -6.16 4.74
C ASP A 91 15.10 -7.18 3.88
N SER A 92 15.34 -8.47 4.13
CA SER A 92 14.76 -9.55 3.33
C SER A 92 13.22 -9.54 3.38
N ARG A 93 12.60 -8.85 4.35
CA ARG A 93 11.16 -8.76 4.41
C ARG A 93 10.64 -7.86 3.27
N PHE A 94 11.46 -6.92 2.82
CA PHE A 94 11.12 -6.05 1.72
C PHE A 94 11.42 -6.76 0.40
N ARG A 95 12.31 -7.74 0.44
CA ARG A 95 12.70 -8.50 -0.75
C ARG A 95 11.78 -9.69 -0.97
N ASP A 96 10.93 -10.00 0.01
CA ASP A 96 9.95 -11.08 -0.10
C ASP A 96 8.58 -10.53 -0.49
N ARG A 97 8.27 -9.31 -0.03
CA ARG A 97 7.02 -8.64 -0.39
C ARG A 97 7.21 -7.85 -1.68
N PRO A 98 6.15 -7.63 -2.47
CA PRO A 98 6.18 -6.79 -3.64
C PRO A 98 6.60 -5.35 -3.28
N VAL A 99 7.20 -4.65 -4.25
CA VAL A 99 7.68 -3.28 -4.05
C VAL A 99 7.40 -2.43 -5.29
N LEU A 100 7.26 -1.12 -5.08
CA LEU A 100 7.06 -0.16 -6.15
C LEU A 100 7.68 1.18 -5.76
N GLN A 101 8.08 1.98 -6.74
CA GLN A 101 8.67 3.29 -6.51
C GLN A 101 7.60 4.35 -6.33
N LYS A 102 7.97 5.55 -5.84
CA LYS A 102 7.04 6.63 -5.59
C LYS A 102 6.36 7.15 -6.86
N PRO A 103 7.08 7.41 -7.97
CA PRO A 103 6.44 7.79 -9.22
C PRO A 103 5.73 6.58 -9.83
N PHE A 104 4.50 6.79 -10.33
CA PHE A 104 3.69 5.73 -10.90
C PHE A 104 3.57 5.89 -12.41
N THR A 105 3.45 4.76 -13.11
CA THR A 105 3.29 4.73 -14.56
C THR A 105 2.36 3.58 -14.93
N MET A 106 1.79 3.60 -16.13
CA MET A 106 0.85 2.58 -16.57
C MET A 106 1.53 1.21 -16.66
N ASP A 107 2.84 1.19 -16.91
CA ASP A 107 3.58 -0.06 -17.00
C ASP A 107 4.03 -0.56 -15.63
N GLY A 108 4.40 0.37 -14.73
CA GLY A 108 4.93 -0.01 -13.42
C GLY A 108 3.82 -0.39 -12.45
N VAL A 109 2.63 0.20 -12.60
CA VAL A 109 1.51 -0.11 -11.72
C VAL A 109 0.81 -1.38 -12.17
N ALA A 110 0.82 -1.67 -13.48
CA ALA A 110 0.18 -2.88 -13.98
C ALA A 110 1.00 -4.11 -13.59
N LYS A 111 2.31 -3.95 -13.38
CA LYS A 111 3.18 -5.04 -12.97
C LYS A 111 3.12 -5.25 -11.45
N ALA A 112 2.95 -4.17 -10.69
CA ALA A 112 2.86 -4.26 -9.25
C ALA A 112 1.51 -4.82 -8.81
N LEU A 113 0.45 -4.50 -9.55
CA LEU A 113 -0.88 -5.02 -9.25
C LEU A 113 -1.04 -6.43 -9.80
N ALA A 114 -0.23 -6.83 -10.79
CA ALA A 114 -0.24 -8.20 -11.27
C ALA A 114 0.47 -9.13 -10.27
N ALA A 115 1.36 -8.57 -9.45
CA ALA A 115 2.05 -9.30 -8.39
C ALA A 115 1.23 -9.31 -7.10
N LEU A 116 0.30 -8.36 -6.94
CA LEU A 116 -0.55 -8.28 -5.76
C LEU A 116 -1.85 -9.07 -5.97
N LEU A 117 -2.54 -8.79 -7.08
CA LEU A 117 -3.80 -9.43 -7.45
C LEU A 117 -3.58 -10.83 -8.04
N VAL A 118 -2.40 -11.42 -7.83
CA VAL A 118 -2.06 -12.74 -8.35
C VAL A 118 -2.97 -13.82 -7.77
N MET A 1 -14.39 -13.81 -1.78
CA MET A 1 -13.28 -14.61 -1.21
C MET A 1 -12.20 -14.86 -2.26
N SER A 2 -11.03 -15.31 -1.82
CA SER A 2 -9.89 -15.62 -2.69
C SER A 2 -9.51 -14.45 -3.61
N ALA A 3 -9.88 -13.22 -3.24
CA ALA A 3 -9.58 -12.03 -4.01
C ALA A 3 -9.51 -10.81 -3.10
N LEU A 4 -8.96 -9.70 -3.63
CA LEU A 4 -8.81 -8.47 -2.88
C LEU A 4 -9.07 -7.27 -3.80
N THR A 5 -10.34 -7.03 -4.11
CA THR A 5 -10.76 -5.91 -4.94
C THR A 5 -10.76 -4.61 -4.14
N GLN A 6 -10.54 -4.67 -2.82
CA GLN A 6 -10.61 -3.49 -1.98
C GLN A 6 -9.28 -3.19 -1.31
N ILE A 7 -8.66 -2.08 -1.73
CA ILE A 7 -7.33 -1.69 -1.30
C ILE A 7 -7.37 -0.32 -0.61
N LEU A 8 -6.65 -0.20 0.51
CA LEU A 8 -6.49 1.06 1.22
C LEU A 8 -5.17 1.72 0.79
N ILE A 9 -5.20 3.03 0.58
CA ILE A 9 -4.02 3.81 0.18
C ILE A 9 -3.46 4.55 1.38
N VAL A 10 -2.16 4.38 1.65
CA VAL A 10 -1.48 5.05 2.76
C VAL A 10 -0.18 5.66 2.26
N GLU A 11 -0.11 6.99 2.18
CA GLU A 11 1.08 7.67 1.68
C GLU A 11 1.33 8.98 2.44
N ASP A 12 2.56 9.49 2.30
CA ASP A 12 2.99 10.74 2.94
C ASP A 12 2.92 11.92 1.96
N GLU A 13 2.49 11.66 0.71
CA GLU A 13 2.40 12.69 -0.31
C GLU A 13 1.03 12.63 -0.98
N PRO A 14 0.13 13.58 -0.67
CA PRO A 14 -1.22 13.62 -1.22
C PRO A 14 -1.26 13.69 -2.74
N LEU A 15 -0.19 14.14 -3.39
CA LEU A 15 -0.16 14.26 -4.84
C LEU A 15 -0.13 12.87 -5.48
N ILE A 16 0.66 11.95 -4.91
CA ILE A 16 0.78 10.60 -5.45
C ILE A 16 -0.43 9.79 -5.02
N ALA A 17 -1.05 10.16 -3.89
CA ALA A 17 -2.24 9.48 -3.41
C ALA A 17 -3.42 9.74 -4.35
N MET A 18 -3.40 10.88 -5.07
CA MET A 18 -4.40 11.19 -6.07
C MET A 18 -4.09 10.45 -7.37
N MET A 19 -2.81 10.13 -7.61
CA MET A 19 -2.45 9.31 -8.76
C MET A 19 -2.86 7.85 -8.51
N LEU A 20 -2.85 7.42 -7.25
CA LEU A 20 -3.31 6.08 -6.90
C LEU A 20 -4.82 5.97 -7.10
N GLU A 21 -5.56 7.06 -6.89
CA GLU A 21 -6.99 7.08 -7.15
C GLU A 21 -7.25 7.12 -8.65
N ASP A 22 -6.29 7.62 -9.44
CA ASP A 22 -6.46 7.71 -10.87
C ASP A 22 -6.20 6.37 -11.55
N PHE A 23 -5.16 5.64 -11.15
CA PHE A 23 -4.86 4.36 -11.77
C PHE A 23 -5.83 3.28 -11.33
N LEU A 24 -6.42 3.39 -10.13
CA LEU A 24 -7.39 2.41 -9.68
C LEU A 24 -8.75 2.66 -10.32
N GLU A 25 -8.99 3.87 -10.86
CA GLU A 25 -10.23 4.16 -11.56
C GLU A 25 -10.14 3.71 -13.02
N VAL A 26 -8.92 3.67 -13.58
CA VAL A 26 -8.71 3.23 -14.96
C VAL A 26 -8.62 1.71 -15.04
N LEU A 27 -8.33 1.05 -13.92
CA LEU A 27 -8.20 -0.41 -13.86
C LEU A 27 -9.43 -1.06 -13.25
N ASP A 28 -10.54 -0.32 -13.17
CA ASP A 28 -11.83 -0.81 -12.68
C ASP A 28 -11.72 -1.48 -11.30
N LYS A 29 -10.84 -0.94 -10.45
CA LYS A 29 -10.63 -1.44 -9.10
C LYS A 29 -11.65 -0.81 -8.15
N THR A 30 -11.82 -1.38 -6.95
CA THR A 30 -12.78 -0.87 -5.96
C THR A 30 -12.05 -0.40 -4.70
N PRO A 31 -11.34 0.72 -4.75
CA PRO A 31 -10.64 1.26 -3.60
C PRO A 31 -11.63 1.66 -2.52
N VAL A 32 -11.16 1.75 -1.27
CA VAL A 32 -12.05 1.97 -0.13
C VAL A 32 -11.70 3.22 0.67
N GLY A 33 -10.57 3.87 0.39
CA GLY A 33 -10.20 5.08 1.08
C GLY A 33 -8.73 5.45 0.89
N THR A 34 -8.36 6.62 1.40
CA THR A 34 -6.99 7.14 1.36
C THR A 34 -6.71 7.84 2.69
N VAL A 35 -5.52 7.63 3.25
CA VAL A 35 -5.14 8.23 4.53
C VAL A 35 -3.70 8.74 4.48
N ASP A 36 -3.40 9.71 5.36
CA ASP A 36 -2.11 10.37 5.42
C ASP A 36 -1.20 9.77 6.50
N THR A 37 -1.73 8.81 7.27
CA THR A 37 -0.96 8.15 8.32
C THR A 37 -1.47 6.72 8.52
N VAL A 38 -0.63 5.86 9.10
CA VAL A 38 -0.96 4.46 9.31
C VAL A 38 -2.00 4.33 10.44
N ALA A 39 -2.09 5.32 11.32
CA ALA A 39 -3.08 5.30 12.38
C ALA A 39 -4.48 5.49 11.80
N GLY A 40 -4.58 6.15 10.64
CA GLY A 40 -5.85 6.35 9.95
C GLY A 40 -6.25 5.10 9.17
N ALA A 41 -5.27 4.24 8.85
CA ALA A 41 -5.54 3.02 8.12
C ALA A 41 -6.21 1.99 9.05
N LEU A 42 -5.78 1.94 10.31
CA LEU A 42 -6.38 1.05 11.30
C LEU A 42 -7.77 1.58 11.68
N ALA A 43 -7.93 2.91 11.68
CA ALA A 43 -9.21 3.52 11.98
C ALA A 43 -10.23 3.23 10.88
N ARG A 44 -9.77 2.96 9.65
CA ARG A 44 -10.65 2.65 8.54
C ARG A 44 -11.05 1.18 8.55
N VAL A 45 -10.23 0.32 9.14
CA VAL A 45 -10.56 -1.10 9.29
C VAL A 45 -11.65 -1.26 10.34
N GLU A 46 -11.72 -0.32 11.29
CA GLU A 46 -12.79 -0.30 12.30
C GLU A 46 -14.06 0.34 11.73
N ASP A 47 -13.95 1.02 10.59
CA ASP A 47 -15.06 1.73 9.97
C ASP A 47 -15.70 0.92 8.83
N GLY A 48 -15.03 -0.13 8.37
CA GLY A 48 -15.54 -0.99 7.31
C GLY A 48 -14.55 -2.08 6.92
N GLY A 49 -14.99 -3.04 6.11
CA GLY A 49 -14.15 -4.14 5.67
C GLY A 49 -13.18 -3.71 4.59
N ILE A 50 -12.00 -4.34 4.56
CA ILE A 50 -10.95 -4.08 3.59
C ILE A 50 -10.26 -5.41 3.28
N ASP A 51 -9.73 -5.57 2.06
CA ASP A 51 -9.10 -6.83 1.68
C ASP A 51 -7.58 -6.73 1.75
N ALA A 52 -7.02 -5.54 1.49
CA ALA A 52 -5.59 -5.30 1.59
C ALA A 52 -5.30 -3.79 1.65
N ALA A 53 -4.03 -3.43 1.85
CA ALA A 53 -3.62 -2.04 1.86
C ALA A 53 -2.20 -1.88 1.32
N ILE A 54 -1.85 -0.66 0.93
CA ILE A 54 -0.51 -0.34 0.46
C ILE A 54 0.10 0.70 1.39
N LEU A 55 1.33 0.46 1.85
CA LEU A 55 1.99 1.29 2.84
C LEU A 55 3.21 1.96 2.23
N ASP A 56 3.40 3.25 2.52
CA ASP A 56 4.61 3.96 2.12
C ASP A 56 5.70 3.68 3.17
N VAL A 57 6.96 3.59 2.73
CA VAL A 57 8.06 3.24 3.63
C VAL A 57 8.50 4.45 4.45
N ASN A 58 8.04 5.65 4.10
CA ASN A 58 8.39 6.87 4.80
C ASN A 58 7.15 7.60 5.30
N LEU A 59 7.33 8.38 6.37
CA LEU A 59 6.28 9.18 6.98
C LEU A 59 6.94 10.37 7.67
N ARG A 60 6.33 11.56 7.60
CA ARG A 60 6.90 12.75 8.21
C ARG A 60 6.60 12.81 9.70
N GLY A 61 7.63 13.08 10.51
CA GLY A 61 7.52 13.14 11.95
C GLY A 61 7.24 11.76 12.57
N GLY A 62 7.41 11.66 13.89
CA GLY A 62 7.12 10.44 14.63
C GLY A 62 7.96 9.25 14.16
N GLU A 63 7.48 8.04 14.43
CA GLU A 63 8.13 6.81 14.03
C GLU A 63 7.70 6.43 12.60
N LYS A 64 8.47 5.56 11.94
CA LYS A 64 8.18 5.12 10.59
C LYS A 64 6.85 4.38 10.52
N SER A 65 6.39 3.85 11.66
CA SER A 65 5.10 3.17 11.82
C SER A 65 4.83 2.04 10.83
N THR A 66 5.87 1.44 10.24
CA THR A 66 5.72 0.29 9.36
C THR A 66 5.82 -1.06 10.08
N PRO A 67 6.49 -1.19 11.24
CA PRO A 67 6.58 -2.47 11.95
C PRO A 67 5.23 -3.07 12.32
N VAL A 68 4.16 -2.26 12.33
CA VAL A 68 2.83 -2.73 12.70
C VAL A 68 2.12 -3.40 11.54
N ALA A 69 2.68 -3.30 10.32
CA ALA A 69 2.08 -3.94 9.16
C ALA A 69 2.05 -5.46 9.32
N GLU A 70 2.98 -6.01 10.11
CA GLU A 70 3.04 -7.45 10.34
C GLU A 70 1.93 -7.89 11.29
N ALA A 71 1.35 -6.95 12.04
CA ALA A 71 0.20 -7.24 12.88
C ALA A 71 -1.06 -7.25 12.02
N LEU A 72 -1.05 -6.53 10.90
CA LEU A 72 -2.15 -6.57 9.96
C LEU A 72 -2.11 -7.89 9.18
N ALA A 73 -0.90 -8.44 8.99
CA ALA A 73 -0.75 -9.75 8.35
C ALA A 73 -1.20 -10.85 9.31
N ALA A 74 -1.16 -10.58 10.62
CA ALA A 74 -1.69 -11.49 11.61
C ALA A 74 -3.21 -11.30 11.75
N ARG A 75 -3.72 -10.20 11.18
CA ARG A 75 -5.15 -9.91 11.11
C ARG A 75 -5.73 -10.36 9.77
N ASP A 76 -4.96 -11.20 9.04
CA ASP A 76 -5.35 -11.73 7.73
C ASP A 76 -5.55 -10.64 6.67
N ILE A 77 -4.80 -9.54 6.76
CA ILE A 77 -4.83 -8.47 5.77
C ILE A 77 -3.40 -8.27 5.23
N PRO A 78 -3.13 -8.67 3.98
CA PRO A 78 -1.83 -8.53 3.36
C PRO A 78 -1.54 -7.08 2.99
N PHE A 79 -0.27 -6.77 2.74
CA PHE A 79 0.16 -5.43 2.41
C PHE A 79 1.39 -5.45 1.50
N VAL A 80 1.72 -4.29 0.93
CA VAL A 80 2.88 -4.12 0.07
C VAL A 80 3.53 -2.77 0.38
N PHE A 81 4.87 -2.70 0.30
CA PHE A 81 5.60 -1.45 0.53
C PHE A 81 5.68 -0.66 -0.76
N ALA A 82 5.80 0.67 -0.66
CA ALA A 82 5.97 1.54 -1.81
C ALA A 82 6.92 2.68 -1.48
N THR A 83 8.01 2.81 -2.24
CA THR A 83 8.99 3.88 -2.04
C THR A 83 9.94 3.95 -3.24
N GLY A 84 10.63 5.09 -3.40
CA GLY A 84 11.65 5.23 -4.42
C GLY A 84 13.01 4.84 -3.86
N GLY A 85 13.78 4.04 -4.61
CA GLY A 85 15.07 3.58 -4.17
C GLY A 85 15.42 2.22 -4.79
N SER A 86 16.30 1.49 -4.10
CA SER A 86 16.76 0.17 -4.53
C SER A 86 16.70 -0.81 -3.36
N ASP A 87 16.92 -2.10 -3.64
CA ASP A 87 16.80 -3.16 -2.64
C ASP A 87 17.89 -3.07 -1.57
N ASP A 88 18.91 -2.23 -1.78
CA ASP A 88 19.98 -2.03 -0.81
C ASP A 88 19.70 -0.83 0.08
N SER A 89 18.54 -0.18 -0.09
CA SER A 89 18.13 0.97 0.71
C SER A 89 17.10 0.58 1.76
N VAL A 90 16.84 -0.73 1.92
CA VAL A 90 15.87 -1.27 2.86
C VAL A 90 16.39 -2.53 3.55
N ASP A 91 15.85 -2.80 4.73
CA ASP A 91 16.22 -3.96 5.54
C ASP A 91 15.68 -5.25 4.95
N SER A 92 16.13 -6.40 5.48
CA SER A 92 15.77 -7.72 4.95
C SER A 92 14.27 -7.99 5.00
N ARG A 93 13.51 -7.26 5.82
CA ARG A 93 12.07 -7.42 5.89
C ARG A 93 11.40 -6.87 4.63
N PHE A 94 12.07 -5.94 3.94
CA PHE A 94 11.58 -5.41 2.67
C PHE A 94 12.09 -6.26 1.52
N ARG A 95 13.15 -7.04 1.77
CA ARG A 95 13.72 -7.95 0.77
C ARG A 95 13.04 -9.32 0.83
N ASP A 96 12.18 -9.53 1.84
CA ASP A 96 11.41 -10.77 1.98
C ASP A 96 9.93 -10.52 1.71
N ARG A 97 9.49 -9.25 1.77
CA ARG A 97 8.13 -8.85 1.47
C ARG A 97 8.11 -8.12 0.12
N PRO A 98 6.96 -8.06 -0.57
CA PRO A 98 6.83 -7.39 -1.85
C PRO A 98 7.04 -5.88 -1.73
N VAL A 99 7.52 -5.26 -2.82
CA VAL A 99 7.84 -3.84 -2.87
C VAL A 99 7.42 -3.23 -4.20
N LEU A 100 7.15 -1.93 -4.20
CA LEU A 100 6.75 -1.19 -5.39
C LEU A 100 7.46 0.16 -5.43
N GLN A 101 7.60 0.73 -6.64
CA GLN A 101 8.26 2.02 -6.83
C GLN A 101 7.31 3.16 -6.48
N LYS A 102 7.86 4.36 -6.27
CA LYS A 102 7.06 5.53 -5.93
C LYS A 102 6.36 6.15 -7.14
N PRO A 103 7.05 6.38 -8.27
CA PRO A 103 6.40 6.90 -9.47
C PRO A 103 5.59 5.80 -10.15
N PHE A 104 4.45 6.18 -10.73
CA PHE A 104 3.54 5.24 -11.38
C PHE A 104 3.46 5.52 -12.87
N THR A 105 3.26 4.46 -13.67
CA THR A 105 3.11 4.53 -15.12
C THR A 105 2.10 3.47 -15.55
N MET A 106 1.56 3.60 -16.77
CA MET A 106 0.54 2.67 -17.25
C MET A 106 1.10 1.25 -17.37
N ASP A 107 2.40 1.12 -17.69
CA ASP A 107 3.03 -0.18 -17.82
C ASP A 107 3.50 -0.71 -16.47
N GLY A 108 3.93 0.19 -15.57
CA GLY A 108 4.46 -0.20 -14.28
C GLY A 108 3.36 -0.57 -13.29
N VAL A 109 2.17 0.00 -13.46
CA VAL A 109 1.04 -0.28 -12.57
C VAL A 109 0.31 -1.53 -13.03
N ALA A 110 0.39 -1.87 -14.33
CA ALA A 110 -0.23 -3.10 -14.81
C ALA A 110 0.52 -4.31 -14.27
N LYS A 111 1.84 -4.17 -14.06
CA LYS A 111 2.66 -5.22 -13.48
C LYS A 111 2.51 -5.24 -11.97
N ALA A 112 2.24 -4.07 -11.36
CA ALA A 112 2.07 -3.97 -9.93
C ALA A 112 0.72 -4.53 -9.49
N LEU A 113 -0.31 -4.40 -10.34
CA LEU A 113 -1.62 -4.94 -10.03
C LEU A 113 -1.63 -6.45 -10.23
N ALA A 114 -0.81 -6.96 -11.16
CA ALA A 114 -0.72 -8.39 -11.40
C ALA A 114 0.04 -9.07 -10.24
N ALA A 115 0.91 -8.32 -9.56
CA ALA A 115 1.63 -8.83 -8.40
C ALA A 115 0.84 -8.63 -7.10
N LEU A 116 -0.15 -7.73 -7.11
CA LEU A 116 -0.94 -7.42 -5.93
C LEU A 116 -2.19 -8.31 -5.87
N LEU A 117 -2.83 -8.56 -7.01
CA LEU A 117 -4.10 -9.26 -7.07
C LEU A 117 -3.92 -10.78 -7.13
N VAL A 118 -2.74 -11.27 -6.74
CA VAL A 118 -2.42 -12.70 -6.75
C VAL A 118 -1.90 -13.14 -5.39
N MET A 1 -14.19 -14.90 -2.15
CA MET A 1 -12.89 -15.48 -1.81
C MET A 1 -11.93 -15.41 -2.99
N SER A 2 -10.64 -15.69 -2.74
CA SER A 2 -9.60 -15.69 -3.77
C SER A 2 -9.53 -14.39 -4.56
N ALA A 3 -9.97 -13.27 -3.96
CA ALA A 3 -9.95 -11.97 -4.61
C ALA A 3 -9.79 -10.85 -3.59
N LEU A 4 -9.27 -9.71 -4.03
CA LEU A 4 -9.07 -8.53 -3.20
C LEU A 4 -9.25 -7.27 -4.05
N THR A 5 -10.49 -6.99 -4.45
CA THR A 5 -10.79 -5.86 -5.30
C THR A 5 -10.65 -4.53 -4.56
N GLN A 6 -10.44 -4.57 -3.24
CA GLN A 6 -10.48 -3.37 -2.43
C GLN A 6 -9.16 -3.11 -1.73
N ILE A 7 -8.53 -1.99 -2.09
CA ILE A 7 -7.19 -1.67 -1.63
C ILE A 7 -7.16 -0.32 -0.90
N LEU A 8 -6.58 -0.31 0.31
CA LEU A 8 -6.39 0.90 1.09
C LEU A 8 -5.07 1.56 0.67
N ILE A 9 -5.05 2.89 0.61
CA ILE A 9 -3.86 3.64 0.22
C ILE A 9 -3.34 4.42 1.42
N VAL A 10 -2.04 4.31 1.69
CA VAL A 10 -1.38 5.06 2.76
C VAL A 10 -0.23 5.85 2.17
N GLU A 11 -0.22 7.16 2.40
CA GLU A 11 0.77 8.06 1.82
C GLU A 11 1.02 9.28 2.69
N ASP A 12 2.12 9.99 2.41
CA ASP A 12 2.49 11.21 3.12
C ASP A 12 2.56 12.39 2.14
N GLU A 13 2.03 12.20 0.94
CA GLU A 13 2.02 13.21 -0.11
C GLU A 13 0.75 13.04 -0.95
N PRO A 14 -0.10 14.07 -1.04
CA PRO A 14 -1.40 13.97 -1.70
C PRO A 14 -1.26 13.73 -3.21
N LEU A 15 -0.07 13.92 -3.78
CA LEU A 15 0.16 13.61 -5.18
C LEU A 15 0.12 12.10 -5.39
N ILE A 16 0.52 11.34 -4.37
CA ILE A 16 0.53 9.89 -4.44
C ILE A 16 -0.88 9.35 -4.21
N ALA A 17 -1.72 10.09 -3.48
CA ALA A 17 -3.08 9.64 -3.21
C ALA A 17 -3.91 9.65 -4.49
N MET A 18 -3.67 10.63 -5.37
CA MET A 18 -4.41 10.71 -6.63
C MET A 18 -3.76 9.83 -7.70
N MET A 19 -2.48 9.50 -7.53
CA MET A 19 -1.78 8.65 -8.49
C MET A 19 -2.17 7.19 -8.31
N LEU A 20 -2.45 6.78 -7.06
CA LEU A 20 -2.87 5.42 -6.77
C LEU A 20 -4.36 5.24 -7.05
N GLU A 21 -5.15 6.31 -6.94
CA GLU A 21 -6.56 6.26 -7.30
C GLU A 21 -6.72 6.24 -8.82
N ASP A 22 -5.71 6.71 -9.57
CA ASP A 22 -5.77 6.72 -11.02
C ASP A 22 -5.54 5.31 -11.57
N PHE A 23 -4.53 4.59 -11.08
CA PHE A 23 -4.27 3.25 -11.57
C PHE A 23 -5.23 2.24 -10.96
N LEU A 24 -5.93 2.59 -9.89
CA LEU A 24 -6.97 1.72 -9.35
C LEU A 24 -8.16 1.72 -10.30
N GLU A 25 -8.36 2.82 -11.02
CA GLU A 25 -9.43 2.92 -12.02
C GLU A 25 -9.02 2.20 -13.31
N VAL A 26 -7.71 2.06 -13.55
CA VAL A 26 -7.22 1.29 -14.70
C VAL A 26 -7.49 -0.19 -14.48
N LEU A 27 -7.54 -0.63 -13.23
CA LEU A 27 -7.92 -2.00 -12.88
C LEU A 27 -9.43 -2.10 -12.71
N ASP A 28 -10.14 -0.98 -12.85
CA ASP A 28 -11.59 -0.88 -12.78
C ASP A 28 -12.17 -1.58 -11.54
N LYS A 29 -11.44 -1.55 -10.42
CA LYS A 29 -11.88 -2.19 -9.18
C LYS A 29 -12.37 -1.16 -8.16
N THR A 30 -12.54 -1.57 -6.90
CA THR A 30 -13.21 -0.78 -5.89
C THR A 30 -12.22 -0.11 -4.93
N PRO A 31 -12.30 1.22 -4.77
CA PRO A 31 -11.52 1.96 -3.78
C PRO A 31 -12.20 1.86 -2.41
N VAL A 32 -11.48 2.20 -1.33
CA VAL A 32 -12.04 2.15 0.01
C VAL A 32 -11.69 3.38 0.84
N GLY A 33 -10.54 4.01 0.57
CA GLY A 33 -10.16 5.23 1.28
C GLY A 33 -8.69 5.57 1.12
N THR A 34 -8.30 6.69 1.72
CA THR A 34 -6.91 7.16 1.78
C THR A 34 -6.62 7.67 3.19
N VAL A 35 -5.42 7.41 3.71
CA VAL A 35 -5.05 7.86 5.04
C VAL A 35 -3.58 8.30 5.07
N ASP A 36 -3.25 9.18 6.02
CA ASP A 36 -1.93 9.74 6.17
C ASP A 36 -1.39 9.60 7.60
N THR A 37 -2.12 8.86 8.45
CA THR A 37 -1.73 8.63 9.83
C THR A 37 -1.86 7.14 10.16
N VAL A 38 -1.14 6.70 11.19
CA VAL A 38 -1.18 5.30 11.60
C VAL A 38 -2.49 4.98 12.30
N ALA A 39 -3.16 5.99 12.87
CA ALA A 39 -4.43 5.79 13.56
C ALA A 39 -5.58 5.65 12.57
N GLY A 40 -5.44 6.23 11.37
CA GLY A 40 -6.48 6.14 10.36
C GLY A 40 -6.48 4.76 9.71
N ALA A 41 -5.31 4.10 9.64
CA ALA A 41 -5.22 2.78 9.06
C ALA A 41 -5.75 1.73 10.03
N LEU A 42 -5.59 1.97 11.34
CA LEU A 42 -6.10 1.06 12.36
C LEU A 42 -7.60 1.25 12.54
N ALA A 43 -8.13 2.43 12.21
CA ALA A 43 -9.55 2.71 12.33
C ALA A 43 -10.33 2.13 11.15
N ARG A 44 -9.67 1.94 10.00
CA ARG A 44 -10.32 1.37 8.83
C ARG A 44 -10.26 -0.15 8.81
N VAL A 45 -9.27 -0.76 9.46
CA VAL A 45 -9.19 -2.22 9.52
C VAL A 45 -10.08 -2.76 10.65
N GLU A 46 -10.39 -1.93 11.64
CA GLU A 46 -11.28 -2.31 12.73
C GLU A 46 -12.74 -2.21 12.28
N ASP A 47 -12.99 -1.53 11.16
CA ASP A 47 -14.34 -1.36 10.61
C ASP A 47 -14.59 -2.33 9.45
N GLY A 48 -13.52 -2.97 8.95
CA GLY A 48 -13.63 -3.91 7.83
C GLY A 48 -13.93 -3.18 6.52
N GLY A 49 -14.39 -3.94 5.52
CA GLY A 49 -14.72 -3.40 4.22
C GLY A 49 -13.48 -3.17 3.36
N ILE A 50 -12.39 -3.89 3.64
CA ILE A 50 -11.12 -3.78 2.92
C ILE A 50 -10.52 -5.18 2.74
N ASP A 51 -9.87 -5.43 1.60
CA ASP A 51 -9.28 -6.74 1.32
C ASP A 51 -7.75 -6.70 1.34
N ALA A 52 -7.15 -5.54 1.09
CA ALA A 52 -5.70 -5.37 1.16
C ALA A 52 -5.33 -3.90 1.27
N ALA A 53 -4.04 -3.59 1.40
CA ALA A 53 -3.58 -2.21 1.51
C ALA A 53 -2.18 -2.02 0.90
N ILE A 54 -1.80 -0.75 0.71
CA ILE A 54 -0.48 -0.35 0.23
C ILE A 54 0.12 0.61 1.25
N LEU A 55 1.42 0.48 1.53
CA LEU A 55 2.06 1.25 2.58
C LEU A 55 3.25 2.02 2.04
N ASP A 56 3.21 3.35 2.14
CA ASP A 56 4.32 4.22 1.74
C ASP A 56 5.39 4.24 2.84
N VAL A 57 6.64 3.97 2.46
CA VAL A 57 7.76 3.89 3.39
C VAL A 57 8.53 5.21 3.41
N ASN A 58 8.24 6.11 2.46
CA ASN A 58 8.90 7.41 2.38
C ASN A 58 8.45 8.35 3.51
N LEU A 59 7.71 7.83 4.49
CA LEU A 59 7.27 8.58 5.66
C LEU A 59 8.49 9.01 6.48
N ARG A 60 8.33 10.05 7.31
CA ARG A 60 9.40 10.58 8.14
C ARG A 60 9.90 9.53 9.13
N GLY A 61 11.21 9.58 9.43
CA GLY A 61 11.87 8.66 10.35
C GLY A 61 12.22 7.33 9.67
N GLY A 62 13.36 6.74 10.06
CA GLY A 62 13.82 5.48 9.53
C GLY A 62 13.41 4.29 10.40
N GLU A 63 12.88 4.56 11.60
CA GLU A 63 12.46 3.53 12.53
C GLU A 63 11.01 3.76 12.96
N LYS A 64 10.29 2.68 13.26
CA LYS A 64 8.89 2.71 13.68
C LYS A 64 8.02 3.55 12.72
N SER A 65 8.42 3.60 11.46
CA SER A 65 7.71 4.36 10.43
C SER A 65 6.85 3.47 9.54
N THR A 66 6.90 2.15 9.75
CA THR A 66 6.11 1.20 8.97
C THR A 66 5.48 0.10 9.84
N PRO A 67 5.07 0.38 11.09
CA PRO A 67 4.52 -0.64 11.97
C PRO A 67 3.08 -1.01 11.57
N VAL A 68 2.46 -0.20 10.71
CA VAL A 68 1.08 -0.42 10.29
C VAL A 68 0.98 -1.64 9.38
N ALA A 69 2.06 -1.95 8.64
CA ALA A 69 2.04 -3.09 7.75
C ALA A 69 1.98 -4.40 8.54
N GLU A 70 2.64 -4.44 9.70
CA GLU A 70 2.67 -5.64 10.52
C GLU A 70 1.41 -5.74 11.38
N ALA A 71 0.68 -4.63 11.54
CA ALA A 71 -0.61 -4.68 12.21
C ALA A 71 -1.64 -5.31 11.27
N LEU A 72 -1.48 -5.10 9.96
CA LEU A 72 -2.34 -5.74 8.98
C LEU A 72 -1.99 -7.22 8.88
N ALA A 73 -0.73 -7.58 9.18
CA ALA A 73 -0.31 -8.97 9.20
C ALA A 73 -0.93 -9.71 10.40
N ALA A 74 -1.26 -8.97 11.46
CA ALA A 74 -1.95 -9.52 12.61
C ALA A 74 -3.45 -9.66 12.33
N ARG A 75 -3.94 -8.95 11.31
CA ARG A 75 -5.33 -9.06 10.84
C ARG A 75 -5.43 -9.96 9.61
N ASP A 76 -4.34 -10.64 9.25
CA ASP A 76 -4.26 -11.54 8.11
C ASP A 76 -4.61 -10.86 6.79
N ILE A 77 -4.22 -9.58 6.64
CA ILE A 77 -4.42 -8.81 5.43
C ILE A 77 -3.08 -8.57 4.76
N PRO A 78 -2.96 -8.82 3.44
CA PRO A 78 -1.73 -8.66 2.69
C PRO A 78 -1.44 -7.19 2.39
N PHE A 79 -0.16 -6.89 2.15
CA PHE A 79 0.29 -5.52 1.88
C PHE A 79 1.57 -5.52 1.05
N VAL A 80 1.92 -4.35 0.52
CA VAL A 80 3.17 -4.13 -0.22
C VAL A 80 3.77 -2.78 0.19
N PHE A 81 5.05 -2.57 -0.16
CA PHE A 81 5.76 -1.35 0.21
C PHE A 81 5.98 -0.45 -1.00
N ALA A 82 6.28 0.83 -0.71
CA ALA A 82 6.72 1.78 -1.71
C ALA A 82 7.89 2.58 -1.11
N THR A 83 9.05 2.51 -1.75
CA THR A 83 10.29 3.05 -1.20
C THR A 83 11.21 3.55 -2.31
N GLY A 84 12.03 4.56 -2.01
CA GLY A 84 13.06 5.03 -2.91
C GLY A 84 14.44 4.74 -2.31
N GLY A 85 15.33 4.12 -3.10
CA GLY A 85 16.67 3.78 -2.64
C GLY A 85 17.20 2.54 -3.38
N SER A 86 18.34 2.03 -2.93
CA SER A 86 18.94 0.83 -3.50
C SER A 86 18.32 -0.42 -2.90
N ASP A 87 18.49 -1.55 -3.59
CA ASP A 87 17.91 -2.83 -3.18
C ASP A 87 18.68 -3.46 -2.01
N ASP A 88 19.70 -2.77 -1.49
CA ASP A 88 20.51 -3.26 -0.38
C ASP A 88 20.50 -2.27 0.78
N SER A 89 19.60 -1.29 0.74
CA SER A 89 19.49 -0.26 1.77
C SER A 89 18.21 -0.41 2.58
N VAL A 90 17.52 -1.54 2.46
CA VAL A 90 16.26 -1.80 3.14
C VAL A 90 16.28 -3.20 3.75
N ASP A 91 15.49 -3.43 4.80
CA ASP A 91 15.43 -4.71 5.49
C ASP A 91 14.98 -5.84 4.57
N SER A 92 15.39 -7.08 4.89
CA SER A 92 15.18 -8.23 4.03
C SER A 92 13.70 -8.56 3.82
N ARG A 93 12.80 -8.07 4.68
CA ARG A 93 11.38 -8.33 4.52
C ARG A 93 10.81 -7.46 3.40
N PHE A 94 11.49 -6.36 3.07
CA PHE A 94 11.11 -5.50 1.96
C PHE A 94 11.70 -6.05 0.67
N ARG A 95 12.73 -6.90 0.79
CA ARG A 95 13.33 -7.56 -0.35
C ARG A 95 12.54 -8.82 -0.73
N ASP A 96 11.73 -9.33 0.21
CA ASP A 96 10.92 -10.52 0.00
C ASP A 96 9.49 -10.16 -0.42
N ARG A 97 9.05 -8.93 -0.12
CA ARG A 97 7.74 -8.44 -0.53
C ARG A 97 7.88 -7.51 -1.74
N PRO A 98 6.80 -7.33 -2.52
CA PRO A 98 6.78 -6.42 -3.66
C PRO A 98 7.09 -4.99 -3.24
N VAL A 99 7.69 -4.22 -4.15
CA VAL A 99 8.07 -2.83 -3.90
C VAL A 99 7.79 -1.97 -5.14
N LEU A 100 7.54 -0.68 -4.91
CA LEU A 100 7.31 0.31 -5.95
C LEU A 100 8.04 1.60 -5.59
N GLN A 101 8.33 2.43 -6.60
CA GLN A 101 8.97 3.72 -6.38
C GLN A 101 7.91 4.82 -6.32
N LYS A 102 8.28 6.03 -5.90
CA LYS A 102 7.34 7.13 -5.82
C LYS A 102 6.72 7.48 -7.19
N PRO A 103 7.50 7.59 -8.27
CA PRO A 103 6.95 7.77 -9.60
C PRO A 103 6.31 6.45 -10.07
N PHE A 104 5.13 6.56 -10.69
CA PHE A 104 4.37 5.40 -11.15
C PHE A 104 4.33 5.37 -12.68
N THR A 105 4.16 4.17 -13.25
CA THR A 105 4.14 3.96 -14.69
C THR A 105 3.03 2.98 -15.08
N MET A 106 2.64 3.00 -16.36
CA MET A 106 1.54 2.16 -16.82
C MET A 106 1.91 0.68 -16.86
N ASP A 107 3.19 0.36 -17.07
CA ASP A 107 3.61 -1.02 -17.17
C ASP A 107 3.86 -1.65 -15.81
N GLY A 108 4.52 -0.93 -14.91
CA GLY A 108 4.92 -1.48 -13.61
C GLY A 108 3.77 -1.52 -12.62
N VAL A 109 2.83 -0.58 -12.72
CA VAL A 109 1.71 -0.50 -11.78
C VAL A 109 0.57 -1.40 -12.20
N ALA A 110 0.37 -1.61 -13.51
CA ALA A 110 -0.69 -2.47 -13.97
C ALA A 110 -0.39 -3.93 -13.60
N LYS A 111 0.90 -4.28 -13.51
CA LYS A 111 1.31 -5.61 -13.10
C LYS A 111 1.26 -5.74 -11.58
N ALA A 112 1.48 -4.65 -10.84
CA ALA A 112 1.49 -4.68 -9.40
C ALA A 112 0.07 -4.67 -8.82
N LEU A 113 -0.86 -3.97 -9.48
CA LEU A 113 -2.24 -3.92 -9.02
C LEU A 113 -3.02 -5.13 -9.52
N ALA A 114 -2.55 -5.80 -10.57
CA ALA A 114 -3.14 -7.04 -11.04
C ALA A 114 -2.70 -8.21 -10.14
N ALA A 115 -1.53 -8.09 -9.51
CA ALA A 115 -1.08 -9.08 -8.55
C ALA A 115 -1.77 -8.87 -7.20
N LEU A 116 -2.20 -7.63 -6.94
CA LEU A 116 -2.99 -7.27 -5.77
C LEU A 116 -4.49 -7.35 -6.08
N LEU A 117 -4.88 -8.24 -7.00
CA LEU A 117 -6.28 -8.46 -7.33
C LEU A 117 -6.69 -9.92 -7.13
N VAL A 118 -5.71 -10.84 -7.02
CA VAL A 118 -5.95 -12.26 -6.89
C VAL A 118 -5.03 -12.88 -5.84
#